data_6XUN
#
_entry.id   6XUN
#
_cell.length_a   152.540
_cell.length_b   152.540
_cell.length_c   60.887
_cell.angle_alpha   90.000
_cell.angle_beta   90.000
_cell.angle_gamma   120.000
#
_symmetry.space_group_name_H-M   'P 31'
#
loop_
_entity.id
_entity.type
_entity.pdbx_description
1 polymer 'Heavy chain'
2 polymer 'Light chain'
3 branched 'N-acetyl-alpha-neuraminic acid-(2-3)-beta-D-galactopyranose-(1-3)-[alpha-L-fucopyranose-(1-4)]2-acetamido-2-deoxy-beta-D-glucopyranose'
4 non-polymer GLYCEROL
5 water water
#
loop_
_entity_poly.entity_id
_entity_poly.type
_entity_poly.pdbx_seq_one_letter_code
_entity_poly.pdbx_strand_id
1 'polypeptide(L)'
;QVQLVESGGGSVQPGRSLRLSCEASGFTFEAYAMHWVRQPPGKGLEWVSSINWNSGRIAYADSVKGRFTISRDNARNSLY
LQMNSLRLEDTAFYYCAKDIRRFSTGGAEFEYWGQGTLVTVSSASTKGPSVFPLAPSSKSTSGGTAALGCLVKDYFPEPV
TVSWNSGALTSGVHTFPAVLQSSGLYSLSSVVTVPSSSLGTQTYICNVNHKPSNTKVDKRVEPKSCDKTH
;
H,A,C
2 'polypeptide(L)'
;QSVLTQPPSASGTPGQRVTISCSGSSSNIGSNFVYWYQQLPGTAPKLLIYRNNQRPSGVPDRFSGSRSGTSASLAISGLR
SEDEADYYCAAWDDSLGGHYVFGTGTKVTVLRTVAAPSVFIFPPSDEQLKSGTASVVCLLNNFYPREAKVQWKVDNALQS
GNSQESVTEQDSKDSTYSLSSTLTLSKADYEKHKVYACEVTHQGLSSPVTKSFNRGEC
;
B,D,L
#
# COMPACT_ATOMS: atom_id res chain seq x y z
N GLN A 1 -3.42 10.94 -29.16
CA GLN A 1 -2.47 10.05 -28.48
C GLN A 1 -1.05 10.28 -29.01
N VAL A 2 -0.12 10.57 -28.10
CA VAL A 2 1.28 10.73 -28.48
C VAL A 2 1.78 9.44 -29.12
N GLN A 3 2.54 9.57 -30.20
CA GLN A 3 3.10 8.39 -30.85
C GLN A 3 4.50 8.70 -31.36
N LEU A 4 5.44 7.79 -31.11
CA LEU A 4 6.82 7.91 -31.57
C LEU A 4 7.22 6.59 -32.21
N VAL A 5 7.66 6.63 -33.45
CA VAL A 5 8.06 5.42 -34.18
C VAL A 5 9.50 5.59 -34.65
N GLU A 6 10.38 4.75 -34.11
CA GLU A 6 11.78 4.73 -34.54
C GLU A 6 11.96 3.81 -35.74
N SER A 7 12.96 4.13 -36.57
CA SER A 7 13.33 3.26 -37.68
C SER A 7 14.80 3.50 -38.00
N GLY A 8 15.33 2.66 -38.86
CA GLY A 8 16.73 2.74 -39.22
C GLY A 8 17.62 1.70 -38.56
N GLY A 9 17.06 0.86 -37.70
CA GLY A 9 17.81 -0.21 -37.07
C GLY A 9 18.08 -1.36 -38.03
N GLY A 10 18.66 -2.40 -37.46
CA GLY A 10 19.17 -3.54 -38.20
C GLY A 10 20.66 -3.71 -37.93
N SER A 11 21.28 -4.52 -38.78
CA SER A 11 22.69 -4.83 -38.63
C SER A 11 23.56 -3.74 -39.28
N VAL A 12 24.74 -3.53 -38.71
CA VAL A 12 25.73 -2.59 -39.24
C VAL A 12 27.12 -3.05 -38.77
N GLN A 13 28.10 -2.91 -39.63
CA GLN A 13 29.44 -3.37 -39.34
C GLN A 13 30.19 -2.39 -38.43
N PRO A 14 31.15 -2.89 -37.64
CA PRO A 14 31.92 -2.01 -36.76
C PRO A 14 32.75 -1.03 -37.58
N GLY A 15 32.82 0.21 -37.09
CA GLY A 15 33.43 1.30 -37.79
C GLY A 15 32.53 2.02 -38.77
N ARG A 16 31.42 1.41 -39.19
CA ARG A 16 30.52 2.00 -40.17
C ARG A 16 29.60 3.02 -39.51
N SER A 17 28.71 3.59 -40.32
CA SER A 17 27.77 4.63 -39.90
C SER A 17 26.33 4.13 -39.98
N LEU A 18 25.44 4.77 -39.21
CA LEU A 18 24.02 4.46 -39.23
C LEU A 18 23.24 5.67 -38.74
N ARG A 19 22.17 6.01 -39.45
CA ARG A 19 21.33 7.14 -39.11
C ARG A 19 19.98 6.63 -38.67
N LEU A 20 19.57 6.99 -37.45
CA LEU A 20 18.25 6.62 -36.94
C LEU A 20 17.30 7.78 -37.06
N SER A 21 16.02 7.46 -37.18
CA SER A 21 14.98 8.46 -37.32
C SER A 21 13.82 8.11 -36.38
N CYS A 22 13.03 9.12 -36.07
CA CYS A 22 11.88 8.95 -35.19
C CYS A 22 10.78 9.86 -35.68
N GLU A 23 9.61 9.30 -35.95
CA GLU A 23 8.46 10.06 -36.41
C GLU A 23 7.50 10.32 -35.25
N ALA A 24 7.16 11.58 -35.05
CA ALA A 24 6.37 12.03 -33.92
C ALA A 24 5.02 12.55 -34.41
N SER A 25 3.95 12.11 -33.76
CA SER A 25 2.60 12.58 -34.01
C SER A 25 1.85 12.67 -32.69
N GLY A 26 0.71 13.37 -32.72
CA GLY A 26 -0.15 13.44 -31.55
C GLY A 26 0.19 14.53 -30.56
N PHE A 27 1.08 15.46 -30.92
CA PHE A 27 1.45 16.56 -30.04
C PHE A 27 2.20 17.59 -30.88
N THR A 28 2.35 18.79 -30.32
CA THR A 28 3.00 19.88 -31.04
C THR A 28 4.50 19.66 -30.91
N PHE A 29 5.05 18.93 -31.89
CA PHE A 29 6.44 18.50 -31.83
C PHE A 29 7.39 19.66 -31.59
N GLU A 30 7.15 20.80 -32.26
CA GLU A 30 8.10 21.90 -32.23
C GLU A 30 8.11 22.67 -30.91
N ALA A 31 7.39 22.21 -29.90
CA ALA A 31 7.42 22.85 -28.60
C ALA A 31 8.17 22.06 -27.53
N TYR A 32 8.60 20.84 -27.83
CA TYR A 32 9.14 19.93 -26.82
C TYR A 32 10.57 19.50 -27.18
N ALA A 33 11.45 19.58 -26.19
CA ALA A 33 12.75 18.92 -26.29
C ALA A 33 12.58 17.42 -26.51
N MET A 34 13.42 16.86 -27.38
CA MET A 34 13.41 15.45 -27.71
C MET A 34 14.75 14.84 -27.32
N HIS A 35 14.75 13.52 -27.09
CA HIS A 35 15.96 12.84 -26.61
C HIS A 35 16.05 11.44 -27.20
N TRP A 36 17.27 10.91 -27.16
CA TRP A 36 17.55 9.51 -27.47
C TRP A 36 18.11 8.83 -26.23
N VAL A 37 17.52 7.69 -25.89
CA VAL A 37 17.98 6.82 -24.82
C VAL A 37 18.25 5.46 -25.43
N ARG A 38 19.28 4.75 -24.97
CA ARG A 38 19.58 3.45 -25.54
C ARG A 38 19.70 2.40 -24.46
N GLN A 39 19.41 1.16 -24.84
CA GLN A 39 19.43 0.05 -23.92
C GLN A 39 20.06 -1.17 -24.58
N PRO A 40 21.27 -1.57 -24.19
CA PRO A 40 21.83 -2.82 -24.70
C PRO A 40 20.96 -3.98 -24.27
N PRO A 41 20.76 -4.96 -25.14
CA PRO A 41 19.81 -6.03 -24.82
C PRO A 41 20.18 -6.72 -23.52
N GLY A 42 19.21 -6.82 -22.62
CA GLY A 42 19.39 -7.39 -21.32
C GLY A 42 19.92 -6.45 -20.26
N LYS A 43 20.46 -5.28 -20.65
CA LYS A 43 21.13 -4.40 -19.71
C LYS A 43 20.26 -3.19 -19.39
N GLY A 44 20.88 -2.16 -18.82
CA GLY A 44 20.17 -1.01 -18.30
C GLY A 44 20.11 0.14 -19.28
N LEU A 45 19.58 1.26 -18.79
CA LEU A 45 19.30 2.41 -19.63
C LEU A 45 20.45 3.38 -19.60
N GLU A 46 20.72 4.01 -20.75
CA GLU A 46 21.78 5.00 -20.86
C GLU A 46 21.27 6.16 -21.71
N TRP A 47 21.35 7.37 -21.17
CA TRP A 47 20.95 8.55 -21.91
C TRP A 47 22.00 8.85 -22.98
N VAL A 48 21.54 9.16 -24.20
CA VAL A 48 22.45 9.34 -25.32
C VAL A 48 22.60 10.81 -25.67
N SER A 49 21.48 11.50 -25.90
CA SER A 49 21.57 12.84 -26.46
C SER A 49 20.25 13.58 -26.26
N SER A 50 20.33 14.91 -26.33
CA SER A 50 19.20 15.80 -26.13
C SER A 50 19.31 16.98 -27.08
N ILE A 51 18.15 17.49 -27.51
CA ILE A 51 18.04 18.66 -28.37
C ILE A 51 16.73 19.37 -28.02
N ASN A 52 16.80 20.68 -27.75
CA ASN A 52 15.60 21.41 -27.33
C ASN A 52 14.76 21.78 -28.55
N TRP A 53 13.72 22.58 -28.34
CA TRP A 53 12.67 22.75 -29.37
C TRP A 53 13.21 23.40 -30.64
N ASN A 54 14.13 24.36 -30.50
CA ASN A 54 14.70 25.05 -31.66
C ASN A 54 16.13 24.64 -31.98
N SER A 55 16.63 23.55 -31.38
CA SER A 55 17.99 23.04 -31.61
C SER A 55 19.06 24.01 -31.14
N GLY A 56 18.71 24.96 -30.27
CA GLY A 56 19.71 25.88 -29.74
C GLY A 56 20.62 25.25 -28.71
N ARG A 57 20.13 24.27 -27.94
CA ARG A 57 20.90 23.63 -26.90
C ARG A 57 20.91 22.13 -27.13
N ILE A 58 22.11 21.57 -27.27
CA ILE A 58 22.30 20.17 -27.61
C ILE A 58 23.24 19.57 -26.57
N ALA A 59 22.99 18.32 -26.21
CA ALA A 59 23.79 17.61 -25.23
C ALA A 59 24.05 16.19 -25.69
N TYR A 60 25.21 15.66 -25.33
CA TYR A 60 25.62 14.29 -25.64
C TYR A 60 26.26 13.66 -24.42
N ALA A 61 26.01 12.36 -24.22
CA ALA A 61 26.78 11.61 -23.25
C ALA A 61 28.22 11.46 -23.73
N ASP A 62 29.17 11.45 -22.77
CA ASP A 62 30.58 11.38 -23.13
C ASP A 62 30.90 10.15 -23.97
N SER A 63 30.15 9.05 -23.79
CA SER A 63 30.44 7.82 -24.53
C SER A 63 30.12 7.94 -26.02
N VAL A 64 29.38 8.97 -26.43
CA VAL A 64 29.10 9.18 -27.85
C VAL A 64 29.58 10.54 -28.34
N LYS A 65 29.99 11.43 -27.45
CA LYS A 65 30.46 12.76 -27.82
C LYS A 65 31.54 12.64 -28.88
N GLY A 66 31.36 13.36 -29.99
CA GLY A 66 32.28 13.32 -31.09
C GLY A 66 31.94 12.32 -32.18
N ARG A 67 31.13 11.31 -31.89
CA ARG A 67 30.74 10.34 -32.91
C ARG A 67 29.30 10.47 -33.37
N PHE A 68 28.38 10.85 -32.49
CA PHE A 68 26.96 10.92 -32.81
C PHE A 68 26.54 12.38 -32.99
N THR A 69 25.55 12.61 -33.85
CA THR A 69 24.97 13.93 -34.04
C THR A 69 23.46 13.82 -33.98
N ILE A 70 22.86 14.62 -33.12
CA ILE A 70 21.41 14.70 -33.00
C ILE A 70 20.94 15.91 -33.79
N SER A 71 19.76 15.80 -34.39
CA SER A 71 19.16 16.91 -35.14
C SER A 71 17.66 16.66 -35.19
N ARG A 72 16.94 17.64 -35.73
CA ARG A 72 15.49 17.52 -35.78
C ARG A 72 14.94 18.43 -36.88
N ASP A 73 13.80 18.04 -37.43
CA ASP A 73 13.12 18.81 -38.46
C ASP A 73 11.68 19.04 -37.99
N ASN A 74 11.44 20.24 -37.45
CA ASN A 74 10.13 20.53 -36.87
C ASN A 74 9.02 20.52 -37.91
N ALA A 75 9.33 20.88 -39.15
CA ALA A 75 8.33 20.84 -40.21
C ALA A 75 7.96 19.41 -40.57
N ARG A 76 8.85 18.46 -40.32
CA ARG A 76 8.58 17.05 -40.62
C ARG A 76 8.28 16.22 -39.38
N ASN A 77 8.20 16.84 -38.21
CA ASN A 77 7.92 16.17 -36.93
C ASN A 77 8.84 14.95 -36.74
N SER A 78 10.13 15.15 -36.97
CA SER A 78 11.07 14.06 -36.98
C SER A 78 12.30 14.40 -36.16
N LEU A 79 12.89 13.37 -35.55
CA LEU A 79 14.12 13.47 -34.79
C LEU A 79 15.13 12.51 -35.40
N TYR A 80 16.41 12.91 -35.45
CA TYR A 80 17.42 12.12 -36.12
C TYR A 80 18.62 11.92 -35.22
N LEU A 81 19.28 10.77 -35.39
CA LEU A 81 20.54 10.48 -34.72
C LEU A 81 21.50 9.89 -35.76
N GLN A 82 22.54 10.65 -36.08
CA GLN A 82 23.59 10.18 -36.98
C GLN A 82 24.68 9.53 -36.15
N MET A 83 24.91 8.23 -36.37
CA MET A 83 25.88 7.48 -35.59
C MET A 83 27.05 7.09 -36.48
N ASN A 84 28.24 7.59 -36.16
CA ASN A 84 29.46 7.24 -36.87
C ASN A 84 30.37 6.41 -35.98
N SER A 85 31.32 5.72 -36.61
CA SER A 85 32.36 4.97 -35.90
C SER A 85 31.74 4.03 -34.86
N LEU A 86 30.79 3.24 -35.31
CA LEU A 86 30.04 2.39 -34.42
C LEU A 86 30.89 1.25 -33.90
N ARG A 87 30.60 0.82 -32.67
CA ARG A 87 31.32 -0.22 -31.97
C ARG A 87 30.33 -1.24 -31.48
N LEU A 88 30.84 -2.43 -31.15
CA LEU A 88 29.99 -3.49 -30.63
C LEU A 88 29.21 -3.03 -29.41
N GLU A 89 29.84 -2.24 -28.53
CA GLU A 89 29.15 -1.81 -27.33
C GLU A 89 28.10 -0.75 -27.60
N ASP A 90 27.98 -0.27 -28.86
CA ASP A 90 26.85 0.55 -29.27
C ASP A 90 25.63 -0.29 -29.66
N THR A 91 25.75 -1.60 -29.65
CA THR A 91 24.59 -2.45 -29.88
C THR A 91 23.54 -2.20 -28.80
N ALA A 92 22.33 -1.82 -29.20
CA ALA A 92 21.31 -1.45 -28.24
C ALA A 92 19.99 -1.17 -28.95
N PHE A 93 18.91 -1.28 -28.19
CA PHE A 93 17.66 -0.60 -28.54
C PHE A 93 17.85 0.89 -28.37
N TYR A 94 17.48 1.66 -29.38
CA TYR A 94 17.55 3.10 -29.33
C TYR A 94 16.14 3.64 -29.21
N TYR A 95 15.89 4.39 -28.14
CA TYR A 95 14.58 4.91 -27.81
C TYR A 95 14.53 6.40 -28.10
N CYS A 96 13.45 6.79 -28.75
CA CYS A 96 13.12 8.19 -28.98
C CYS A 96 12.17 8.61 -27.87
N ALA A 97 12.47 9.72 -27.19
CA ALA A 97 11.65 10.13 -26.06
C ALA A 97 11.32 11.62 -26.11
N LYS A 98 10.10 11.96 -25.70
CA LYS A 98 9.59 13.33 -25.68
C LYS A 98 9.64 13.86 -24.25
N ASP A 99 9.98 15.14 -24.11
CA ASP A 99 10.08 15.72 -22.78
C ASP A 99 8.68 16.02 -22.22
N ILE A 100 8.62 16.07 -20.88
CA ILE A 100 7.41 16.55 -20.21
C ILE A 100 7.20 18.03 -20.52
N ARG A 101 8.25 18.82 -20.31
CA ARG A 101 8.15 20.27 -20.35
C ARG A 101 8.11 20.78 -21.79
N ARG A 102 7.40 21.89 -21.98
CA ARG A 102 7.49 22.68 -23.20
C ARG A 102 8.63 23.69 -23.07
N PHE A 103 9.33 23.91 -24.19
CA PHE A 103 10.27 25.02 -24.34
C PHE A 103 11.38 25.01 -23.28
N SER A 104 11.77 23.83 -22.81
CA SER A 104 12.89 23.77 -21.88
C SER A 104 14.20 23.98 -22.62
N THR A 105 15.26 24.23 -21.85
CA THR A 105 16.59 24.40 -22.43
C THR A 105 17.60 23.36 -21.96
N GLY A 106 17.45 22.80 -20.76
CA GLY A 106 18.36 21.78 -20.27
C GLY A 106 17.63 20.69 -19.52
N GLY A 107 18.39 19.68 -19.11
CA GLY A 107 17.83 18.55 -18.39
C GLY A 107 17.03 17.65 -19.31
N ALA A 108 16.42 16.62 -18.70
CA ALA A 108 15.65 15.63 -19.44
C ALA A 108 14.58 15.03 -18.54
N GLU A 109 13.38 14.88 -19.10
CA GLU A 109 12.26 14.26 -18.40
C GLU A 109 11.51 13.44 -19.44
N PHE A 110 11.74 12.12 -19.47
CA PHE A 110 11.27 11.31 -20.59
C PHE A 110 9.80 10.94 -20.39
N GLU A 111 8.90 11.70 -20.99
CA GLU A 111 7.49 11.49 -20.71
C GLU A 111 6.92 10.31 -21.48
N TYR A 112 7.23 10.22 -22.77
CA TYR A 112 6.75 9.12 -23.58
C TYR A 112 7.93 8.63 -24.42
N TRP A 113 7.97 7.32 -24.63
CA TRP A 113 9.04 6.67 -25.35
C TRP A 113 8.46 5.89 -26.52
N GLY A 114 9.17 5.89 -27.64
CA GLY A 114 8.86 4.95 -28.69
C GLY A 114 9.31 3.56 -28.31
N GLN A 115 8.83 2.57 -29.07
CA GLN A 115 9.15 1.18 -28.75
C GLN A 115 10.60 0.84 -29.06
N GLY A 116 11.31 1.67 -29.81
CA GLY A 116 12.73 1.44 -30.01
C GLY A 116 13.03 0.69 -31.28
N THR A 117 14.20 0.98 -31.84
CA THR A 117 14.75 0.24 -32.98
C THR A 117 16.06 -0.38 -32.50
N LEU A 118 16.22 -1.68 -32.79
CA LEU A 118 17.37 -2.42 -32.32
C LEU A 118 18.50 -2.24 -33.33
N VAL A 119 19.65 -1.78 -32.86
CA VAL A 119 20.84 -1.64 -33.68
C VAL A 119 21.82 -2.73 -33.25
N THR A 120 22.23 -3.57 -34.19
CA THR A 120 23.22 -4.61 -33.92
C THR A 120 24.48 -4.27 -34.71
N VAL A 121 25.52 -3.89 -33.99
CA VAL A 121 26.85 -3.69 -34.56
C VAL A 121 27.57 -5.03 -34.53
N SER A 122 27.87 -5.56 -35.72
CA SER A 122 28.36 -6.93 -35.86
C SER A 122 29.04 -7.08 -37.21
N SER A 123 30.01 -8.00 -37.27
CA SER A 123 30.61 -8.39 -38.53
C SER A 123 29.80 -9.45 -39.27
N ALA A 124 28.77 -10.00 -38.64
CA ALA A 124 27.97 -11.06 -39.26
C ALA A 124 27.14 -10.50 -40.41
N SER A 125 26.71 -11.40 -41.27
CA SER A 125 25.91 -11.05 -42.43
C SER A 125 24.42 -11.19 -42.11
N THR A 126 23.63 -10.24 -42.60
CA THR A 126 22.19 -10.35 -42.48
C THR A 126 21.68 -11.60 -43.19
N LYS A 127 20.76 -12.32 -42.55
CA LYS A 127 20.20 -13.54 -43.11
C LYS A 127 18.79 -13.73 -42.58
N GLY A 128 17.85 -13.98 -43.49
CA GLY A 128 16.48 -14.18 -43.10
C GLY A 128 16.24 -15.58 -42.57
N PRO A 129 15.20 -15.74 -41.78
CA PRO A 129 14.96 -17.03 -41.12
C PRO A 129 14.33 -18.06 -42.05
N SER A 130 14.41 -19.31 -41.63
CA SER A 130 13.62 -20.41 -42.17
C SER A 130 12.59 -20.78 -41.11
N VAL A 131 11.36 -21.03 -41.53
CA VAL A 131 10.25 -21.22 -40.61
C VAL A 131 9.68 -22.61 -40.81
N PHE A 132 9.64 -23.40 -39.74
CA PHE A 132 9.16 -24.76 -39.77
C PHE A 132 8.00 -24.95 -38.78
N PRO A 133 7.02 -25.78 -39.12
CA PRO A 133 5.89 -26.00 -38.20
C PRO A 133 6.27 -26.89 -37.02
N LEU A 134 5.73 -26.55 -35.86
CA LEU A 134 5.74 -27.45 -34.71
C LEU A 134 4.34 -28.04 -34.60
N ALA A 135 4.08 -29.04 -35.45
CA ALA A 135 2.74 -29.60 -35.61
C ALA A 135 2.26 -30.25 -34.31
N PRO A 136 0.95 -30.19 -34.04
CA PRO A 136 0.45 -30.61 -32.71
C PRO A 136 0.46 -32.11 -32.52
N SER A 137 0.64 -32.51 -31.25
CA SER A 137 0.78 -33.91 -30.85
C SER A 137 -0.34 -34.79 -31.42
N GLY A 144 -8.10 -31.32 -22.57
CA GLY A 144 -8.09 -31.29 -24.02
C GLY A 144 -7.17 -30.20 -24.55
N THR A 145 -6.01 -30.05 -23.91
CA THR A 145 -5.03 -29.04 -24.32
C THR A 145 -4.07 -29.65 -25.33
N ALA A 146 -3.94 -29.01 -26.49
CA ALA A 146 -2.97 -29.39 -27.50
C ALA A 146 -2.07 -28.19 -27.82
N ALA A 147 -0.78 -28.46 -27.98
CA ALA A 147 0.22 -27.42 -28.19
C ALA A 147 0.74 -27.48 -29.63
N LEU A 148 0.79 -26.32 -30.29
CA LEU A 148 1.40 -26.18 -31.61
C LEU A 148 2.24 -24.91 -31.62
N GLY A 149 3.11 -24.81 -32.63
CA GLY A 149 3.97 -23.66 -32.72
C GLY A 149 4.71 -23.56 -34.04
N CYS A 150 5.62 -22.59 -34.09
CA CYS A 150 6.47 -22.31 -35.24
C CYS A 150 7.92 -22.22 -34.78
N LEU A 151 8.81 -22.77 -35.59
CA LEU A 151 10.24 -22.72 -35.31
C LEU A 151 10.86 -21.75 -36.30
N VAL A 152 11.47 -20.69 -35.78
CA VAL A 152 12.08 -19.64 -36.60
C VAL A 152 13.60 -19.76 -36.41
N LYS A 153 14.26 -20.43 -37.36
CA LYS A 153 15.63 -20.87 -37.17
C LYS A 153 16.58 -20.14 -38.11
N ASP A 154 17.80 -19.90 -37.62
CA ASP A 154 18.95 -19.54 -38.45
C ASP A 154 18.77 -18.18 -39.14
N TYR A 155 18.58 -17.15 -38.32
CA TYR A 155 18.50 -15.80 -38.83
C TYR A 155 19.47 -14.90 -38.09
N PHE A 156 19.72 -13.73 -38.67
CA PHE A 156 20.55 -12.70 -38.07
C PHE A 156 20.27 -11.39 -38.78
N PRO A 157 20.22 -10.25 -38.09
CA PRO A 157 20.31 -10.16 -36.63
C PRO A 157 18.93 -10.24 -36.01
N GLU A 158 18.86 -10.06 -34.69
CA GLU A 158 17.60 -9.78 -34.06
C GLU A 158 17.09 -8.44 -34.59
N PRO A 159 15.76 -8.20 -34.55
CA PRO A 159 14.72 -9.06 -33.98
C PRO A 159 13.77 -9.69 -35.00
N VAL A 160 13.07 -10.72 -34.55
CA VAL A 160 11.94 -11.29 -35.26
C VAL A 160 10.68 -10.92 -34.50
N THR A 161 9.57 -10.75 -35.22
CA THR A 161 8.25 -10.70 -34.60
C THR A 161 7.42 -11.86 -35.11
N VAL A 162 6.58 -12.41 -34.24
CA VAL A 162 5.70 -13.52 -34.57
C VAL A 162 4.31 -13.22 -34.03
N SER A 163 3.30 -13.39 -34.87
CA SER A 163 1.91 -13.32 -34.45
C SER A 163 1.19 -14.55 -34.98
N TRP A 164 -0.05 -14.75 -34.53
CA TRP A 164 -0.81 -15.96 -34.83
C TRP A 164 -2.17 -15.56 -35.40
N ASN A 165 -2.43 -16.00 -36.63
CA ASN A 165 -3.63 -15.62 -37.39
C ASN A 165 -3.75 -14.10 -37.46
N SER A 166 -2.62 -13.45 -37.78
CA SER A 166 -2.55 -12.00 -37.94
C SER A 166 -3.11 -11.26 -36.73
N GLY A 167 -2.83 -11.79 -35.54
CA GLY A 167 -3.25 -11.14 -34.31
C GLY A 167 -4.59 -11.58 -33.79
N ALA A 168 -5.33 -12.39 -34.55
CA ALA A 168 -6.63 -12.85 -34.07
C ALA A 168 -6.52 -13.90 -32.97
N LEU A 169 -5.31 -14.33 -32.63
CA LEU A 169 -5.09 -15.30 -31.57
C LEU A 169 -3.98 -14.78 -30.67
N THR A 170 -4.31 -14.55 -29.40
CA THR A 170 -3.40 -13.95 -28.41
C THR A 170 -3.24 -14.82 -27.17
N SER A 171 -4.30 -15.48 -26.73
CA SER A 171 -4.24 -16.30 -25.52
C SER A 171 -3.34 -17.51 -25.72
N GLY A 172 -2.68 -17.93 -24.65
CA GLY A 172 -1.85 -19.11 -24.68
C GLY A 172 -0.59 -19.03 -25.52
N VAL A 173 -0.29 -17.87 -26.12
CA VAL A 173 0.85 -17.72 -27.01
C VAL A 173 2.09 -17.39 -26.19
N HIS A 174 3.16 -18.16 -26.40
CA HIS A 174 4.48 -17.90 -25.80
C HIS A 174 5.50 -17.82 -26.93
N THR A 175 6.08 -16.65 -27.13
CA THR A 175 7.16 -16.49 -28.10
C THR A 175 8.44 -16.29 -27.30
N PHE A 176 9.32 -17.29 -27.36
CA PHE A 176 10.48 -17.36 -26.49
C PHE A 176 11.58 -16.41 -26.96
N PRO A 177 12.37 -15.90 -26.01
CA PRO A 177 13.56 -15.13 -26.39
C PRO A 177 14.44 -15.92 -27.35
N ALA A 178 14.99 -15.22 -28.33
CA ALA A 178 15.96 -15.85 -29.23
C ALA A 178 17.20 -16.29 -28.47
N VAL A 179 17.82 -17.38 -28.92
CA VAL A 179 19.11 -17.82 -28.44
C VAL A 179 20.09 -17.76 -29.60
N LEU A 180 21.31 -17.32 -29.31
CA LEU A 180 22.39 -17.34 -30.29
C LEU A 180 22.95 -18.75 -30.39
N GLN A 181 22.81 -19.38 -31.55
CA GLN A 181 23.39 -20.69 -31.74
C GLN A 181 24.91 -20.56 -31.88
N SER A 182 25.60 -21.70 -31.72
CA SER A 182 27.06 -21.71 -31.85
C SER A 182 27.51 -21.25 -33.23
N SER A 183 26.63 -21.38 -34.23
CA SER A 183 26.88 -20.93 -35.59
C SER A 183 26.86 -19.41 -35.75
N GLY A 184 26.45 -18.66 -34.72
CA GLY A 184 26.29 -17.23 -34.86
C GLY A 184 24.93 -16.76 -35.36
N LEU A 185 24.03 -17.67 -35.70
CA LEU A 185 22.67 -17.29 -36.07
C LEU A 185 21.71 -17.58 -34.92
N TYR A 186 20.59 -16.86 -34.93
CA TYR A 186 19.56 -16.93 -33.89
C TYR A 186 18.49 -17.97 -34.23
N SER A 187 17.69 -18.30 -33.20
CA SER A 187 16.61 -19.27 -33.34
C SER A 187 15.65 -19.11 -32.18
N LEU A 188 14.35 -19.14 -32.47
CA LEU A 188 13.36 -19.08 -31.40
C LEU A 188 12.15 -19.91 -31.81
N SER A 189 11.33 -20.24 -30.82
CA SER A 189 10.06 -20.91 -31.05
C SER A 189 8.93 -20.04 -30.51
N SER A 190 7.82 -19.99 -31.25
CA SER A 190 6.58 -19.40 -30.77
C SER A 190 5.55 -20.52 -30.71
N VAL A 191 4.96 -20.73 -29.53
CA VAL A 191 4.03 -21.83 -29.29
C VAL A 191 2.73 -21.27 -28.71
N VAL A 192 1.62 -21.92 -29.05
CA VAL A 192 0.30 -21.56 -28.53
C VAL A 192 -0.43 -22.83 -28.15
N THR A 193 -0.98 -22.87 -26.92
CA THR A 193 -1.81 -23.99 -26.48
C THR A 193 -3.26 -23.67 -26.81
N VAL A 194 -3.89 -24.56 -27.58
CA VAL A 194 -5.27 -24.38 -28.01
C VAL A 194 -6.05 -25.61 -27.56
N PRO A 195 -7.38 -25.62 -27.63
CA PRO A 195 -8.11 -26.85 -27.30
C PRO A 195 -8.08 -27.81 -28.47
N SER A 196 -7.88 -29.11 -28.16
CA SER A 196 -7.76 -30.11 -29.22
C SER A 196 -9.03 -30.16 -30.08
N SER A 197 -10.18 -29.88 -29.49
CA SER A 197 -11.42 -29.73 -30.26
C SER A 197 -11.22 -28.82 -31.46
N SER A 198 -10.22 -27.94 -31.43
CA SER A 198 -10.08 -26.91 -32.46
C SER A 198 -9.30 -27.36 -33.68
N LEU A 199 -8.71 -28.54 -33.69
CA LEU A 199 -7.66 -28.82 -34.66
C LEU A 199 -8.24 -29.02 -36.07
N GLY A 200 -9.16 -29.96 -36.25
CA GLY A 200 -9.77 -30.10 -37.56
C GLY A 200 -10.60 -28.92 -37.99
N THR A 201 -10.93 -28.02 -37.07
CA THR A 201 -11.88 -26.94 -37.30
C THR A 201 -11.21 -25.61 -37.66
N GLN A 202 -10.06 -25.31 -37.08
CA GLN A 202 -9.48 -23.97 -37.13
C GLN A 202 -8.17 -23.98 -37.92
N THR A 203 -7.91 -22.89 -38.64
CA THR A 203 -6.65 -22.70 -39.33
C THR A 203 -5.72 -21.83 -38.49
N TYR A 204 -4.50 -22.32 -38.25
CA TYR A 204 -3.50 -21.63 -37.46
C TYR A 204 -2.33 -21.27 -38.38
N ILE A 205 -2.09 -19.97 -38.56
CA ILE A 205 -0.98 -19.48 -39.37
C ILE A 205 -0.11 -18.60 -38.50
N CYS A 206 1.18 -18.88 -38.47
CA CYS A 206 2.11 -18.01 -37.77
C CYS A 206 2.71 -17.04 -38.78
N ASN A 207 2.73 -15.76 -38.42
CA ASN A 207 3.25 -14.70 -39.25
C ASN A 207 4.58 -14.26 -38.67
N VAL A 208 5.65 -14.50 -39.43
CA VAL A 208 7.01 -14.17 -39.00
C VAL A 208 7.47 -12.99 -39.81
N ASN A 209 7.84 -11.91 -39.13
CA ASN A 209 8.45 -10.75 -39.77
C ASN A 209 9.90 -10.65 -39.32
N HIS A 210 10.80 -10.47 -40.29
CA HIS A 210 12.20 -10.18 -40.02
C HIS A 210 12.53 -8.93 -40.84
N LYS A 211 12.24 -7.77 -40.26
CA LYS A 211 12.47 -6.51 -40.97
C LYS A 211 13.92 -6.31 -41.44
N PRO A 212 14.96 -6.70 -40.70
CA PRO A 212 16.34 -6.46 -41.20
C PRO A 212 16.63 -7.14 -42.52
N SER A 213 16.06 -8.31 -42.77
CA SER A 213 16.21 -8.99 -44.06
C SER A 213 15.02 -8.73 -44.97
N ASN A 214 14.08 -7.89 -44.54
CA ASN A 214 12.86 -7.62 -45.29
C ASN A 214 12.12 -8.92 -45.65
N THR A 215 11.96 -9.78 -44.65
CA THR A 215 11.33 -11.08 -44.82
C THR A 215 9.97 -11.10 -44.13
N LYS A 216 8.96 -11.62 -44.83
CA LYS A 216 7.66 -11.91 -44.24
C LYS A 216 7.25 -13.29 -44.72
N VAL A 217 6.93 -14.17 -43.79
CA VAL A 217 6.54 -15.54 -44.10
C VAL A 217 5.32 -15.90 -43.28
N ASP A 218 4.31 -16.47 -43.93
CA ASP A 218 3.14 -17.02 -43.26
C ASP A 218 3.19 -18.53 -43.37
N LYS A 219 3.11 -19.22 -42.24
CA LYS A 219 3.26 -20.67 -42.19
C LYS A 219 2.02 -21.30 -41.58
N ARG A 220 1.25 -22.00 -42.41
CA ARG A 220 0.16 -22.82 -41.91
C ARG A 220 0.73 -23.97 -41.08
N VAL A 221 0.16 -24.18 -39.90
CA VAL A 221 0.62 -25.21 -38.98
C VAL A 221 -0.54 -26.17 -38.76
N GLU A 222 -0.47 -27.33 -39.40
CA GLU A 222 -1.54 -28.32 -39.39
C GLU A 222 -1.11 -29.58 -38.66
N PRO A 223 -2.07 -30.35 -38.12
CA PRO A 223 -1.72 -31.63 -37.49
C PRO A 223 -1.11 -32.59 -38.50
N LYS A 224 -0.41 -33.60 -37.98
CA LYS A 224 0.24 -34.57 -38.86
C LYS A 224 -0.72 -35.68 -39.24
N SER A 225 -0.50 -36.25 -40.44
CA SER A 225 -1.43 -37.23 -41.00
C SER A 225 -1.47 -38.50 -40.16
N CYS A 226 -0.32 -39.13 -39.95
CA CYS A 226 -0.23 -40.41 -39.27
C CYS A 226 -1.15 -41.44 -39.91
N GLN B 1 -32.81 43.59 -10.37
CA GLN B 1 -31.91 44.56 -10.98
C GLN B 1 -31.38 44.04 -12.32
N SER B 2 -30.30 44.63 -12.80
CA SER B 2 -29.56 44.08 -13.92
C SER B 2 -28.60 43.02 -13.42
N VAL B 3 -28.33 42.03 -14.27
CA VAL B 3 -27.58 40.84 -13.90
C VAL B 3 -26.42 40.68 -14.87
N LEU B 4 -25.24 40.34 -14.33
CA LEU B 4 -24.16 39.75 -15.12
C LEU B 4 -24.17 38.25 -14.82
N THR B 5 -24.59 37.46 -15.80
CA THR B 5 -24.75 36.02 -15.60
C THR B 5 -23.43 35.29 -15.74
N GLN B 6 -23.10 34.47 -14.74
CA GLN B 6 -21.91 33.65 -14.76
C GLN B 6 -22.28 32.20 -14.49
N PRO B 7 -21.51 31.26 -15.04
CA PRO B 7 -21.69 29.86 -14.64
C PRO B 7 -21.40 29.70 -13.17
N PRO B 8 -22.18 28.88 -12.46
CA PRO B 8 -21.95 28.77 -11.00
C PRO B 8 -20.60 28.16 -10.67
N SER B 9 -20.06 27.32 -11.54
CA SER B 9 -18.80 26.64 -11.20
C SER B 9 -18.02 26.34 -12.47
N ALA B 10 -16.72 26.16 -12.29
CA ALA B 10 -15.78 25.82 -13.36
C ALA B 10 -14.65 25.05 -12.72
N SER B 11 -14.06 24.11 -13.48
CA SER B 11 -13.08 23.22 -12.89
C SER B 11 -12.09 22.73 -13.93
N GLY B 12 -10.93 22.30 -13.43
CA GLY B 12 -9.88 21.78 -14.29
C GLY B 12 -8.78 21.15 -13.44
N THR B 13 -8.03 20.25 -14.08
CA THR B 13 -6.88 19.66 -13.41
C THR B 13 -5.74 20.67 -13.39
N PRO B 14 -4.73 20.44 -12.55
CA PRO B 14 -3.57 21.35 -12.54
C PRO B 14 -2.95 21.48 -13.93
N GLY B 15 -2.62 22.71 -14.31
CA GLY B 15 -2.01 22.99 -15.59
C GLY B 15 -2.99 23.29 -16.73
N GLN B 16 -4.24 22.88 -16.60
CA GLN B 16 -5.26 23.14 -17.60
C GLN B 16 -5.53 24.63 -17.76
N ARG B 17 -6.18 24.98 -18.86
CA ARG B 17 -6.72 26.32 -19.06
C ARG B 17 -8.21 26.27 -18.74
N VAL B 18 -8.64 27.16 -17.85
CA VAL B 18 -10.04 27.28 -17.47
C VAL B 18 -10.50 28.67 -17.87
N THR B 19 -11.66 28.75 -18.51
CA THR B 19 -12.29 30.01 -18.88
C THR B 19 -13.57 30.19 -18.10
N ILE B 20 -13.94 31.45 -17.88
CA ILE B 20 -15.15 31.79 -17.16
C ILE B 20 -15.91 32.84 -17.96
N SER B 21 -17.11 32.48 -18.39
CA SER B 21 -17.89 33.41 -19.18
C SER B 21 -18.69 34.35 -18.27
N CYS B 22 -19.11 35.46 -18.86
CA CYS B 22 -19.78 36.53 -18.13
C CYS B 22 -20.68 37.22 -19.14
N SER B 23 -21.98 37.12 -18.94
CA SER B 23 -22.95 37.58 -19.91
C SER B 23 -23.68 38.81 -19.39
N GLY B 24 -23.81 39.83 -20.23
CA GLY B 24 -24.41 41.04 -19.75
C GLY B 24 -25.37 41.65 -20.76
N SER B 25 -25.81 42.88 -20.50
CA SER B 25 -26.69 43.61 -21.40
C SER B 25 -25.86 44.68 -22.11
N SER B 26 -26.47 45.29 -23.11
CA SER B 26 -25.82 46.40 -23.77
C SER B 26 -25.52 47.55 -22.80
N SER B 27 -26.46 47.91 -21.92
CA SER B 27 -26.29 49.06 -21.04
C SER B 27 -25.15 48.89 -20.05
N ASN B 28 -24.60 47.70 -19.89
CA ASN B 28 -23.40 47.61 -19.05
C ASN B 28 -22.16 47.16 -19.82
N ILE B 29 -21.95 45.85 -20.00
CA ILE B 29 -20.76 45.36 -20.71
C ILE B 29 -20.65 45.98 -22.10
N GLY B 30 -21.77 46.19 -22.77
CA GLY B 30 -21.72 46.78 -24.09
C GLY B 30 -21.33 48.24 -24.10
N SER B 31 -21.32 48.91 -22.95
CA SER B 31 -21.00 50.33 -22.86
C SER B 31 -19.77 50.65 -22.02
N ASN B 32 -19.45 49.81 -21.03
CA ASN B 32 -18.49 50.19 -20.01
C ASN B 32 -17.43 49.11 -19.83
N PHE B 33 -16.35 49.48 -19.14
CA PHE B 33 -15.27 48.55 -18.87
C PHE B 33 -15.72 47.40 -17.97
N VAL B 34 -15.13 46.23 -18.18
CA VAL B 34 -15.39 45.04 -17.39
C VAL B 34 -14.23 44.82 -16.42
N TYR B 35 -14.53 44.35 -15.21
CA TYR B 35 -13.55 44.12 -14.17
C TYR B 35 -13.73 42.70 -13.65
N TRP B 36 -12.67 42.15 -13.07
CA TRP B 36 -12.75 40.83 -12.47
C TRP B 36 -12.14 40.88 -11.07
N TYR B 37 -12.81 40.24 -10.13
CA TYR B 37 -12.35 40.17 -8.75
C TYR B 37 -12.23 38.71 -8.33
N GLN B 38 -11.18 38.39 -7.59
CA GLN B 38 -10.90 37.05 -7.11
C GLN B 38 -11.05 37.03 -5.59
N GLN B 39 -11.83 36.09 -5.08
CA GLN B 39 -12.05 35.97 -3.64
C GLN B 39 -11.62 34.59 -3.21
N LEU B 40 -10.44 34.50 -2.59
CA LEU B 40 -10.04 33.27 -1.94
C LEU B 40 -10.90 33.04 -0.69
N PRO B 41 -11.07 31.77 -0.29
CA PRO B 41 -11.94 31.48 0.85
C PRO B 41 -11.52 32.24 2.11
N GLY B 42 -12.53 32.79 2.80
CA GLY B 42 -12.32 33.46 4.06
C GLY B 42 -11.63 34.81 3.99
N THR B 43 -11.39 35.34 2.80
CA THR B 43 -10.77 36.66 2.65
C THR B 43 -11.68 37.54 1.80
N ALA B 44 -11.27 38.80 1.65
CA ALA B 44 -11.97 39.80 0.87
C ALA B 44 -11.60 39.69 -0.61
N PRO B 45 -12.49 40.15 -1.50
CA PRO B 45 -12.14 40.14 -2.93
C PRO B 45 -10.89 40.96 -3.20
N LYS B 46 -10.14 40.51 -4.21
CA LYS B 46 -8.96 41.21 -4.71
C LYS B 46 -9.17 41.57 -6.17
N LEU B 47 -8.59 42.68 -6.58
CA LEU B 47 -8.68 43.09 -7.98
C LEU B 47 -7.78 42.18 -8.83
N LEU B 48 -8.37 41.54 -9.83
CA LEU B 48 -7.68 40.59 -10.69
C LEU B 48 -7.48 41.13 -12.10
N ILE B 49 -8.53 41.70 -12.69
CA ILE B 49 -8.47 42.31 -14.02
C ILE B 49 -9.28 43.60 -13.96
N TYR B 50 -8.73 44.68 -14.54
CA TYR B 50 -9.49 45.92 -14.69
C TYR B 50 -9.42 46.40 -16.14
N ARG B 51 -10.44 47.18 -16.50
CA ARG B 51 -10.57 47.78 -17.83
C ARG B 51 -10.37 46.74 -18.94
N ASN B 52 -11.19 45.68 -18.85
CA ASN B 52 -11.26 44.58 -19.80
C ASN B 52 -10.09 43.61 -19.68
N ASN B 53 -8.85 44.11 -19.73
CA ASN B 53 -7.72 43.18 -19.85
C ASN B 53 -6.43 43.62 -19.15
N GLN B 54 -6.48 44.59 -18.25
CA GLN B 54 -5.27 45.04 -17.54
C GLN B 54 -5.09 44.24 -16.26
N ARG B 55 -3.84 43.76 -16.02
CA ARG B 55 -3.51 43.07 -14.78
C ARG B 55 -2.86 44.02 -13.80
N PRO B 56 -3.35 44.12 -12.57
CA PRO B 56 -2.59 44.84 -11.53
C PRO B 56 -1.26 44.15 -11.31
N SER B 57 -0.24 44.95 -10.98
CA SER B 57 1.05 44.36 -10.65
C SER B 57 0.85 43.35 -9.52
N GLY B 58 1.54 42.22 -9.61
CA GLY B 58 1.35 41.15 -8.67
C GLY B 58 0.27 40.15 -9.05
N VAL B 59 -0.35 40.31 -10.21
CA VAL B 59 -1.27 39.33 -10.77
C VAL B 59 -0.56 38.63 -11.94
N PRO B 60 -0.39 37.32 -11.90
CA PRO B 60 0.39 36.65 -12.94
C PRO B 60 -0.26 36.74 -14.32
N ASP B 61 0.59 36.81 -15.34
CA ASP B 61 0.13 36.84 -16.72
C ASP B 61 -0.68 35.60 -17.11
N ARG B 62 -0.81 34.60 -16.24
CA ARG B 62 -1.68 33.47 -16.53
C ARG B 62 -3.16 33.88 -16.58
N PHE B 63 -3.50 35.01 -15.96
CA PHE B 63 -4.85 35.54 -16.00
C PHE B 63 -4.94 36.53 -17.15
N SER B 64 -5.95 36.36 -18.01
CA SER B 64 -6.20 37.36 -19.03
C SER B 64 -7.70 37.52 -19.21
N GLY B 65 -8.13 38.75 -19.47
CA GLY B 65 -9.53 39.06 -19.61
C GLY B 65 -9.81 39.62 -20.99
N SER B 66 -11.05 39.46 -21.44
CA SER B 66 -11.47 40.00 -22.71
C SER B 66 -12.92 40.41 -22.64
N ARG B 67 -13.27 41.37 -23.47
CA ARG B 67 -14.64 41.83 -23.66
C ARG B 67 -14.99 41.73 -25.13
N SER B 68 -16.22 41.28 -25.40
CA SER B 68 -16.72 41.12 -26.77
C SER B 68 -18.21 41.44 -26.77
N GLY B 69 -18.57 42.62 -27.25
CA GLY B 69 -19.98 42.98 -27.30
C GLY B 69 -20.58 43.16 -25.92
N THR B 70 -21.61 42.38 -25.61
CA THR B 70 -22.26 42.43 -24.30
C THR B 70 -21.83 41.29 -23.39
N SER B 71 -20.75 40.60 -23.72
CA SER B 71 -20.22 39.54 -22.88
C SER B 71 -18.72 39.77 -22.65
N ALA B 72 -18.15 38.98 -21.75
CA ALA B 72 -16.75 39.09 -21.38
C ALA B 72 -16.30 37.74 -20.84
N SER B 73 -14.99 37.54 -20.79
CA SER B 73 -14.53 36.24 -20.37
C SER B 73 -13.17 36.37 -19.69
N LEU B 74 -12.92 35.46 -18.76
CA LEU B 74 -11.66 35.36 -18.04
C LEU B 74 -11.04 34.00 -18.31
N ALA B 75 -9.78 33.99 -18.74
CA ALA B 75 -9.03 32.76 -18.95
C ALA B 75 -7.95 32.64 -17.90
N ILE B 76 -7.87 31.46 -17.27
CA ILE B 76 -6.82 31.13 -16.32
C ILE B 76 -5.96 30.05 -16.98
N SER B 77 -4.80 30.44 -17.48
CA SER B 77 -3.84 29.48 -18.01
C SER B 77 -3.00 28.91 -16.87
N GLY B 78 -2.63 27.63 -17.02
CA GLY B 78 -1.80 26.99 -16.03
C GLY B 78 -2.43 27.00 -14.66
N LEU B 79 -3.63 26.43 -14.55
CA LEU B 79 -4.36 26.41 -13.30
C LEU B 79 -3.48 25.85 -12.18
N ARG B 80 -3.50 26.52 -11.04
CA ARG B 80 -2.76 26.10 -9.85
C ARG B 80 -3.75 25.92 -8.71
N SER B 81 -3.27 25.28 -7.64
CA SER B 81 -4.12 25.10 -6.48
C SER B 81 -4.46 26.44 -5.82
N GLU B 82 -3.54 27.40 -5.88
CA GLU B 82 -3.78 28.73 -5.33
C GLU B 82 -4.89 29.48 -6.05
N ASP B 83 -5.35 28.99 -7.20
CA ASP B 83 -6.38 29.64 -7.99
C ASP B 83 -7.80 29.22 -7.58
N GLU B 84 -7.92 28.29 -6.62
CA GLU B 84 -9.21 27.91 -6.04
C GLU B 84 -9.87 29.12 -5.39
N ALA B 85 -10.95 29.61 -5.98
CA ALA B 85 -11.54 30.88 -5.53
C ALA B 85 -12.87 31.06 -6.23
N ASP B 86 -13.62 32.05 -5.77
CA ASP B 86 -14.78 32.53 -6.50
C ASP B 86 -14.36 33.75 -7.31
N TYR B 87 -14.80 33.81 -8.56
CA TYR B 87 -14.44 34.89 -9.47
C TYR B 87 -15.70 35.65 -9.88
N TYR B 88 -15.66 36.98 -9.73
CA TYR B 88 -16.76 37.85 -10.11
C TYR B 88 -16.32 38.78 -11.22
N CYS B 89 -17.12 38.90 -12.27
CA CYS B 89 -16.96 40.03 -13.18
C CYS B 89 -17.85 41.17 -12.73
N ALA B 90 -17.65 42.35 -13.31
CA ALA B 90 -18.37 43.53 -12.87
C ALA B 90 -18.23 44.62 -13.91
N ALA B 91 -19.25 45.46 -14.01
CA ALA B 91 -19.23 46.60 -14.91
C ALA B 91 -20.26 47.63 -14.45
N TRP B 92 -19.94 48.90 -14.63
CA TRP B 92 -20.94 49.94 -14.46
C TRP B 92 -22.10 49.72 -15.45
N ASP B 93 -23.29 50.18 -15.06
CA ASP B 93 -24.50 50.04 -15.86
C ASP B 93 -25.16 51.40 -15.98
N ASP B 94 -25.36 51.87 -17.22
CA ASP B 94 -25.86 53.22 -17.47
C ASP B 94 -27.35 53.36 -17.19
N SER B 95 -28.10 52.27 -17.23
CA SER B 95 -29.55 52.34 -17.05
C SER B 95 -29.89 52.78 -15.63
N LEU B 96 -31.11 53.31 -15.47
CA LEU B 96 -31.74 53.60 -14.16
C LEU B 96 -30.89 54.54 -13.31
N GLY B 97 -30.46 55.64 -13.91
CA GLY B 97 -29.63 56.62 -13.22
C GLY B 97 -28.16 56.26 -13.10
N GLY B 98 -27.77 55.03 -13.40
CA GLY B 98 -26.39 54.61 -13.26
C GLY B 98 -26.15 53.84 -11.99
N HIS B 99 -25.69 52.59 -12.12
CA HIS B 99 -25.41 51.76 -10.96
C HIS B 99 -24.31 50.76 -11.33
N TYR B 100 -23.73 50.13 -10.31
CA TYR B 100 -22.64 49.18 -10.47
C TYR B 100 -23.16 47.75 -10.32
N VAL B 101 -22.72 46.86 -11.20
CA VAL B 101 -23.27 45.51 -11.26
C VAL B 101 -22.16 44.49 -11.10
N PHE B 102 -22.35 43.54 -10.19
CA PHE B 102 -21.49 42.38 -10.03
C PHE B 102 -22.12 41.16 -10.67
N GLY B 103 -21.30 40.29 -11.23
CA GLY B 103 -21.79 39.02 -11.70
C GLY B 103 -22.13 38.08 -10.56
N THR B 104 -22.85 37.02 -10.91
CA THR B 104 -23.29 36.05 -9.92
C THR B 104 -22.15 35.21 -9.35
N GLY B 105 -20.96 35.27 -9.94
CA GLY B 105 -19.79 34.59 -9.38
C GLY B 105 -19.64 33.15 -9.84
N THR B 106 -18.40 32.69 -9.89
CA THR B 106 -18.07 31.34 -10.32
C THR B 106 -17.02 30.75 -9.37
N LYS B 107 -17.32 29.61 -8.75
CA LYS B 107 -16.34 28.90 -7.97
C LYS B 107 -15.47 28.05 -8.88
N VAL B 108 -14.16 28.16 -8.73
CA VAL B 108 -13.19 27.40 -9.51
C VAL B 108 -12.61 26.31 -8.63
N THR B 109 -12.79 25.06 -9.03
CA THR B 109 -12.29 23.89 -8.32
C THR B 109 -11.15 23.27 -9.11
N VAL B 110 -10.12 22.83 -8.38
CA VAL B 110 -8.99 22.13 -8.96
C VAL B 110 -9.21 20.63 -8.75
N LEU B 111 -9.43 19.89 -9.83
CA LEU B 111 -9.61 18.45 -9.75
C LEU B 111 -8.26 17.77 -9.56
N ARG B 112 -8.09 17.08 -8.43
CA ARG B 112 -6.88 16.34 -8.09
C ARG B 112 -7.23 14.86 -7.92
N THR B 113 -6.25 14.08 -7.47
CA THR B 113 -6.45 12.67 -7.28
C THR B 113 -7.20 12.40 -5.97
N VAL B 114 -7.89 11.25 -5.94
CA VAL B 114 -8.62 10.83 -4.75
C VAL B 114 -7.67 10.75 -3.56
N ALA B 115 -8.11 11.30 -2.43
CA ALA B 115 -7.36 11.25 -1.18
C ALA B 115 -8.33 10.88 -0.08
N ALA B 116 -7.98 9.85 0.69
CA ALA B 116 -8.85 9.35 1.74
C ALA B 116 -8.76 10.25 2.98
N PRO B 117 -9.85 10.38 3.73
CA PRO B 117 -9.81 11.15 4.97
C PRO B 117 -9.15 10.38 6.10
N SER B 118 -8.36 11.10 6.90
CA SER B 118 -7.99 10.64 8.22
C SER B 118 -9.11 11.04 9.18
N VAL B 119 -9.57 10.09 9.99
CA VAL B 119 -10.73 10.28 10.85
C VAL B 119 -10.31 10.30 12.31
N PHE B 120 -10.87 11.23 13.08
CA PHE B 120 -10.62 11.34 14.50
C PHE B 120 -11.93 11.62 15.21
N ILE B 121 -12.12 11.03 16.39
CA ILE B 121 -13.31 11.27 17.20
C ILE B 121 -12.87 11.86 18.53
N PHE B 122 -13.70 12.75 19.06
CA PHE B 122 -13.41 13.47 20.31
C PHE B 122 -14.61 13.29 21.22
N PRO B 123 -14.44 12.78 22.43
CA PRO B 123 -15.55 12.70 23.36
C PRO B 123 -15.86 14.07 23.93
N PRO B 124 -17.00 14.25 24.58
CA PRO B 124 -17.25 15.55 25.23
C PRO B 124 -16.32 15.72 26.42
N SER B 125 -15.91 16.97 26.63
CA SER B 125 -15.11 17.34 27.79
C SER B 125 -15.97 17.38 29.04
N ASP B 126 -15.32 17.16 30.19
CA ASP B 126 -16.05 17.16 31.46
C ASP B 126 -16.59 18.55 31.80
N GLU B 127 -15.87 19.61 31.44
CA GLU B 127 -16.41 20.97 31.61
C GLU B 127 -17.79 21.10 30.96
N GLN B 128 -17.97 20.54 29.76
CA GLN B 128 -19.26 20.66 29.10
C GLN B 128 -20.31 19.77 29.75
N LEU B 129 -19.97 18.50 30.02
CA LEU B 129 -20.93 17.59 30.63
C LEU B 129 -21.47 18.16 31.91
N LYS B 130 -20.64 18.95 32.57
CA LYS B 130 -21.09 19.41 33.86
C LYS B 130 -22.10 20.55 33.66
N SER B 131 -22.11 21.20 32.48
CA SER B 131 -23.14 22.20 32.16
C SER B 131 -24.45 21.58 31.65
N GLY B 132 -24.49 20.27 31.38
CA GLY B 132 -25.71 19.59 31.01
C GLY B 132 -25.84 19.15 29.57
N THR B 133 -24.78 19.25 28.76
CA THR B 133 -24.85 18.93 27.34
C THR B 133 -23.60 18.16 26.94
N ALA B 134 -23.72 17.33 25.90
CA ALA B 134 -22.61 16.56 25.37
C ALA B 134 -22.51 16.77 23.87
N SER B 135 -21.36 17.25 23.41
CA SER B 135 -21.04 17.37 21.99
C SER B 135 -19.93 16.40 21.66
N VAL B 136 -20.20 15.46 20.76
CA VAL B 136 -19.18 14.55 20.24
C VAL B 136 -18.79 15.03 18.86
N VAL B 137 -17.49 15.11 18.60
CA VAL B 137 -16.98 15.68 17.36
C VAL B 137 -16.23 14.60 16.58
N CYS B 138 -16.58 14.45 15.31
CA CYS B 138 -15.86 13.60 14.37
C CYS B 138 -15.19 14.51 13.35
N LEU B 139 -13.91 14.25 13.06
CA LEU B 139 -13.12 15.06 12.15
C LEU B 139 -12.64 14.22 10.98
N LEU B 140 -12.97 14.65 9.77
CA LEU B 140 -12.45 14.06 8.54
C LEU B 140 -11.40 15.02 7.99
N ASN B 141 -10.15 14.57 7.90
CA ASN B 141 -9.03 15.45 7.57
C ASN B 141 -8.50 15.19 6.16
N ASN B 142 -8.33 16.28 5.39
CA ASN B 142 -7.61 16.33 4.12
C ASN B 142 -8.00 15.19 3.17
N PHE B 143 -9.24 15.25 2.69
CA PHE B 143 -9.71 14.27 1.73
C PHE B 143 -10.08 14.94 0.40
N TYR B 144 -10.32 14.10 -0.61
CA TYR B 144 -10.81 14.51 -1.92
C TYR B 144 -11.43 13.30 -2.58
N PRO B 145 -12.59 13.44 -3.25
CA PRO B 145 -13.38 14.67 -3.43
C PRO B 145 -14.22 15.03 -2.22
N ARG B 146 -15.02 16.08 -2.39
CA ARG B 146 -15.77 16.68 -1.28
C ARG B 146 -16.86 15.75 -0.77
N GLU B 147 -17.38 14.88 -1.60
CA GLU B 147 -18.47 14.00 -1.20
C GLU B 147 -17.98 13.04 -0.13
N ALA B 148 -18.74 12.95 0.96
CA ALA B 148 -18.38 12.13 2.11
C ALA B 148 -19.62 11.95 2.95
N LYS B 149 -19.89 10.73 3.39
CA LYS B 149 -21.03 10.46 4.26
C LYS B 149 -20.51 10.13 5.66
N VAL B 150 -21.02 10.85 6.65
CA VAL B 150 -20.66 10.63 8.03
C VAL B 150 -21.92 10.17 8.76
N GLN B 151 -21.86 8.99 9.35
CA GLN B 151 -22.99 8.43 10.07
C GLN B 151 -22.61 8.21 11.52
N TRP B 152 -23.42 8.73 12.42
CA TRP B 152 -23.23 8.55 13.85
C TRP B 152 -23.99 7.33 14.32
N LYS B 153 -23.31 6.46 15.06
CA LYS B 153 -23.93 5.30 15.68
C LYS B 153 -23.71 5.37 17.18
N VAL B 154 -24.78 5.18 17.95
CA VAL B 154 -24.73 5.19 19.41
C VAL B 154 -25.20 3.83 19.88
N ASP B 155 -24.26 3.01 20.36
CA ASP B 155 -24.51 1.59 20.66
C ASP B 155 -25.00 0.86 19.41
N ASN B 156 -24.33 1.11 18.28
CA ASN B 156 -24.59 0.54 16.96
C ASN B 156 -25.95 0.92 16.37
N ALA B 157 -26.66 1.87 16.97
CA ALA B 157 -27.91 2.38 16.42
C ALA B 157 -27.65 3.70 15.72
N LEU B 158 -28.12 3.81 14.48
CA LEU B 158 -27.80 4.98 13.66
C LEU B 158 -28.60 6.20 14.11
N GLN B 159 -27.94 7.36 14.10
CA GLN B 159 -28.53 8.61 14.57
C GLN B 159 -29.07 9.44 13.42
N SER B 160 -30.21 10.10 13.66
CA SER B 160 -30.80 11.01 12.71
C SER B 160 -31.26 12.27 13.43
N GLY B 161 -31.02 13.42 12.82
CA GLY B 161 -31.58 14.68 13.28
C GLY B 161 -30.96 15.27 14.54
N ASN B 162 -29.76 14.85 14.93
CA ASN B 162 -29.08 15.42 16.08
C ASN B 162 -27.61 15.67 15.77
N SER B 163 -27.27 15.86 14.50
CA SER B 163 -25.92 16.20 14.13
C SER B 163 -25.94 17.28 13.06
N GLN B 164 -24.89 18.09 13.06
CA GLN B 164 -24.62 19.07 12.01
C GLN B 164 -23.16 18.94 11.61
N GLU B 165 -22.86 19.30 10.36
CA GLU B 165 -21.50 19.22 9.85
C GLU B 165 -21.18 20.49 9.09
N SER B 166 -19.88 20.76 8.93
CA SER B 166 -19.42 21.81 8.05
C SER B 166 -18.10 21.37 7.43
N VAL B 167 -17.86 21.86 6.22
CA VAL B 167 -16.75 21.45 5.38
C VAL B 167 -15.94 22.69 5.04
N THR B 168 -14.61 22.57 5.07
CA THR B 168 -13.76 23.65 4.62
C THR B 168 -13.87 23.81 3.10
N GLU B 169 -13.40 24.95 2.60
CA GLU B 169 -13.17 25.06 1.17
C GLU B 169 -11.87 24.34 0.81
N GLN B 170 -11.66 24.16 -0.49
CA GLN B 170 -10.47 23.47 -0.95
C GLN B 170 -9.21 24.14 -0.43
N ASP B 171 -8.28 23.33 0.06
CA ASP B 171 -7.03 23.86 0.57
C ASP B 171 -6.19 24.42 -0.59
N SER B 172 -5.52 25.53 -0.34
CA SER B 172 -4.84 26.26 -1.41
C SER B 172 -3.53 25.62 -1.85
N LYS B 173 -3.08 24.54 -1.19
CA LYS B 173 -1.85 23.87 -1.59
C LYS B 173 -2.07 22.42 -1.99
N ASP B 174 -2.79 21.62 -1.19
CA ASP B 174 -3.03 20.23 -1.53
C ASP B 174 -4.43 19.99 -2.09
N SER B 175 -5.26 21.02 -2.20
CA SER B 175 -6.56 20.94 -2.86
C SER B 175 -7.50 19.96 -2.18
N THR B 176 -7.35 19.71 -0.88
CA THR B 176 -8.22 18.78 -0.18
C THR B 176 -9.22 19.54 0.68
N TYR B 177 -10.21 18.79 1.16
CA TYR B 177 -11.21 19.30 2.08
C TYR B 177 -11.01 18.66 3.45
N SER B 178 -11.60 19.30 4.46
CA SER B 178 -11.73 18.71 5.79
C SER B 178 -13.14 18.95 6.29
N LEU B 179 -13.64 18.02 7.10
CA LEU B 179 -15.03 18.01 7.52
C LEU B 179 -15.13 17.81 9.01
N SER B 180 -16.08 18.50 9.64
CA SER B 180 -16.31 18.42 11.07
C SER B 180 -17.77 18.09 11.29
N SER B 181 -18.06 17.01 12.04
CA SER B 181 -19.44 16.65 12.32
C SER B 181 -19.63 16.54 13.82
N THR B 182 -20.72 17.12 14.32
CA THR B 182 -20.95 17.27 15.75
C THR B 182 -22.28 16.65 16.11
N LEU B 183 -22.25 15.67 17.00
CA LEU B 183 -23.43 15.05 17.59
C LEU B 183 -23.70 15.71 18.93
N THR B 184 -24.95 16.09 19.17
CA THR B 184 -25.31 16.86 20.36
C THR B 184 -26.46 16.18 21.07
N LEU B 185 -26.25 15.88 22.36
CA LEU B 185 -27.27 15.28 23.20
C LEU B 185 -27.24 15.95 24.56
N SER B 186 -28.36 15.83 25.27
CA SER B 186 -28.37 16.21 26.67
C SER B 186 -27.43 15.30 27.46
N LYS B 187 -27.03 15.76 28.65
CA LYS B 187 -26.20 14.91 29.51
C LYS B 187 -26.93 13.62 29.84
N ALA B 188 -28.23 13.71 30.13
CA ALA B 188 -29.00 12.53 30.51
C ALA B 188 -29.02 11.52 29.38
N ASP B 189 -29.34 11.97 28.16
CA ASP B 189 -29.32 11.06 27.00
C ASP B 189 -27.93 10.51 26.74
N TYR B 190 -26.89 11.33 26.95
CA TYR B 190 -25.54 10.85 26.73
C TYR B 190 -25.15 9.75 27.70
N GLU B 191 -25.76 9.73 28.90
CA GLU B 191 -25.37 8.78 29.92
C GLU B 191 -26.17 7.48 29.87
N LYS B 192 -27.21 7.43 29.04
CA LYS B 192 -27.94 6.19 28.81
C LYS B 192 -27.27 5.30 27.77
N HIS B 193 -26.07 5.65 27.30
CA HIS B 193 -25.45 4.92 26.21
C HIS B 193 -23.97 4.79 26.45
N LYS B 194 -23.39 3.76 25.83
CA LYS B 194 -22.02 3.36 26.11
C LYS B 194 -21.05 3.68 24.97
N VAL B 195 -21.32 3.20 23.75
CA VAL B 195 -20.39 3.34 22.64
C VAL B 195 -20.85 4.46 21.70
N TYR B 196 -19.96 5.40 21.42
CA TYR B 196 -20.23 6.50 20.49
C TYR B 196 -19.29 6.35 19.31
N ALA B 197 -19.86 6.29 18.10
CA ALA B 197 -19.06 5.97 16.92
C ALA B 197 -19.47 6.84 15.74
N CYS B 198 -18.47 7.26 14.96
CA CYS B 198 -18.71 7.97 13.71
CA CYS B 198 -18.68 7.98 13.71
C CYS B 198 -18.15 7.13 12.57
N GLU B 199 -19.03 6.75 11.65
CA GLU B 199 -18.71 5.90 10.51
C GLU B 199 -18.60 6.74 9.24
N VAL B 200 -17.47 6.63 8.56
CA VAL B 200 -17.16 7.48 7.42
C VAL B 200 -17.06 6.62 6.17
N THR B 201 -17.87 6.93 5.18
CA THR B 201 -17.78 6.32 3.86
C THR B 201 -17.31 7.38 2.87
N HIS B 202 -16.26 7.05 2.11
CA HIS B 202 -15.69 7.97 1.15
C HIS B 202 -15.08 7.17 0.01
N GLN B 203 -15.13 7.76 -1.19
CA GLN B 203 -14.65 7.09 -2.40
C GLN B 203 -13.22 6.59 -2.25
N GLY B 204 -12.36 7.34 -1.54
CA GLY B 204 -11.01 6.89 -1.30
C GLY B 204 -10.85 5.81 -0.26
N LEU B 205 -11.94 5.24 0.23
CA LEU B 205 -11.91 4.17 1.21
C LEU B 205 -12.60 2.94 0.64
N SER B 206 -11.92 1.78 0.70
CA SER B 206 -12.50 0.55 0.18
C SER B 206 -13.66 0.06 1.05
N SER B 207 -13.65 0.42 2.32
CA SER B 207 -14.72 0.09 3.24
C SER B 207 -14.85 1.23 4.24
N PRO B 208 -16.02 1.41 4.85
CA PRO B 208 -16.20 2.51 5.79
C PRO B 208 -15.23 2.43 6.97
N VAL B 209 -14.79 3.59 7.43
CA VAL B 209 -13.92 3.71 8.59
C VAL B 209 -14.76 4.14 9.78
N THR B 210 -14.56 3.46 10.91
CA THR B 210 -15.27 3.77 12.15
C THR B 210 -14.27 4.10 13.24
N LYS B 211 -14.44 5.25 13.86
CA LYS B 211 -13.73 5.64 15.06
C LYS B 211 -14.74 5.74 16.18
N SER B 212 -14.35 5.27 17.37
CA SER B 212 -15.32 5.25 18.46
C SER B 212 -14.61 5.40 19.79
N PHE B 213 -15.40 5.67 20.81
CA PHE B 213 -14.93 5.68 22.18
C PHE B 213 -16.04 5.10 23.05
N ASN B 214 -15.68 4.72 24.26
CA ASN B 214 -16.62 4.18 25.22
C ASN B 214 -16.74 5.16 26.38
N ARG B 215 -17.98 5.55 26.70
CA ARG B 215 -18.20 6.56 27.73
C ARG B 215 -17.62 6.10 29.05
N GLY B 216 -16.73 6.92 29.62
CA GLY B 216 -16.04 6.59 30.85
C GLY B 216 -14.93 5.58 30.62
N GLU B 217 -13.95 5.92 29.78
CA GLU B 217 -12.81 5.06 29.54
C GLU B 217 -11.73 5.27 30.60
N GLN C 1 -22.17 -24.60 17.76
CA GLN C 1 -22.51 -23.24 18.17
C GLN C 1 -22.10 -22.20 17.11
N SER C 2 -21.93 -20.96 17.55
CA SER C 2 -21.64 -19.84 16.67
C SER C 2 -20.14 -19.63 16.52
N VAL C 3 -19.77 -18.95 15.43
CA VAL C 3 -18.39 -18.58 15.16
C VAL C 3 -18.37 -17.21 14.51
N LEU C 4 -17.32 -16.45 14.81
CA LEU C 4 -17.03 -15.22 14.08
C LEU C 4 -16.08 -15.56 12.94
N THR C 5 -16.37 -15.06 11.74
CA THR C 5 -15.60 -15.41 10.55
C THR C 5 -14.45 -14.44 10.35
N GLN C 6 -13.24 -14.99 10.24
CA GLN C 6 -12.03 -14.26 9.90
C GLN C 6 -11.39 -14.92 8.69
N PRO C 7 -10.67 -14.15 7.86
CA PRO C 7 -9.86 -14.76 6.81
C PRO C 7 -8.82 -15.66 7.42
N PRO C 8 -8.53 -16.81 6.80
CA PRO C 8 -7.53 -17.71 7.37
C PRO C 8 -6.17 -17.06 7.56
N SER C 9 -5.77 -16.18 6.64
CA SER C 9 -4.43 -15.64 6.69
C SER C 9 -4.45 -14.19 6.21
N ALA C 10 -3.44 -13.45 6.69
CA ALA C 10 -3.13 -12.11 6.23
C ALA C 10 -1.62 -11.99 6.28
N SER C 11 -1.08 -10.96 5.64
CA SER C 11 0.37 -10.87 5.51
C SER C 11 0.78 -9.47 5.12
N GLY C 12 2.06 -9.19 5.31
CA GLY C 12 2.63 -7.91 4.90
C GLY C 12 4.13 -7.95 5.07
N THR C 13 4.79 -6.92 4.49
CA THR C 13 6.22 -6.66 4.67
C THR C 13 6.40 -5.80 5.91
N PRO C 14 7.55 -5.85 6.57
CA PRO C 14 7.81 -4.93 7.68
C PRO C 14 7.55 -3.49 7.24
N GLY C 15 6.74 -2.77 8.03
CA GLY C 15 6.28 -1.44 7.71
C GLY C 15 4.90 -1.38 7.06
N GLN C 16 4.51 -2.44 6.35
CA GLN C 16 3.20 -2.48 5.69
C GLN C 16 2.09 -2.53 6.73
N ARG C 17 0.96 -1.90 6.40
CA ARG C 17 -0.22 -1.91 7.26
C ARG C 17 -1.06 -3.13 6.92
N VAL C 18 -1.34 -3.97 7.92
CA VAL C 18 -2.13 -5.19 7.75
C VAL C 18 -3.41 -5.07 8.56
N THR C 19 -4.53 -5.40 7.93
CA THR C 19 -5.83 -5.37 8.59
C THR C 19 -6.45 -6.76 8.57
N ILE C 20 -7.14 -7.10 9.66
CA ILE C 20 -7.83 -8.38 9.80
C ILE C 20 -9.29 -8.07 10.05
N SER C 21 -10.17 -8.68 9.26
CA SER C 21 -11.60 -8.48 9.42
C SER C 21 -12.21 -9.59 10.27
N CYS C 22 -13.41 -9.33 10.75
CA CYS C 22 -14.11 -10.23 11.67
C CYS C 22 -15.59 -10.01 11.47
N SER C 23 -16.29 -11.06 11.06
CA SER C 23 -17.69 -10.94 10.65
C SER C 23 -18.57 -11.76 11.59
N GLY C 24 -19.61 -11.11 12.12
CA GLY C 24 -20.52 -11.80 13.03
C GLY C 24 -21.97 -11.54 12.71
N SER C 25 -22.81 -11.46 13.74
CA SER C 25 -24.24 -11.26 13.59
C SER C 25 -24.72 -10.19 14.58
N SER C 26 -26.01 -9.82 14.44
CA SER C 26 -26.60 -8.82 15.31
C SER C 26 -26.63 -9.25 16.77
N SER C 27 -26.57 -10.56 17.04
CA SER C 27 -26.61 -11.04 18.41
C SER C 27 -25.24 -11.08 19.08
N ASN C 28 -24.14 -11.00 18.33
CA ASN C 28 -22.84 -10.92 19.01
C ASN C 28 -22.18 -9.57 18.76
N ILE C 29 -21.40 -9.44 17.66
CA ILE C 29 -20.73 -8.17 17.38
C ILE C 29 -21.74 -7.03 17.33
N GLY C 30 -22.92 -7.27 16.76
CA GLY C 30 -23.91 -6.23 16.62
C GLY C 30 -24.43 -5.66 17.93
N SER C 31 -24.26 -6.40 19.03
CA SER C 31 -24.82 -6.01 20.33
C SER C 31 -23.78 -5.77 21.42
N ASN C 32 -22.59 -6.33 21.28
CA ASN C 32 -21.67 -6.47 22.40
C ASN C 32 -20.28 -6.03 21.99
N PHE C 33 -19.41 -5.87 22.98
CA PHE C 33 -18.05 -5.43 22.72
C PHE C 33 -17.25 -6.50 21.99
N VAL C 34 -16.24 -6.06 21.23
CA VAL C 34 -15.34 -6.97 20.53
C VAL C 34 -13.99 -6.95 21.22
N TYR C 35 -13.33 -8.12 21.21
CA TYR C 35 -12.02 -8.29 21.81
C TYR C 35 -11.11 -8.95 20.77
N TRP C 36 -9.81 -8.67 20.88
CA TRP C 36 -8.81 -9.26 20.01
C TRP C 36 -7.72 -9.86 20.87
N TYR C 37 -7.35 -11.11 20.60
CA TYR C 37 -6.27 -11.78 21.30
C TYR C 37 -5.18 -12.14 20.32
N GLN C 38 -3.93 -11.93 20.72
CA GLN C 38 -2.77 -12.26 19.90
C GLN C 38 -2.05 -13.44 20.51
N GLN C 39 -1.72 -14.43 19.68
CA GLN C 39 -1.03 -15.64 20.15
C GLN C 39 0.26 -15.81 19.37
N LEU C 40 1.38 -15.46 19.99
CA LEU C 40 2.67 -15.81 19.41
C LEU C 40 2.82 -17.34 19.42
N PRO C 41 3.49 -17.90 18.42
CA PRO C 41 3.55 -19.38 18.33
C PRO C 41 4.19 -19.99 19.57
N GLY C 42 3.55 -21.05 20.08
CA GLY C 42 4.06 -21.73 21.25
C GLY C 42 3.84 -21.00 22.56
N THR C 43 2.96 -20.00 22.59
CA THR C 43 2.64 -19.24 23.78
C THR C 43 1.12 -19.14 23.90
N ALA C 44 0.67 -18.74 25.07
CA ALA C 44 -0.76 -18.57 25.30
C ALA C 44 -1.23 -17.24 24.72
N PRO C 45 -2.51 -17.15 24.36
CA PRO C 45 -3.03 -15.89 23.83
C PRO C 45 -2.83 -14.75 24.82
N LYS C 46 -2.65 -13.56 24.28
CA LYS C 46 -2.47 -12.34 25.03
C LYS C 46 -3.56 -11.36 24.64
N LEU C 47 -4.07 -10.59 25.61
CA LEU C 47 -5.07 -9.59 25.29
C LEU C 47 -4.42 -8.46 24.48
N LEU C 48 -5.04 -8.13 23.36
CA LEU C 48 -4.53 -7.10 22.47
C LEU C 48 -5.43 -5.89 22.39
N ILE C 49 -6.73 -6.12 22.24
CA ILE C 49 -7.74 -5.07 22.14
C ILE C 49 -8.97 -5.55 22.91
N TYR C 50 -9.48 -4.72 23.81
CA TYR C 50 -10.71 -5.02 24.53
C TYR C 50 -11.70 -3.88 24.34
N ARG C 51 -12.98 -4.22 24.38
CA ARG C 51 -14.06 -3.26 24.22
C ARG C 51 -13.87 -2.44 22.94
N ASN C 52 -13.75 -3.16 21.83
CA ASN C 52 -13.69 -2.62 20.46
C ASN C 52 -12.34 -2.02 20.11
N ASN C 53 -11.86 -1.06 20.91
CA ASN C 53 -10.70 -0.32 20.46
C ASN C 53 -9.79 0.17 21.58
N GLN C 54 -10.01 -0.24 22.83
CA GLN C 54 -9.13 0.14 23.93
C GLN C 54 -7.92 -0.79 23.98
N ARG C 55 -6.74 -0.19 24.17
CA ARG C 55 -5.48 -0.93 24.21
C ARG C 55 -5.07 -1.14 25.65
N PRO C 56 -4.69 -2.36 26.03
CA PRO C 56 -4.09 -2.55 27.36
C PRO C 56 -2.74 -1.87 27.42
N SER C 57 -2.36 -1.46 28.64
CA SER C 57 -1.00 -0.94 28.84
C SER C 57 0.01 -2.02 28.47
N GLY C 58 0.96 -1.66 27.61
CA GLY C 58 1.95 -2.61 27.15
C GLY C 58 1.72 -3.15 25.76
N VAL C 59 0.62 -2.81 25.12
CA VAL C 59 0.38 -3.17 23.73
C VAL C 59 0.81 -1.98 22.85
N PRO C 60 1.68 -2.19 21.87
CA PRO C 60 2.12 -1.07 21.03
C PRO C 60 0.95 -0.36 20.36
N ASP C 61 1.08 0.96 20.20
CA ASP C 61 -0.03 1.74 19.66
C ASP C 61 -0.21 1.56 18.15
N ARG C 62 0.60 0.73 17.49
CA ARG C 62 0.32 0.40 16.10
C ARG C 62 -0.75 -0.68 15.95
N PHE C 63 -1.31 -1.15 17.06
CA PHE C 63 -2.45 -2.06 17.06
C PHE C 63 -3.70 -1.25 17.39
N SER C 64 -4.69 -1.30 16.50
CA SER C 64 -5.95 -0.64 16.77
C SER C 64 -7.11 -1.51 16.31
N GLY C 65 -8.22 -1.41 17.03
CA GLY C 65 -9.42 -2.13 16.66
C GLY C 65 -10.56 -1.18 16.34
N SER C 66 -11.54 -1.66 15.58
CA SER C 66 -12.78 -0.91 15.40
C SER C 66 -13.93 -1.89 15.22
N ARG C 67 -15.15 -1.37 15.37
CA ARG C 67 -16.37 -2.15 15.23
C ARG C 67 -17.42 -1.33 14.50
N SER C 68 -18.12 -1.98 13.56
CA SER C 68 -19.18 -1.35 12.79
C SER C 68 -20.25 -2.39 12.46
N GLY C 69 -21.46 -2.13 12.91
CA GLY C 69 -22.56 -3.04 12.61
C GLY C 69 -22.30 -4.41 13.19
N THR C 70 -22.33 -5.43 12.34
CA THR C 70 -22.06 -6.80 12.74
C THR C 70 -20.65 -7.22 12.40
N SER C 71 -19.76 -6.26 12.18
CA SER C 71 -18.40 -6.54 11.73
C SER C 71 -17.42 -5.75 12.56
N ALA C 72 -16.21 -6.28 12.67
CA ALA C 72 -15.16 -5.71 13.50
C ALA C 72 -13.86 -5.87 12.75
N SER C 73 -12.87 -5.06 13.12
CA SER C 73 -11.64 -5.04 12.35
C SER C 73 -10.46 -4.67 13.25
N LEU C 74 -9.31 -5.28 12.95
CA LEU C 74 -8.06 -5.02 13.63
C LEU C 74 -7.03 -4.55 12.60
N ALA C 75 -6.35 -3.46 12.90
CA ALA C 75 -5.35 -2.91 12.00
C ALA C 75 -4.00 -2.92 12.70
N ILE C 76 -3.02 -3.55 12.07
CA ILE C 76 -1.63 -3.44 12.47
C ILE C 76 -0.98 -2.42 11.53
N SER C 77 -0.72 -1.22 12.02
CA SER C 77 -0.15 -0.17 11.17
C SER C 77 1.37 -0.31 11.23
N GLY C 78 1.95 -0.83 10.17
CA GLY C 78 3.39 -1.03 10.14
C GLY C 78 3.85 -2.30 10.81
N LEU C 79 3.72 -3.42 10.09
CA LEU C 79 4.04 -4.73 10.64
C LEU C 79 5.47 -4.79 11.15
N ARG C 80 5.67 -5.61 12.19
CA ARG C 80 7.00 -5.95 12.71
C ARG C 80 7.16 -7.45 12.67
N SER C 81 8.41 -7.90 12.58
CA SER C 81 8.67 -9.34 12.54
C SER C 81 8.14 -10.06 13.79
N GLU C 82 8.12 -9.36 14.94
CA GLU C 82 7.58 -9.92 16.17
C GLU C 82 6.06 -10.04 16.16
N ASP C 83 5.39 -9.51 15.13
CA ASP C 83 3.93 -9.58 15.04
C ASP C 83 3.43 -10.85 14.37
N GLU C 84 4.33 -11.75 13.96
CA GLU C 84 3.90 -13.03 13.43
C GLU C 84 3.18 -13.80 14.53
N ALA C 85 1.94 -14.20 14.26
CA ALA C 85 1.06 -14.68 15.31
C ALA C 85 -0.28 -15.03 14.68
N ASP C 86 -1.10 -15.72 15.47
CA ASP C 86 -2.52 -15.87 15.17
C ASP C 86 -3.27 -14.78 15.91
N TYR C 87 -4.33 -14.27 15.28
CA TYR C 87 -5.12 -13.21 15.86
C TYR C 87 -6.57 -13.66 15.90
N TYR C 88 -7.21 -13.50 17.07
CA TYR C 88 -8.55 -14.00 17.30
C TYR C 88 -9.43 -12.83 17.72
N CYS C 89 -10.51 -12.60 17.01
CA CYS C 89 -11.50 -11.68 17.54
C CYS C 89 -12.46 -12.48 18.42
N ALA C 90 -13.33 -11.78 19.14
CA ALA C 90 -14.17 -12.46 20.10
C ALA C 90 -15.26 -11.52 20.57
N ALA C 91 -16.38 -12.09 20.97
CA ALA C 91 -17.47 -11.28 21.51
C ALA C 91 -18.48 -12.18 22.20
N TRP C 92 -19.17 -11.62 23.18
CA TRP C 92 -20.30 -12.30 23.78
C TRP C 92 -21.44 -12.39 22.77
N ASP C 93 -22.27 -13.41 22.91
CA ASP C 93 -23.40 -13.66 22.01
C ASP C 93 -24.66 -13.83 22.84
N ASP C 94 -25.69 -13.04 22.52
CA ASP C 94 -26.90 -13.02 23.35
C ASP C 94 -27.84 -14.19 23.04
N SER C 95 -27.77 -14.75 21.85
CA SER C 95 -28.68 -15.84 21.50
C SER C 95 -28.40 -17.07 22.35
N LEU C 96 -29.42 -17.95 22.42
CA LEU C 96 -29.34 -19.22 23.12
C LEU C 96 -29.00 -19.05 24.61
N GLY C 97 -29.45 -17.95 25.21
CA GLY C 97 -29.24 -17.72 26.62
C GLY C 97 -27.90 -17.11 26.96
N GLY C 98 -27.05 -16.85 25.96
CA GLY C 98 -25.81 -16.15 26.20
C GLY C 98 -24.60 -17.07 26.26
N HIS C 99 -23.59 -16.78 25.44
CA HIS C 99 -22.39 -17.59 25.38
C HIS C 99 -21.28 -16.79 24.70
N TYR C 100 -20.03 -17.17 24.98
CA TYR C 100 -18.87 -16.50 24.41
C TYR C 100 -18.48 -17.16 23.09
N VAL C 101 -18.15 -16.33 22.10
CA VAL C 101 -17.81 -16.81 20.76
C VAL C 101 -16.43 -16.29 20.37
N PHE C 102 -15.55 -17.19 19.96
CA PHE C 102 -14.26 -16.83 19.40
C PHE C 102 -14.33 -16.86 17.88
N GLY C 103 -13.57 -15.98 17.24
CA GLY C 103 -13.40 -16.06 15.81
C GLY C 103 -12.51 -17.22 15.43
N THR C 104 -12.51 -17.55 14.14
CA THR C 104 -11.79 -18.73 13.69
C THR C 104 -10.29 -18.51 13.58
N GLY C 105 -9.83 -17.26 13.68
CA GLY C 105 -8.40 -16.98 13.73
C GLY C 105 -7.74 -16.70 12.41
N THR C 106 -6.81 -15.75 12.40
CA THR C 106 -6.07 -15.37 11.20
C THR C 106 -4.58 -15.41 11.51
N LYS C 107 -3.83 -16.19 10.74
CA LYS C 107 -2.38 -16.23 10.88
C LYS C 107 -1.76 -15.12 10.04
N VAL C 108 -0.91 -14.31 10.67
CA VAL C 108 -0.22 -13.22 10.00
C VAL C 108 1.20 -13.68 9.70
N THR C 109 1.56 -13.65 8.42
CA THR C 109 2.93 -13.95 7.99
C THR C 109 3.67 -12.64 7.71
N VAL C 110 4.90 -12.54 8.19
CA VAL C 110 5.77 -11.42 7.83
C VAL C 110 6.44 -11.75 6.51
N LEU C 111 6.23 -10.89 5.51
CA LEU C 111 6.78 -11.14 4.17
C LEU C 111 8.16 -10.51 4.07
N ARG C 112 9.16 -11.34 3.83
CA ARG C 112 10.55 -10.89 3.71
C ARG C 112 11.10 -11.39 2.36
N THR C 113 12.41 -11.25 2.20
CA THR C 113 13.05 -11.62 0.95
C THR C 113 13.40 -13.11 0.95
N VAL C 114 13.53 -13.66 -0.26
CA VAL C 114 13.86 -15.06 -0.39
C VAL C 114 15.24 -15.33 0.19
N ALA C 115 15.37 -16.46 0.88
CA ALA C 115 16.63 -16.90 1.45
C ALA C 115 16.69 -18.42 1.36
N ALA C 116 17.80 -18.94 0.85
CA ALA C 116 18.00 -20.37 0.67
C ALA C 116 18.33 -21.06 1.99
N PRO C 117 18.00 -22.34 2.12
CA PRO C 117 18.35 -23.05 3.35
C PRO C 117 19.84 -23.38 3.39
N SER C 118 20.36 -23.50 4.61
CA SER C 118 21.62 -24.17 4.86
C SER C 118 21.27 -25.59 5.27
N VAL C 119 21.82 -26.57 4.55
CA VAL C 119 21.44 -27.97 4.71
C VAL C 119 22.53 -28.72 5.47
N PHE C 120 22.10 -29.55 6.43
CA PHE C 120 22.98 -30.37 7.23
C PHE C 120 22.36 -31.76 7.35
N ILE C 121 23.21 -32.77 7.55
CA ILE C 121 22.76 -34.14 7.69
C ILE C 121 23.44 -34.80 8.89
N PHE C 122 22.67 -35.58 9.63
CA PHE C 122 23.14 -36.24 10.85
C PHE C 122 22.90 -37.73 10.71
N PRO C 123 23.94 -38.56 10.72
CA PRO C 123 23.73 -40.01 10.71
C PRO C 123 23.23 -40.48 12.05
N PRO C 124 22.61 -41.66 12.12
CA PRO C 124 22.09 -42.13 13.41
C PRO C 124 23.21 -42.39 14.40
N SER C 125 22.96 -42.05 15.66
CA SER C 125 23.96 -42.26 16.70
C SER C 125 24.13 -43.76 16.96
N ASP C 126 25.32 -44.12 17.45
CA ASP C 126 25.57 -45.51 17.81
C ASP C 126 24.67 -45.93 18.96
N GLU C 127 24.36 -44.99 19.86
CA GLU C 127 23.42 -45.27 20.95
C GLU C 127 22.06 -45.67 20.40
N GLN C 128 21.60 -45.00 19.34
CA GLN C 128 20.30 -45.36 18.78
C GLN C 128 20.37 -46.69 18.03
N LEU C 129 21.48 -46.95 17.32
CA LEU C 129 21.55 -48.19 16.56
C LEU C 129 21.60 -49.42 17.45
N LYS C 130 22.24 -49.31 18.63
CA LYS C 130 22.17 -50.40 19.58
C LYS C 130 20.75 -50.61 20.09
N SER C 131 19.91 -49.57 20.06
CA SER C 131 18.50 -49.76 20.40
C SER C 131 17.79 -50.61 19.36
N GLY C 132 18.27 -50.62 18.12
CA GLY C 132 17.66 -51.39 17.06
C GLY C 132 17.03 -50.58 15.94
N THR C 133 17.14 -49.26 15.95
CA THR C 133 16.52 -48.38 14.96
C THR C 133 17.54 -47.37 14.47
N ALA C 134 17.36 -46.88 13.24
CA ALA C 134 18.22 -45.87 12.64
C ALA C 134 17.39 -44.69 12.19
N SER C 135 17.67 -43.52 12.75
CA SER C 135 17.02 -42.28 12.36
C SER C 135 18.11 -41.37 11.78
N VAL C 136 17.93 -40.94 10.53
CA VAL C 136 18.86 -40.00 9.91
C VAL C 136 18.10 -38.71 9.64
N VAL C 137 18.69 -37.58 10.03
CA VAL C 137 17.99 -36.30 10.09
C VAL C 137 18.64 -35.32 9.14
N CYS C 138 17.84 -34.77 8.23
CA CYS C 138 18.23 -33.69 7.34
C CYS C 138 17.66 -32.38 7.88
N LEU C 139 18.49 -31.34 7.92
CA LEU C 139 18.12 -30.05 8.49
C LEU C 139 18.23 -28.95 7.45
N LEU C 140 17.16 -28.17 7.30
CA LEU C 140 17.13 -26.99 6.43
C LEU C 140 16.99 -25.77 7.33
N ASN C 141 18.04 -24.96 7.43
CA ASN C 141 18.10 -23.90 8.42
C ASN C 141 17.86 -22.53 7.81
N ASN C 142 16.91 -21.79 8.38
CA ASN C 142 16.68 -20.38 8.10
C ASN C 142 16.43 -20.09 6.63
N PHE C 143 15.23 -20.38 6.14
CA PHE C 143 14.94 -20.18 4.74
C PHE C 143 13.56 -19.55 4.57
N TYR C 144 13.35 -18.97 3.40
CA TYR C 144 12.10 -18.30 3.07
C TYR C 144 11.89 -18.34 1.57
N PRO C 145 10.67 -18.67 1.09
CA PRO C 145 9.48 -19.02 1.86
C PRO C 145 9.45 -20.47 2.36
N ARG C 146 8.29 -20.88 2.89
CA ARG C 146 8.18 -22.17 3.57
C ARG C 146 8.17 -23.34 2.60
N GLU C 147 7.70 -23.14 1.37
CA GLU C 147 7.61 -24.24 0.40
C GLU C 147 9.00 -24.76 0.06
N ALA C 148 9.26 -26.02 0.37
CA ALA C 148 10.53 -26.66 0.06
C ALA C 148 10.29 -28.12 -0.29
N LYS C 149 11.09 -28.64 -1.21
CA LYS C 149 11.03 -30.03 -1.63
C LYS C 149 12.26 -30.76 -1.09
N VAL C 150 12.03 -31.77 -0.27
CA VAL C 150 13.08 -32.48 0.46
C VAL C 150 12.88 -33.97 0.23
N GLN C 151 13.84 -34.61 -0.43
CA GLN C 151 13.69 -36.00 -0.79
C GLN C 151 14.91 -36.79 -0.35
N TRP C 152 14.66 -38.01 0.12
CA TRP C 152 15.71 -38.92 0.56
C TRP C 152 16.05 -39.89 -0.56
N LYS C 153 17.35 -40.13 -0.75
CA LYS C 153 17.86 -41.09 -1.72
C LYS C 153 18.88 -41.97 -1.03
N VAL C 154 18.60 -43.27 -0.96
CA VAL C 154 19.48 -44.25 -0.37
C VAL C 154 20.08 -45.05 -1.52
N ASP C 155 21.40 -44.89 -1.73
CA ASP C 155 22.10 -45.43 -2.90
C ASP C 155 21.42 -44.98 -4.19
N ASN C 156 21.16 -43.67 -4.27
CA ASN C 156 20.51 -43.00 -5.39
C ASN C 156 19.12 -43.55 -5.69
N ALA C 157 18.47 -44.19 -4.71
CA ALA C 157 17.12 -44.72 -4.86
C ALA C 157 16.15 -43.85 -4.06
N LEU C 158 15.19 -43.26 -4.77
CA LEU C 158 14.20 -42.38 -4.14
C LEU C 158 13.43 -43.13 -3.04
N GLN C 159 13.34 -42.52 -1.87
CA GLN C 159 12.64 -43.13 -0.75
C GLN C 159 11.21 -42.60 -0.67
N SER C 160 10.34 -43.44 -0.10
CA SER C 160 8.93 -43.09 0.09
C SER C 160 8.41 -43.79 1.33
N GLY C 161 7.50 -43.11 2.03
CA GLY C 161 6.70 -43.71 3.08
C GLY C 161 7.40 -43.96 4.40
N ASN C 162 8.66 -43.52 4.56
CA ASN C 162 9.39 -43.77 5.79
C ASN C 162 10.12 -42.52 6.28
N SER C 163 9.61 -41.34 5.95
CA SER C 163 10.18 -40.09 6.44
C SER C 163 9.05 -39.11 6.74
N GLN C 164 9.30 -38.22 7.70
CA GLN C 164 8.34 -37.20 8.10
C GLN C 164 9.04 -35.86 8.25
N GLU C 165 8.31 -34.80 7.97
CA GLU C 165 8.85 -33.45 8.04
C GLU C 165 8.30 -32.72 9.25
N SER C 166 9.06 -31.75 9.73
CA SER C 166 8.62 -30.79 10.74
C SER C 166 9.18 -29.42 10.37
N VAL C 167 8.36 -28.39 10.49
CA VAL C 167 8.72 -27.05 10.09
C VAL C 167 8.44 -26.10 11.24
N THR C 168 9.41 -25.26 11.57
CA THR C 168 9.20 -24.29 12.63
C THR C 168 8.28 -23.18 12.14
N GLU C 169 7.75 -22.42 13.09
CA GLU C 169 7.05 -21.20 12.75
C GLU C 169 8.06 -20.13 12.33
N GLN C 170 7.54 -19.02 11.83
CA GLN C 170 8.42 -17.93 11.43
C GLN C 170 9.15 -17.38 12.65
N ASP C 171 10.48 -17.33 12.54
CA ASP C 171 11.29 -16.75 13.61
C ASP C 171 10.91 -15.30 13.84
N SER C 172 10.86 -14.91 15.11
CA SER C 172 10.35 -13.60 15.52
C SER C 172 11.23 -12.44 15.09
N LYS C 173 12.49 -12.68 14.72
CA LYS C 173 13.41 -11.59 14.43
C LYS C 173 13.84 -11.51 12.97
N ASP C 174 14.05 -12.64 12.28
CA ASP C 174 14.44 -12.60 10.87
C ASP C 174 13.45 -13.26 9.92
N SER C 175 12.32 -13.76 10.43
CA SER C 175 11.18 -14.24 9.65
C SER C 175 11.51 -15.42 8.75
N THR C 176 12.54 -16.21 9.08
CA THR C 176 12.82 -17.40 8.31
C THR C 176 12.14 -18.61 8.94
N TYR C 177 12.15 -19.71 8.19
CA TYR C 177 11.65 -21.00 8.62
C TYR C 177 12.80 -21.96 8.78
N SER C 178 12.55 -23.05 9.50
CA SER C 178 13.48 -24.16 9.57
C SER C 178 12.70 -25.45 9.38
N LEU C 179 13.38 -26.46 8.86
CA LEU C 179 12.71 -27.71 8.53
C LEU C 179 13.63 -28.87 8.88
N SER C 180 13.05 -29.92 9.45
CA SER C 180 13.73 -31.18 9.66
C SER C 180 12.97 -32.25 8.90
N SER C 181 13.71 -33.11 8.22
CA SER C 181 13.16 -34.30 7.59
C SER C 181 13.89 -35.49 8.17
N THR C 182 13.15 -36.38 8.83
CA THR C 182 13.72 -37.53 9.52
C THR C 182 13.37 -38.79 8.75
N LEU C 183 14.37 -39.53 8.33
CA LEU C 183 14.21 -40.83 7.70
C LEU C 183 14.46 -41.91 8.75
N THR C 184 13.48 -42.78 8.96
CA THR C 184 13.57 -43.83 9.97
C THR C 184 13.64 -45.18 9.27
N LEU C 185 14.70 -45.94 9.53
CA LEU C 185 14.87 -47.29 9.02
C LEU C 185 15.05 -48.27 10.17
N SER C 186 14.73 -49.53 9.92
CA SER C 186 15.18 -50.56 10.83
C SER C 186 16.69 -50.56 10.84
N LYS C 187 17.28 -50.95 11.96
CA LYS C 187 18.73 -51.09 11.97
C LYS C 187 19.19 -52.07 10.90
N ALA C 188 18.42 -53.14 10.69
CA ALA C 188 18.76 -54.12 9.65
C ALA C 188 18.74 -53.48 8.27
N ASP C 189 17.63 -52.82 7.91
CA ASP C 189 17.53 -52.12 6.64
C ASP C 189 18.66 -51.11 6.47
N TYR C 190 19.01 -50.42 7.56
CA TYR C 190 20.01 -49.36 7.48
C TYR C 190 21.37 -49.90 7.08
N GLU C 191 21.64 -51.17 7.34
CA GLU C 191 22.96 -51.71 7.10
C GLU C 191 23.09 -52.40 5.75
N LYS C 192 21.99 -52.58 5.01
CA LYS C 192 22.09 -53.09 3.65
C LYS C 192 22.56 -52.03 2.67
N HIS C 193 22.67 -50.77 3.08
CA HIS C 193 22.95 -49.67 2.17
C HIS C 193 24.15 -48.87 2.66
N LYS C 194 24.68 -48.04 1.75
CA LYS C 194 25.95 -47.36 1.98
C LYS C 194 25.80 -45.84 1.97
N VAL C 195 25.24 -45.26 0.89
CA VAL C 195 25.14 -43.82 0.71
C VAL C 195 23.78 -43.33 1.17
N TYR C 196 23.77 -42.33 2.03
CA TYR C 196 22.52 -41.74 2.52
C TYR C 196 22.55 -40.26 2.18
N ALA C 197 21.54 -39.80 1.43
CA ALA C 197 21.52 -38.45 0.88
C ALA C 197 20.14 -37.82 1.00
N CYS C 198 20.14 -36.55 1.38
CA CYS C 198 18.93 -35.74 1.36
CA CYS C 198 18.93 -35.72 1.39
C CYS C 198 19.14 -34.61 0.37
N GLU C 199 18.21 -34.47 -0.57
CA GLU C 199 18.33 -33.47 -1.63
C GLU C 199 17.21 -32.45 -1.49
N VAL C 200 17.57 -31.18 -1.69
CA VAL C 200 16.72 -30.04 -1.35
C VAL C 200 16.57 -29.16 -2.58
N THR C 201 15.33 -28.89 -2.98
CA THR C 201 15.00 -27.94 -4.03
C THR C 201 14.20 -26.82 -3.40
N HIS C 202 14.71 -25.59 -3.47
CA HIS C 202 14.05 -24.43 -2.90
C HIS C 202 14.22 -23.25 -3.85
N GLN C 203 13.28 -22.30 -3.77
CA GLN C 203 13.31 -21.17 -4.70
C GLN C 203 14.58 -20.34 -4.56
N GLY C 204 15.20 -20.34 -3.39
CA GLY C 204 16.44 -19.62 -3.19
C GLY C 204 17.68 -20.30 -3.69
N LEU C 205 17.55 -21.52 -4.23
CA LEU C 205 18.68 -22.24 -4.81
C LEU C 205 18.50 -22.32 -6.32
N SER C 206 19.58 -22.02 -7.05
CA SER C 206 19.59 -22.09 -8.50
C SER C 206 19.57 -23.51 -9.03
N SER C 207 19.78 -24.49 -8.17
CA SER C 207 19.76 -25.90 -8.52
C SER C 207 19.75 -26.71 -7.22
N PRO C 208 19.27 -27.96 -7.27
CA PRO C 208 19.13 -28.75 -6.03
C PRO C 208 20.44 -28.93 -5.28
N VAL C 209 20.37 -28.80 -3.96
CA VAL C 209 21.51 -28.99 -3.06
C VAL C 209 21.39 -30.36 -2.42
N THR C 210 22.49 -31.12 -2.43
CA THR C 210 22.52 -32.45 -1.85
C THR C 210 23.57 -32.52 -0.75
N LYS C 211 23.22 -33.13 0.37
CA LYS C 211 24.16 -33.46 1.43
C LYS C 211 24.06 -34.96 1.69
N SER C 212 25.21 -35.59 1.90
CA SER C 212 25.23 -37.04 2.02
C SER C 212 26.36 -37.49 2.94
N PHE C 213 26.31 -38.77 3.29
CA PHE C 213 27.34 -39.42 4.07
C PHE C 213 27.32 -40.90 3.70
N ASN C 214 28.45 -41.56 3.94
CA ASN C 214 28.57 -43.00 3.72
C ASN C 214 28.58 -43.70 5.08
N ARG C 215 27.81 -44.78 5.18
CA ARG C 215 27.63 -45.45 6.45
C ARG C 215 28.96 -45.96 7.01
N GLY C 216 29.22 -45.65 8.27
CA GLY C 216 30.47 -46.02 8.90
C GLY C 216 31.67 -45.24 8.38
N GLU C 217 31.71 -43.94 8.65
CA GLU C 217 32.83 -43.10 8.26
C GLU C 217 33.10 -42.00 9.29
N GLN D 1 29.99 7.47 -15.24
CA GLN D 1 30.92 7.36 -14.12
C GLN D 1 30.18 7.42 -12.78
N SER D 2 29.32 8.43 -12.63
CA SER D 2 28.44 8.53 -11.47
C SER D 2 27.31 7.51 -11.59
N VAL D 3 26.97 6.87 -10.47
CA VAL D 3 26.06 5.75 -10.47
C VAL D 3 25.02 5.94 -9.36
N LEU D 4 23.76 5.71 -9.70
CA LEU D 4 22.69 5.51 -8.72
C LEU D 4 22.53 4.00 -8.57
N THR D 5 22.73 3.48 -7.36
CA THR D 5 22.69 2.04 -7.16
C THR D 5 21.34 1.64 -6.58
N GLN D 6 20.75 0.59 -7.16
CA GLN D 6 19.50 -0.04 -6.75
C GLN D 6 19.77 -1.51 -6.48
N PRO D 7 18.91 -2.15 -5.69
CA PRO D 7 19.05 -3.61 -5.52
C PRO D 7 18.78 -4.30 -6.85
N PRO D 8 19.53 -5.36 -7.17
CA PRO D 8 19.30 -6.03 -8.46
C PRO D 8 17.90 -6.59 -8.62
N SER D 9 17.28 -7.06 -7.55
CA SER D 9 15.98 -7.71 -7.67
C SER D 9 15.11 -7.37 -6.46
N ALA D 10 13.83 -7.70 -6.59
CA ALA D 10 12.83 -7.48 -5.56
C ALA D 10 11.65 -8.38 -5.89
N SER D 11 10.92 -8.78 -4.85
CA SER D 11 9.88 -9.79 -5.05
C SER D 11 8.78 -9.56 -4.02
N GLY D 12 7.60 -10.09 -4.33
CA GLY D 12 6.50 -9.97 -3.40
C GLY D 12 5.32 -10.84 -3.76
N THR D 13 4.56 -11.25 -2.75
CA THR D 13 3.33 -11.96 -3.01
C THR D 13 2.26 -10.98 -3.48
N PRO D 14 1.25 -11.46 -4.19
CA PRO D 14 0.19 -10.54 -4.66
C PRO D 14 -0.43 -9.79 -3.50
N GLY D 15 -0.39 -8.46 -3.57
CA GLY D 15 -0.86 -7.61 -2.51
C GLY D 15 0.22 -7.09 -1.59
N GLN D 16 1.39 -7.73 -1.59
CA GLN D 16 2.52 -7.27 -0.77
C GLN D 16 2.95 -5.87 -1.18
N ARG D 17 3.56 -5.15 -0.24
CA ARG D 17 4.15 -3.85 -0.53
C ARG D 17 5.64 -4.04 -0.78
N VAL D 18 6.07 -3.67 -1.99
CA VAL D 18 7.48 -3.76 -2.39
C VAL D 18 8.10 -2.37 -2.36
N THR D 19 9.35 -2.28 -1.91
CA THR D 19 10.03 -0.99 -1.82
C THR D 19 11.42 -1.10 -2.44
N ILE D 20 11.76 -0.14 -3.30
CA ILE D 20 12.99 -0.17 -4.07
C ILE D 20 13.82 1.06 -3.71
N SER D 21 15.05 0.82 -3.26
CA SER D 21 15.96 1.88 -2.90
C SER D 21 16.63 2.46 -4.14
N CYS D 22 17.18 3.66 -3.97
CA CYS D 22 17.99 4.29 -5.01
C CYS D 22 18.99 5.21 -4.29
N SER D 23 20.25 4.81 -4.26
CA SER D 23 21.27 5.48 -3.47
C SER D 23 22.17 6.31 -4.37
N GLY D 24 22.24 7.62 -4.10
CA GLY D 24 23.04 8.50 -4.93
C GLY D 24 24.08 9.28 -4.17
N SER D 25 24.38 10.49 -4.63
CA SER D 25 25.36 11.35 -4.00
C SER D 25 24.77 12.76 -3.87
N SER D 26 25.50 13.62 -3.17
CA SER D 26 25.07 15.01 -3.06
C SER D 26 25.01 15.71 -4.42
N SER D 27 25.66 15.15 -5.45
CA SER D 27 25.68 15.78 -6.77
C SER D 27 24.42 15.51 -7.59
N ASN D 28 23.74 14.39 -7.36
CA ASN D 28 22.57 14.07 -8.17
C ASN D 28 21.27 14.13 -7.36
N ILE D 29 20.96 13.06 -6.63
CA ILE D 29 19.71 13.03 -5.86
C ILE D 29 19.69 14.15 -4.82
N GLY D 30 20.84 14.44 -4.21
CA GLY D 30 20.91 15.46 -3.19
C GLY D 30 20.61 16.86 -3.68
N SER D 31 20.65 17.08 -5.01
CA SER D 31 20.43 18.41 -5.58
C SER D 31 19.30 18.49 -6.60
N ASN D 32 18.86 17.38 -7.18
CA ASN D 32 17.97 17.43 -8.31
C ASN D 32 16.82 16.45 -8.13
N PHE D 33 15.78 16.65 -8.94
CA PHE D 33 14.59 15.79 -8.92
C PHE D 33 14.94 14.35 -9.30
N VAL D 34 14.15 13.41 -8.77
CA VAL D 34 14.30 12.00 -9.06
C VAL D 34 13.12 11.55 -9.91
N TYR D 35 13.38 10.64 -10.84
CA TYR D 35 12.36 10.09 -11.72
C TYR D 35 12.45 8.57 -11.65
N TRP D 36 11.32 7.90 -11.88
CA TRP D 36 11.28 6.45 -11.91
C TRP D 36 10.62 5.98 -13.20
N TYR D 37 11.20 4.95 -13.80
CA TYR D 37 10.71 4.42 -15.06
C TYR D 37 10.39 2.95 -14.90
N GLN D 38 9.31 2.52 -15.55
CA GLN D 38 8.87 1.12 -15.51
C GLN D 38 8.97 0.54 -16.91
N GLN D 39 9.55 -0.65 -17.03
CA GLN D 39 9.67 -1.33 -18.32
C GLN D 39 9.10 -2.73 -18.17
N LEU D 40 7.91 -2.95 -18.74
CA LEU D 40 7.39 -4.30 -18.85
C LEU D 40 8.24 -5.08 -19.83
N PRO D 41 8.31 -6.40 -19.67
CA PRO D 41 9.15 -7.22 -20.55
C PRO D 41 8.78 -7.07 -22.02
N GLY D 42 9.80 -6.83 -22.85
CA GLY D 42 9.57 -6.68 -24.28
C GLY D 42 8.95 -5.37 -24.69
N THR D 43 8.90 -4.38 -23.81
CA THR D 43 8.36 -3.07 -24.15
C THR D 43 9.38 -2.01 -23.78
N ALA D 44 9.07 -0.79 -24.16
CA ALA D 44 9.94 0.33 -23.85
C ALA D 44 9.62 0.88 -22.47
N PRO D 45 10.58 1.57 -21.83
CA PRO D 45 10.32 2.15 -20.50
C PRO D 45 9.17 3.14 -20.54
N LYS D 46 8.43 3.18 -19.42
CA LYS D 46 7.34 4.13 -19.17
C LYS D 46 7.75 5.10 -18.08
N LEU D 47 7.33 6.35 -18.22
CA LEU D 47 7.39 7.26 -17.09
C LEU D 47 6.43 6.80 -16.00
N LEU D 48 6.94 6.61 -14.79
CA LEU D 48 6.16 6.13 -13.67
C LEU D 48 6.00 7.17 -12.57
N ILE D 49 7.07 7.88 -12.24
CA ILE D 49 7.10 8.89 -11.20
C ILE D 49 8.03 9.99 -11.69
N TYR D 50 7.61 11.23 -11.59
CA TYR D 50 8.48 12.34 -11.95
C TYR D 50 8.54 13.35 -10.83
N ARG D 51 9.68 14.05 -10.75
CA ARG D 51 9.92 15.09 -9.74
C ARG D 51 9.62 14.55 -8.33
N ASN D 52 10.30 13.45 -8.01
CA ASN D 52 10.27 12.81 -6.69
C ASN D 52 8.97 12.06 -6.46
N ASN D 53 7.82 12.71 -6.56
CA ASN D 53 6.58 12.09 -6.11
C ASN D 53 5.37 12.29 -7.01
N GLN D 54 5.52 12.93 -8.16
CA GLN D 54 4.37 13.14 -9.04
C GLN D 54 4.09 11.89 -9.87
N ARG D 55 2.81 11.54 -9.99
CA ARG D 55 2.44 10.44 -10.86
C ARG D 55 1.74 10.96 -12.10
N PRO D 56 2.12 10.50 -13.29
CA PRO D 56 1.38 10.85 -14.50
C PRO D 56 -0.06 10.33 -14.43
N SER D 57 -0.88 10.83 -15.35
CA SER D 57 -2.15 10.21 -15.61
C SER D 57 -1.91 8.82 -16.20
N GLY D 58 -2.70 7.86 -15.75
CA GLY D 58 -2.52 6.49 -16.22
C GLY D 58 -1.57 5.65 -15.38
N VAL D 59 -1.08 6.16 -14.27
CA VAL D 59 -0.26 5.42 -13.32
C VAL D 59 -1.06 5.25 -12.04
N PRO D 60 -1.37 4.02 -11.62
CA PRO D 60 -2.22 3.82 -10.44
C PRO D 60 -1.56 4.37 -9.18
N ASP D 61 -2.40 4.74 -8.20
CA ASP D 61 -1.90 5.40 -7.00
C ASP D 61 -1.22 4.45 -6.03
N ARG D 62 -1.11 3.17 -6.38
CA ARG D 62 -0.31 2.25 -5.58
C ARG D 62 1.19 2.42 -5.81
N PHE D 63 1.59 3.19 -6.81
CA PHE D 63 2.98 3.58 -7.00
C PHE D 63 3.19 4.95 -6.38
N SER D 64 4.24 5.08 -5.58
CA SER D 64 4.54 6.36 -4.98
C SER D 64 6.04 6.45 -4.79
N GLY D 65 6.56 7.66 -4.87
CA GLY D 65 7.98 7.89 -4.70
C GLY D 65 8.23 8.94 -3.64
N SER D 66 9.39 8.85 -3.00
CA SER D 66 9.83 9.84 -2.05
C SER D 66 11.32 10.06 -2.21
N ARG D 67 11.79 11.18 -1.65
CA ARG D 67 13.20 11.54 -1.69
C ARG D 67 13.61 12.00 -0.30
N SER D 68 14.69 11.43 0.22
CA SER D 68 15.23 11.80 1.53
C SER D 68 16.75 11.94 1.38
N GLY D 69 17.22 13.17 1.17
CA GLY D 69 18.64 13.41 1.12
C GLY D 69 19.27 12.89 -0.17
N THR D 70 20.33 12.09 -0.03
CA THR D 70 21.00 11.53 -1.18
C THR D 70 20.40 10.20 -1.61
N SER D 71 19.22 9.86 -1.12
CA SER D 71 18.58 8.61 -1.48
C SER D 71 17.13 8.86 -1.88
N ALA D 72 16.59 7.93 -2.66
CA ALA D 72 15.21 7.98 -3.12
C ALA D 72 14.64 6.58 -3.02
N SER D 73 13.32 6.47 -3.06
CA SER D 73 12.70 5.17 -2.90
C SER D 73 11.36 5.16 -3.61
N LEU D 74 11.10 4.07 -4.32
CA LEU D 74 9.81 3.79 -4.93
C LEU D 74 9.10 2.72 -4.12
N ALA D 75 7.78 2.89 -3.94
CA ALA D 75 6.99 1.93 -3.20
C ALA D 75 5.81 1.49 -4.06
N ILE D 76 5.62 0.18 -4.15
CA ILE D 76 4.49 -0.42 -4.85
C ILE D 76 3.61 -1.05 -3.80
N SER D 77 2.46 -0.44 -3.52
CA SER D 77 1.50 -1.05 -2.61
C SER D 77 0.64 -2.04 -3.38
N GLY D 78 0.30 -3.15 -2.74
CA GLY D 78 -0.51 -4.17 -3.38
C GLY D 78 0.05 -4.63 -4.72
N LEU D 79 1.19 -5.32 -4.70
CA LEU D 79 1.82 -5.78 -5.93
C LEU D 79 0.88 -6.67 -6.71
N ARG D 80 0.77 -6.42 -8.01
CA ARG D 80 -0.04 -7.21 -8.91
C ARG D 80 0.85 -7.88 -9.95
N SER D 81 0.31 -8.91 -10.59
CA SER D 81 1.08 -9.64 -11.59
C SER D 81 1.52 -8.74 -12.74
N GLU D 82 0.71 -7.74 -13.10
CA GLU D 82 1.08 -6.81 -14.16
C GLU D 82 2.21 -5.87 -13.78
N ASP D 83 2.66 -5.88 -12.53
CA ASP D 83 3.75 -5.04 -12.10
C ASP D 83 5.11 -5.67 -12.29
N GLU D 84 5.16 -6.94 -12.69
CA GLU D 84 6.42 -7.60 -12.98
C GLU D 84 7.12 -6.85 -14.09
N ALA D 85 8.25 -6.22 -13.77
CA ALA D 85 8.94 -5.34 -14.71
C ALA D 85 10.27 -4.96 -14.10
N ASP D 86 11.07 -4.24 -14.87
CA ASP D 86 12.29 -3.60 -14.40
C ASP D 86 11.97 -2.15 -14.01
N TYR D 87 12.51 -1.70 -12.90
CA TYR D 87 12.27 -0.34 -12.42
C TYR D 87 13.60 0.39 -12.33
N TYR D 88 13.68 1.56 -12.97
CA TYR D 88 14.89 2.38 -13.01
C TYR D 88 14.60 3.73 -12.37
N CYS D 89 15.42 4.13 -11.40
CA CYS D 89 15.40 5.52 -10.97
C CYS D 89 16.39 6.31 -11.82
N ALA D 90 16.36 7.63 -11.66
CA ALA D 90 17.13 8.50 -12.54
C ALA D 90 17.09 9.92 -11.99
N ALA D 91 18.14 10.68 -12.27
CA ALA D 91 18.24 12.06 -11.83
C ALA D 91 19.37 12.74 -12.57
N TRP D 92 19.27 14.06 -12.70
CA TRP D 92 20.38 14.83 -13.26
C TRP D 92 21.52 14.92 -12.26
N ASP D 93 22.75 14.91 -12.78
CA ASP D 93 23.96 14.95 -11.96
C ASP D 93 24.76 16.19 -12.32
N ASP D 94 25.01 17.04 -11.32
CA ASP D 94 25.66 18.32 -11.55
C ASP D 94 27.17 18.21 -11.79
N SER D 95 27.82 17.17 -11.28
CA SER D 95 29.26 17.08 -11.42
C SER D 95 29.65 16.86 -12.89
N LEU D 96 30.90 17.22 -13.20
CA LEU D 96 31.48 16.98 -14.53
C LEU D 96 30.73 17.73 -15.62
N GLY D 97 30.30 18.96 -15.31
CA GLY D 97 29.60 19.79 -16.27
C GLY D 97 28.16 19.41 -16.52
N GLY D 98 27.67 18.33 -15.93
CA GLY D 98 26.29 17.94 -16.13
C GLY D 98 26.18 16.66 -16.94
N HIS D 99 25.30 15.77 -16.49
CA HIS D 99 24.91 14.58 -17.23
C HIS D 99 23.74 13.91 -16.52
N TYR D 100 22.96 13.18 -17.30
CA TYR D 100 21.85 12.38 -16.80
C TYR D 100 22.38 11.02 -16.36
N VAL D 101 21.90 10.55 -15.22
CA VAL D 101 22.30 9.25 -14.67
C VAL D 101 21.05 8.39 -14.47
N PHE D 102 21.06 7.20 -15.06
CA PHE D 102 20.08 6.16 -14.77
C PHE D 102 20.60 5.25 -13.66
N GLY D 103 19.69 4.74 -12.85
CA GLY D 103 20.08 3.76 -11.86
C GLY D 103 20.30 2.39 -12.48
N THR D 104 20.93 1.50 -11.71
CA THR D 104 21.27 0.18 -12.22
C THR D 104 20.06 -0.72 -12.41
N GLY D 105 18.91 -0.36 -11.86
CA GLY D 105 17.71 -1.09 -12.22
C GLY D 105 17.42 -2.25 -11.28
N THR D 106 16.13 -2.52 -11.11
CA THR D 106 15.66 -3.55 -10.19
C THR D 106 14.58 -4.36 -10.89
N LYS D 107 14.77 -5.68 -10.97
CA LYS D 107 13.76 -6.56 -11.54
C LYS D 107 12.80 -6.97 -10.42
N VAL D 108 11.50 -6.80 -10.67
CA VAL D 108 10.46 -7.11 -9.71
C VAL D 108 9.70 -8.32 -10.23
N THR D 109 9.64 -9.38 -9.41
CA THR D 109 8.94 -10.61 -9.71
C THR D 109 7.87 -10.86 -8.65
N VAL D 110 6.87 -11.67 -9.01
CA VAL D 110 5.81 -12.06 -8.08
C VAL D 110 6.11 -13.45 -7.54
N LEU D 111 6.04 -13.61 -6.21
CA LEU D 111 6.17 -14.92 -5.57
C LEU D 111 4.80 -15.57 -5.51
N ARG D 112 4.61 -16.65 -6.25
CA ARG D 112 3.36 -17.38 -6.25
C ARG D 112 3.60 -18.79 -5.74
N THR D 113 2.58 -19.64 -5.88
CA THR D 113 2.68 -21.00 -5.41
C THR D 113 3.38 -21.87 -6.45
N VAL D 114 4.16 -22.84 -5.95
CA VAL D 114 4.83 -23.81 -6.81
C VAL D 114 3.82 -24.45 -7.76
N ALA D 115 4.20 -24.57 -9.03
CA ALA D 115 3.34 -25.17 -10.03
C ALA D 115 4.19 -26.00 -10.98
N ALA D 116 3.81 -27.25 -11.18
CA ALA D 116 4.56 -28.11 -12.04
C ALA D 116 4.32 -27.72 -13.50
N PRO D 117 5.30 -27.92 -14.38
CA PRO D 117 5.09 -27.65 -15.80
C PRO D 117 4.28 -28.73 -16.49
N SER D 118 3.67 -28.34 -17.61
CA SER D 118 3.16 -29.27 -18.60
C SER D 118 4.23 -29.44 -19.67
N VAL D 119 4.50 -30.69 -20.06
CA VAL D 119 5.57 -31.00 -21.00
C VAL D 119 4.96 -31.47 -22.31
N PHE D 120 5.40 -30.85 -23.41
CA PHE D 120 5.06 -31.26 -24.76
C PHE D 120 6.34 -31.47 -25.55
N ILE D 121 6.32 -32.44 -26.47
CA ILE D 121 7.50 -32.73 -27.28
C ILE D 121 7.11 -32.68 -28.76
N PHE D 122 7.98 -32.10 -29.58
CA PHE D 122 7.72 -31.88 -31.00
C PHE D 122 8.80 -32.53 -31.84
N PRO D 123 8.45 -33.41 -32.77
CA PRO D 123 9.45 -33.96 -33.69
C PRO D 123 9.85 -32.91 -34.71
N PRO D 124 11.00 -33.06 -35.35
CA PRO D 124 11.34 -32.14 -36.44
C PRO D 124 10.34 -32.27 -37.57
N SER D 125 10.09 -31.15 -38.25
CA SER D 125 9.23 -31.19 -39.42
C SER D 125 9.90 -31.96 -40.56
N ASP D 126 9.08 -32.48 -41.48
CA ASP D 126 9.63 -33.10 -42.68
C ASP D 126 10.32 -32.07 -43.56
N GLU D 127 9.81 -30.83 -43.57
CA GLU D 127 10.43 -29.78 -44.37
C GLU D 127 11.85 -29.48 -43.89
N GLN D 128 12.07 -29.48 -42.57
CA GLN D 128 13.42 -29.25 -42.07
C GLN D 128 14.35 -30.43 -42.35
N LEU D 129 13.81 -31.65 -42.34
CA LEU D 129 14.64 -32.82 -42.63
C LEU D 129 15.14 -32.79 -44.07
N LYS D 130 14.34 -32.26 -44.99
CA LYS D 130 14.77 -32.12 -46.38
C LYS D 130 16.01 -31.25 -46.52
N SER D 131 16.37 -30.47 -45.49
CA SER D 131 17.56 -29.63 -45.53
C SER D 131 18.72 -30.19 -44.71
N GLY D 132 18.54 -31.34 -44.05
CA GLY D 132 19.66 -32.06 -43.50
C GLY D 132 19.94 -31.87 -42.02
N THR D 133 19.10 -31.12 -41.31
CA THR D 133 19.24 -30.95 -39.87
C THR D 133 17.88 -31.23 -39.22
N ALA D 134 17.92 -31.76 -38.01
CA ALA D 134 16.72 -32.06 -37.23
C ALA D 134 16.74 -31.24 -35.95
N SER D 135 15.61 -30.61 -35.65
CA SER D 135 15.44 -29.86 -34.40
C SER D 135 14.28 -30.47 -33.63
N VAL D 136 14.55 -30.97 -32.42
CA VAL D 136 13.54 -31.55 -31.54
C VAL D 136 13.28 -30.57 -30.41
N VAL D 137 12.01 -30.26 -30.15
CA VAL D 137 11.65 -29.20 -29.21
C VAL D 137 10.86 -29.79 -28.06
N CYS D 138 11.29 -29.48 -26.84
CA CYS D 138 10.57 -29.82 -25.62
C CYS D 138 10.04 -28.53 -25.02
N LEU D 139 8.74 -28.50 -24.72
CA LEU D 139 8.09 -27.32 -24.15
C LEU D 139 7.65 -27.63 -22.72
N LEU D 140 8.08 -26.79 -21.77
CA LEU D 140 7.65 -26.83 -20.38
C LEU D 140 6.76 -25.61 -20.16
N ASN D 141 5.46 -25.85 -19.96
CA ASN D 141 4.47 -24.78 -20.02
C ASN D 141 3.99 -24.41 -18.62
N ASN D 142 4.08 -23.12 -18.29
CA ASN D 142 3.35 -22.49 -17.18
C ASN D 142 3.70 -23.11 -15.84
N PHE D 143 4.96 -22.94 -15.46
CA PHE D 143 5.45 -23.52 -14.22
C PHE D 143 6.04 -22.44 -13.33
N TYR D 144 6.22 -22.80 -12.06
CA TYR D 144 6.79 -21.91 -11.10
C TYR D 144 7.37 -22.78 -10.00
N PRO D 145 8.58 -22.50 -9.51
CA PRO D 145 9.45 -21.37 -9.91
C PRO D 145 10.26 -21.57 -11.19
N ARG D 146 11.24 -20.67 -11.36
CA ARG D 146 11.90 -20.50 -12.65
C ARG D 146 12.88 -21.64 -12.95
N GLU D 147 13.56 -22.16 -11.93
CA GLU D 147 14.59 -23.17 -12.14
C GLU D 147 13.97 -24.51 -12.58
N ALA D 148 14.55 -25.11 -13.60
CA ALA D 148 14.07 -26.38 -14.13
C ALA D 148 15.22 -27.04 -14.85
N LYS D 149 15.16 -28.37 -14.89
CA LYS D 149 16.18 -29.16 -15.57
C LYS D 149 15.53 -29.91 -16.73
N VAL D 150 16.09 -29.73 -17.93
CA VAL D 150 15.71 -30.50 -19.10
C VAL D 150 16.88 -31.41 -19.46
N GLN D 151 16.58 -32.70 -19.62
CA GLN D 151 17.58 -33.71 -19.91
C GLN D 151 17.11 -34.53 -21.11
N TRP D 152 17.85 -34.47 -22.20
CA TRP D 152 17.49 -35.21 -23.40
C TRP D 152 18.04 -36.63 -23.36
N LYS D 153 17.21 -37.59 -23.81
CA LYS D 153 17.60 -38.98 -23.98
C LYS D 153 17.24 -39.42 -25.39
N VAL D 154 18.19 -40.08 -26.05
CA VAL D 154 18.00 -40.64 -27.38
C VAL D 154 18.21 -42.15 -27.26
N ASP D 155 17.13 -42.92 -27.36
CA ASP D 155 17.13 -44.34 -27.02
C ASP D 155 17.67 -44.55 -25.61
N ASN D 156 17.24 -43.69 -24.68
CA ASN D 156 17.60 -43.71 -23.27
C ASN D 156 19.07 -43.33 -23.01
N ALA D 157 19.81 -42.96 -24.04
CA ALA D 157 21.17 -42.45 -23.85
C ALA D 157 21.12 -40.95 -23.59
N LEU D 158 21.55 -40.53 -22.40
CA LEU D 158 21.51 -39.12 -22.04
C LEU D 158 22.40 -38.30 -22.95
N GLN D 159 21.88 -37.16 -23.42
CA GLN D 159 22.62 -36.28 -24.30
C GLN D 159 23.33 -35.19 -23.51
N SER D 160 24.33 -34.59 -24.13
CA SER D 160 24.99 -33.41 -23.57
C SER D 160 25.59 -32.59 -24.71
N GLY D 161 25.51 -31.27 -24.57
CA GLY D 161 26.19 -30.34 -25.44
C GLY D 161 25.49 -30.04 -26.75
N ASN D 162 24.36 -30.67 -27.05
CA ASN D 162 23.67 -30.49 -28.31
C ASN D 162 22.27 -29.90 -28.12
N SER D 163 22.07 -29.13 -27.05
CA SER D 163 20.75 -28.57 -26.76
C SER D 163 20.91 -27.14 -26.27
N GLN D 164 19.84 -26.36 -26.40
CA GLN D 164 19.82 -24.98 -25.94
C GLN D 164 18.44 -24.65 -25.37
N GLU D 165 18.45 -23.82 -24.32
CA GLU D 165 17.24 -23.48 -23.58
C GLU D 165 16.95 -22.00 -23.72
N SER D 166 15.69 -21.66 -23.61
CA SER D 166 15.25 -20.28 -23.52
C SER D 166 14.03 -20.23 -22.62
N VAL D 167 13.99 -19.25 -21.73
CA VAL D 167 12.96 -19.13 -20.72
C VAL D 167 12.26 -17.79 -20.91
N THR D 168 10.94 -17.79 -20.74
CA THR D 168 10.19 -16.55 -20.86
C THR D 168 10.39 -15.68 -19.62
N GLU D 169 9.99 -14.43 -19.73
CA GLU D 169 9.81 -13.63 -18.55
C GLU D 169 8.54 -14.08 -17.83
N GLN D 170 8.42 -13.66 -16.57
CA GLN D 170 7.26 -14.03 -15.77
C GLN D 170 5.97 -13.53 -16.42
N ASP D 171 4.97 -14.41 -16.44
CA ASP D 171 3.75 -14.12 -17.19
C ASP D 171 2.94 -13.00 -16.54
N SER D 172 2.35 -12.14 -17.37
CA SER D 172 1.72 -10.91 -16.90
C SER D 172 0.53 -11.16 -15.99
N LYS D 173 -0.17 -12.28 -16.12
CA LYS D 173 -1.41 -12.50 -15.39
C LYS D 173 -1.36 -13.62 -14.35
N ASP D 174 -0.62 -14.70 -14.60
CA ASP D 174 -0.60 -15.83 -13.68
C ASP D 174 0.77 -16.09 -13.07
N SER D 175 1.78 -15.28 -13.41
CA SER D 175 3.10 -15.28 -12.76
C SER D 175 3.86 -16.59 -12.96
N THR D 176 3.63 -17.28 -14.07
CA THR D 176 4.39 -18.49 -14.40
C THR D 176 5.45 -18.19 -15.46
N TYR D 177 6.37 -19.14 -15.60
CA TYR D 177 7.34 -19.17 -16.67
C TYR D 177 7.06 -20.33 -17.61
N SER D 178 7.57 -20.21 -18.83
CA SER D 178 7.62 -21.33 -19.76
C SER D 178 9.03 -21.43 -20.33
N LEU D 179 9.36 -22.63 -20.79
CA LEU D 179 10.72 -22.94 -21.20
C LEU D 179 10.67 -23.80 -22.46
N SER D 180 11.54 -23.48 -23.41
CA SER D 180 11.72 -24.28 -24.61
C SER D 180 13.16 -24.79 -24.64
N SER D 181 13.32 -26.07 -24.91
CA SER D 181 14.64 -26.67 -25.07
C SER D 181 14.66 -27.35 -26.42
N THR D 182 15.71 -27.07 -27.19
CA THR D 182 15.83 -27.57 -28.56
C THR D 182 17.07 -28.45 -28.68
N LEU D 183 16.87 -29.67 -29.15
CA LEU D 183 17.96 -30.60 -29.44
C LEU D 183 18.22 -30.58 -30.96
N THR D 184 19.47 -30.30 -31.33
CA THR D 184 19.85 -30.16 -32.74
C THR D 184 20.76 -31.32 -33.11
N LEU D 185 20.31 -32.15 -34.06
CA LEU D 185 21.08 -33.25 -34.62
C LEU D 185 21.12 -33.12 -36.13
N SER D 186 22.13 -33.75 -36.73
CA SER D 186 22.12 -33.91 -38.17
C SER D 186 21.00 -34.87 -38.58
N LYS D 187 20.57 -34.75 -39.83
CA LYS D 187 19.52 -35.64 -40.33
C LYS D 187 19.94 -37.10 -40.23
N ALA D 188 21.22 -37.38 -40.50
CA ALA D 188 21.71 -38.75 -40.48
C ALA D 188 21.66 -39.34 -39.08
N ASP D 189 22.07 -38.57 -38.08
CA ASP D 189 22.00 -39.04 -36.70
C ASP D 189 20.56 -39.21 -36.26
N TYR D 190 19.68 -38.31 -36.71
CA TYR D 190 18.30 -38.37 -36.27
C TYR D 190 17.63 -39.67 -36.70
N GLU D 191 17.94 -40.15 -37.91
CA GLU D 191 17.31 -41.37 -38.40
C GLU D 191 17.92 -42.64 -37.84
N LYS D 192 19.12 -42.55 -37.26
CA LYS D 192 19.79 -43.70 -36.64
C LYS D 192 19.18 -44.11 -35.30
N HIS D 193 18.20 -43.37 -34.78
CA HIS D 193 17.64 -43.71 -33.48
C HIS D 193 16.14 -43.57 -33.53
N LYS D 194 15.48 -44.19 -32.55
CA LYS D 194 14.03 -44.38 -32.55
C LYS D 194 13.31 -43.53 -31.51
N VAL D 195 13.72 -43.60 -30.25
CA VAL D 195 12.99 -42.96 -29.16
C VAL D 195 13.70 -41.66 -28.79
N TYR D 196 12.96 -40.56 -28.87
CA TYR D 196 13.46 -39.25 -28.49
C TYR D 196 12.66 -38.80 -27.28
N ALA D 197 13.35 -38.53 -26.18
CA ALA D 197 12.71 -38.28 -24.91
C ALA D 197 13.34 -37.04 -24.27
N CYS D 198 12.50 -36.22 -23.67
CA CYS D 198 12.96 -35.10 -22.87
CA CYS D 198 12.95 -35.09 -22.87
C CYS D 198 12.44 -35.28 -21.45
N GLU D 199 13.35 -35.27 -20.49
CA GLU D 199 13.05 -35.61 -19.11
C GLU D 199 13.18 -34.37 -18.24
N VAL D 200 12.17 -34.11 -17.42
CA VAL D 200 12.01 -32.83 -16.74
C VAL D 200 12.04 -33.05 -15.23
N THR D 201 12.91 -32.30 -14.55
CA THR D 201 12.98 -32.23 -13.10
C THR D 201 12.59 -30.83 -12.65
N HIS D 202 11.77 -30.74 -11.60
CA HIS D 202 11.25 -29.46 -11.13
C HIS D 202 10.78 -29.61 -9.68
N GLN D 203 10.70 -28.48 -8.98
CA GLN D 203 10.23 -28.49 -7.60
C GLN D 203 8.77 -28.92 -7.50
N GLY D 204 7.98 -28.71 -8.55
CA GLY D 204 6.59 -29.13 -8.53
C GLY D 204 6.36 -30.59 -8.84
N LEU D 205 7.38 -31.32 -9.27
CA LEU D 205 7.26 -32.74 -9.62
C LEU D 205 8.02 -33.57 -8.59
N SER D 206 7.32 -34.53 -7.98
CA SER D 206 7.98 -35.39 -6.99
C SER D 206 8.94 -36.37 -7.66
N SER D 207 8.76 -36.64 -8.95
CA SER D 207 9.68 -37.47 -9.70
C SER D 207 9.72 -36.95 -11.13
N PRO D 208 10.83 -37.13 -11.85
CA PRO D 208 10.97 -36.54 -13.18
C PRO D 208 9.89 -37.03 -14.14
N VAL D 209 9.37 -36.11 -14.94
CA VAL D 209 8.40 -36.44 -15.98
C VAL D 209 9.13 -36.57 -17.31
N THR D 210 8.74 -37.57 -18.10
CA THR D 210 9.33 -37.84 -19.39
C THR D 210 8.23 -37.80 -20.44
N LYS D 211 8.46 -37.03 -21.49
CA LYS D 211 7.66 -37.08 -22.70
C LYS D 211 8.58 -37.54 -23.83
N SER D 212 8.04 -38.37 -24.71
CA SER D 212 8.86 -38.94 -25.76
C SER D 212 8.01 -39.24 -26.97
N PHE D 213 8.69 -39.56 -28.08
CA PHE D 213 8.02 -40.04 -29.28
C PHE D 213 8.93 -41.03 -29.99
N ASN D 214 8.32 -41.93 -30.76
CA ASN D 214 9.05 -42.83 -31.65
C ASN D 214 9.10 -42.23 -33.04
N ARG D 215 10.31 -42.12 -33.58
CA ARG D 215 10.51 -41.50 -34.88
C ARG D 215 9.71 -42.24 -35.96
N GLY D 216 8.81 -41.52 -36.61
CA GLY D 216 8.05 -42.07 -37.72
C GLY D 216 6.79 -42.82 -37.34
N GLU D 217 6.06 -42.36 -36.32
CA GLU D 217 4.83 -43.03 -35.91
C GLU D 217 3.70 -42.03 -35.70
N GLN E 1 2.36 50.51 2.07
CA GLN E 1 1.48 49.37 1.80
C GLN E 1 0.05 49.72 2.23
N VAL E 2 -0.86 49.67 1.25
CA VAL E 2 -2.23 50.08 1.51
C VAL E 2 -2.85 49.19 2.56
N GLN E 3 -3.56 49.81 3.50
CA GLN E 3 -4.23 49.11 4.58
C GLN E 3 -5.59 49.75 4.82
N LEU E 4 -6.61 48.91 4.93
CA LEU E 4 -7.98 49.35 5.19
C LEU E 4 -8.56 48.44 6.26
N VAL E 5 -9.07 49.02 7.34
CA VAL E 5 -9.55 48.25 8.49
C VAL E 5 -10.95 48.77 8.86
N GLU E 6 -11.97 47.98 8.51
CA GLU E 6 -13.34 48.29 8.90
C GLU E 6 -13.58 47.93 10.36
N SER E 7 -14.41 48.73 11.03
CA SER E 7 -14.93 48.31 12.32
C SER E 7 -16.39 48.72 12.40
N GLY E 8 -17.06 48.26 13.45
CA GLY E 8 -18.39 48.68 13.78
C GLY E 8 -19.44 47.62 13.59
N GLY E 9 -19.08 46.47 13.03
CA GLY E 9 -20.00 45.37 12.87
C GLY E 9 -20.41 44.76 14.21
N GLY E 10 -21.20 43.69 14.11
CA GLY E 10 -21.85 43.06 15.24
C GLY E 10 -23.32 42.92 14.97
N SER E 11 -24.10 42.64 16.01
CA SER E 11 -25.52 42.42 15.83
C SER E 11 -26.30 43.70 16.15
N VAL E 12 -27.47 43.82 15.52
CA VAL E 12 -28.32 44.99 15.67
C VAL E 12 -29.75 44.58 15.36
N GLN E 13 -30.70 45.10 16.14
CA GLN E 13 -32.09 44.72 15.94
C GLN E 13 -32.61 45.31 14.62
N PRO E 14 -33.48 44.59 13.91
CA PRO E 14 -34.14 45.18 12.75
C PRO E 14 -34.87 46.48 13.12
N GLY E 15 -34.69 47.50 12.27
CA GLY E 15 -35.21 48.82 12.52
C GLY E 15 -34.20 49.78 13.14
N ARG E 16 -33.18 49.24 13.82
CA ARG E 16 -32.18 50.07 14.50
C ARG E 16 -31.15 50.63 13.51
N SER E 17 -30.25 51.45 14.03
CA SER E 17 -29.20 52.10 13.27
C SER E 17 -27.86 51.54 13.66
N LEU E 18 -26.90 51.64 12.75
CA LEU E 18 -25.54 51.17 13.00
C LEU E 18 -24.60 51.98 12.12
N ARG E 19 -23.45 52.35 12.65
CA ARG E 19 -22.49 53.20 11.96
C ARG E 19 -21.18 52.44 11.79
N LEU E 20 -20.77 52.23 10.54
CA LEU E 20 -19.50 51.58 10.24
C LEU E 20 -18.41 52.62 9.96
N SER E 21 -17.17 52.23 10.23
CA SER E 21 -16.02 53.10 9.99
C SER E 21 -14.89 52.30 9.35
N CYS E 22 -14.05 53.00 8.59
CA CYS E 22 -12.91 52.42 7.90
C CYS E 22 -11.70 53.31 8.13
N GLU E 23 -10.61 52.74 8.65
CA GLU E 23 -9.38 53.48 8.85
C GLU E 23 -8.40 53.13 7.73
N ALA E 24 -7.99 54.14 6.97
CA ALA E 24 -7.10 53.94 5.84
C ALA E 24 -5.70 54.41 6.18
N SER E 25 -4.70 53.64 5.73
CA SER E 25 -3.31 54.08 5.84
C SER E 25 -2.53 53.52 4.65
N GLY E 26 -1.35 54.10 4.42
CA GLY E 26 -0.45 53.61 3.40
C GLY E 26 -0.67 54.17 2.01
N PHE E 27 -1.50 55.19 1.87
CA PHE E 27 -1.70 55.88 0.60
C PHE E 27 -2.25 57.26 0.93
N THR E 28 -2.32 58.11 -0.08
CA THR E 28 -2.78 59.48 0.13
C THR E 28 -4.31 59.45 0.05
N PHE E 29 -4.92 59.21 1.22
CA PHE E 29 -6.36 59.00 1.31
C PHE E 29 -7.14 60.11 0.62
N GLU E 30 -6.74 61.37 0.83
CA GLU E 30 -7.46 62.53 0.34
C GLU E 30 -7.47 62.65 -1.19
N ALA E 31 -6.89 61.72 -1.94
CA ALA E 31 -6.86 61.79 -3.40
C ALA E 31 -7.72 60.73 -4.07
N TYR E 32 -8.37 59.85 -3.32
CA TYR E 32 -9.07 58.72 -3.91
C TYR E 32 -10.53 58.69 -3.51
N ALA E 33 -11.38 58.40 -4.48
CA ALA E 33 -12.73 57.98 -4.17
C ALA E 33 -12.66 56.69 -3.35
N MET E 34 -13.58 56.58 -2.39
CA MET E 34 -13.70 55.40 -1.55
C MET E 34 -15.12 54.86 -1.70
N HIS E 35 -15.28 53.56 -1.52
CA HIS E 35 -16.55 52.88 -1.75
C HIS E 35 -16.81 51.87 -0.64
N TRP E 36 -18.10 51.54 -0.48
CA TRP E 36 -18.53 50.43 0.36
C TRP E 36 -19.17 49.37 -0.53
N VAL E 37 -18.78 48.12 -0.32
CA VAL E 37 -19.35 46.96 -0.99
C VAL E 37 -19.75 45.99 0.10
N ARG E 38 -20.80 45.21 -0.13
CA ARG E 38 -21.25 44.26 0.86
C ARG E 38 -21.51 42.90 0.23
N GLN E 39 -21.62 41.90 1.09
CA GLN E 39 -21.74 40.50 0.71
C GLN E 39 -22.39 39.71 1.85
N PRO E 40 -23.66 39.33 1.75
CA PRO E 40 -24.23 38.43 2.74
C PRO E 40 -23.43 37.13 2.77
N PRO E 41 -23.26 36.52 3.95
CA PRO E 41 -22.40 35.34 4.04
C PRO E 41 -22.90 34.21 3.14
N GLY E 42 -21.99 33.67 2.33
CA GLY E 42 -22.31 32.62 1.40
C GLY E 42 -22.81 33.08 0.04
N LYS E 43 -23.04 34.38 -0.13
CA LYS E 43 -23.66 34.93 -1.34
C LYS E 43 -22.69 35.84 -2.06
N GLY E 44 -23.22 36.59 -3.03
CA GLY E 44 -22.40 37.37 -3.94
C GLY E 44 -22.15 38.79 -3.46
N LEU E 45 -21.60 39.60 -4.36
CA LEU E 45 -21.17 40.95 -4.04
C LEU E 45 -22.20 41.96 -4.50
N GLU E 46 -22.37 43.02 -3.71
CA GLU E 46 -23.30 44.10 -4.05
C GLU E 46 -22.68 45.44 -3.69
N TRP E 47 -22.55 46.31 -4.68
CA TRP E 47 -22.12 47.67 -4.42
C TRP E 47 -23.13 48.40 -3.55
N VAL E 48 -22.63 49.22 -2.63
CA VAL E 48 -23.47 49.90 -1.64
C VAL E 48 -23.46 51.39 -1.85
N SER E 49 -22.27 51.99 -1.92
CA SER E 49 -22.15 53.44 -1.90
C SER E 49 -20.74 53.84 -2.36
N SER E 50 -20.62 55.10 -2.79
CA SER E 50 -19.36 55.63 -3.31
C SER E 50 -19.27 57.11 -2.97
N ILE E 51 -18.05 57.58 -2.68
CA ILE E 51 -17.84 58.99 -2.35
C ILE E 51 -16.49 59.41 -2.92
N ASN E 52 -16.46 60.55 -3.61
CA ASN E 52 -15.20 60.95 -4.23
C ASN E 52 -14.36 61.74 -3.22
N TRP E 53 -13.22 62.26 -3.68
CA TRP E 53 -12.18 62.71 -2.75
C TRP E 53 -12.64 63.88 -1.89
N ASN E 54 -13.44 64.79 -2.43
CA ASN E 54 -13.84 65.97 -1.67
C ASN E 54 -15.29 65.92 -1.24
N SER E 55 -15.89 64.72 -1.24
CA SER E 55 -17.30 64.47 -0.91
C SER E 55 -18.27 65.22 -1.83
N GLY E 56 -17.79 65.75 -2.96
CA GLY E 56 -18.69 66.45 -3.86
C GLY E 56 -19.61 65.54 -4.66
N ARG E 57 -19.20 64.31 -4.89
CA ARG E 57 -20.00 63.35 -5.64
C ARG E 57 -20.22 62.11 -4.79
N ILE E 58 -21.48 61.81 -4.50
CA ILE E 58 -21.88 60.67 -3.69
C ILE E 58 -22.96 59.90 -4.44
N ALA E 59 -22.85 58.57 -4.44
CA ALA E 59 -23.85 57.72 -5.07
C ALA E 59 -24.22 56.57 -4.14
N TYR E 60 -25.44 56.06 -4.32
CA TYR E 60 -25.99 55.00 -3.50
C TYR E 60 -26.68 53.97 -4.38
N ALA E 61 -26.56 52.70 -4.00
CA ALA E 61 -27.38 51.66 -4.62
C ALA E 61 -28.85 51.86 -4.26
N ASP E 62 -29.73 51.50 -5.18
CA ASP E 62 -31.18 51.63 -4.95
C ASP E 62 -31.62 50.94 -3.66
N SER E 63 -31.00 49.83 -3.31
CA SER E 63 -31.48 49.08 -2.16
C SER E 63 -31.19 49.76 -0.83
N VAL E 64 -30.36 50.80 -0.81
CA VAL E 64 -30.03 51.48 0.44
C VAL E 64 -30.30 52.98 0.36
N LYS E 65 -30.64 53.50 -0.81
CA LYS E 65 -30.99 54.92 -0.96
C LYS E 65 -32.05 55.33 0.04
N GLY E 66 -31.83 56.47 0.69
CA GLY E 66 -32.73 56.95 1.72
C GLY E 66 -32.48 56.42 3.11
N ARG E 67 -31.67 55.37 3.24
CA ARG E 67 -31.38 54.78 4.55
C ARG E 67 -29.93 54.85 4.96
N PHE E 68 -29.01 54.81 4.00
CA PHE E 68 -27.59 54.84 4.30
C PHE E 68 -27.05 56.21 3.93
N THR E 69 -26.01 56.63 4.66
CA THR E 69 -25.34 57.91 4.43
C THR E 69 -23.84 57.67 4.48
N ILE E 70 -23.16 57.91 3.38
CA ILE E 70 -21.72 57.73 3.33
C ILE E 70 -21.06 59.07 3.59
N SER E 71 -19.99 59.07 4.36
CA SER E 71 -19.24 60.31 4.61
C SER E 71 -17.78 59.94 4.83
N ARG E 72 -16.92 60.95 4.79
CA ARG E 72 -15.49 60.71 4.95
C ARG E 72 -14.89 61.87 5.71
N ASP E 73 -13.72 61.63 6.28
CA ASP E 73 -12.98 62.65 7.02
C ASP E 73 -11.52 62.52 6.57
N ASN E 74 -11.12 63.39 5.64
CA ASN E 74 -9.80 63.25 5.03
C ASN E 74 -8.68 63.48 6.02
N ALA E 75 -8.85 64.39 6.98
CA ALA E 75 -7.82 64.61 7.98
C ALA E 75 -7.67 63.44 8.94
N ARG E 76 -8.68 62.59 9.07
CA ARG E 76 -8.57 61.41 9.91
C ARG E 76 -8.35 60.14 9.10
N ASN E 77 -8.12 60.27 7.80
CA ASN E 77 -7.99 59.13 6.88
C ASN E 77 -9.08 58.08 7.12
N SER E 78 -10.33 58.53 7.21
CA SER E 78 -11.41 57.65 7.59
C SER E 78 -12.62 57.79 6.68
N LEU E 79 -13.32 56.68 6.52
CA LEU E 79 -14.53 56.57 5.74
C LEU E 79 -15.62 56.04 6.66
N TYR E 80 -16.84 56.55 6.53
CA TYR E 80 -17.93 56.15 7.40
C TYR E 80 -19.17 55.76 6.60
N LEU E 81 -20.01 54.95 7.23
CA LEU E 81 -21.29 54.54 6.66
C LEU E 81 -22.33 54.52 7.77
N GLN E 82 -23.28 55.44 7.72
CA GLN E 82 -24.40 55.48 8.66
C GLN E 82 -25.56 54.69 8.05
N MET E 83 -25.92 53.58 8.69
CA MET E 83 -26.98 52.70 8.20
C MET E 83 -28.19 52.83 9.10
N ASN E 84 -29.31 53.30 8.55
CA ASN E 84 -30.56 53.44 9.28
C ASN E 84 -31.59 52.41 8.83
N SER E 85 -32.57 52.16 9.69
CA SER E 85 -33.71 51.30 9.40
C SER E 85 -33.26 49.97 8.80
N LEU E 86 -32.32 49.33 9.48
CA LEU E 86 -31.76 48.07 9.00
C LEU E 86 -32.80 46.96 8.93
N ARG E 87 -32.59 46.04 8.00
CA ARG E 87 -33.47 44.89 7.81
C ARG E 87 -32.61 43.64 7.79
N LEU E 88 -33.23 42.48 8.00
CA LEU E 88 -32.48 41.24 7.95
C LEU E 88 -31.66 41.13 6.67
N GLU E 89 -32.23 41.59 5.55
CA GLU E 89 -31.52 41.42 4.28
C GLU E 89 -30.32 42.36 4.15
N ASP E 90 -30.06 43.22 5.15
CA ASP E 90 -28.86 44.02 5.21
C ASP E 90 -27.70 43.31 5.90
N THR E 91 -27.94 42.10 6.44
CA THR E 91 -26.89 41.27 7.00
C THR E 91 -25.82 40.97 5.94
N ALA E 92 -24.58 41.36 6.23
CA ALA E 92 -23.53 41.23 5.24
C ALA E 92 -22.19 41.58 5.86
N PHE E 93 -21.13 41.05 5.25
CA PHE E 93 -19.82 41.65 5.39
C PHE E 93 -19.82 42.98 4.65
N TYR E 94 -19.37 44.03 5.31
CA TYR E 94 -19.28 45.33 4.68
C TYR E 94 -17.80 45.61 4.45
N TYR E 95 -17.44 45.74 3.18
CA TYR E 95 -16.07 46.01 2.77
C TYR E 95 -15.92 47.47 2.39
N CYS E 96 -14.79 48.02 2.78
CA CYS E 96 -14.33 49.35 2.43
C CYS E 96 -13.32 49.18 1.29
N ALA E 97 -13.47 49.95 0.21
CA ALA E 97 -12.60 49.77 -0.94
C ALA E 97 -12.06 51.10 -1.45
N LYS E 98 -10.78 51.08 -1.83
CA LYS E 98 -10.10 52.23 -2.42
C LYS E 98 -10.17 52.14 -3.93
N ASP E 99 -10.39 53.29 -4.57
CA ASP E 99 -10.45 53.32 -6.02
C ASP E 99 -9.05 53.24 -6.64
N ILE E 100 -9.00 52.82 -7.91
CA ILE E 100 -7.75 52.86 -8.66
C ILE E 100 -7.37 54.30 -8.98
N ARG E 101 -8.36 55.13 -9.31
CA ARG E 101 -8.12 56.43 -9.90
C ARG E 101 -7.92 57.51 -8.85
N ARG E 102 -7.17 58.54 -9.21
CA ARG E 102 -7.02 59.76 -8.43
C ARG E 102 -8.02 60.79 -8.92
N PHE E 103 -8.71 61.44 -7.97
CA PHE E 103 -9.54 62.61 -8.26
C PHE E 103 -10.62 62.31 -9.31
N SER E 104 -11.09 61.06 -9.36
CA SER E 104 -12.25 60.76 -10.18
C SER E 104 -13.50 61.33 -9.53
N THR E 105 -14.58 61.37 -10.31
CA THR E 105 -15.85 61.91 -9.85
C THR E 105 -16.99 60.91 -9.87
N GLY E 106 -16.99 59.94 -10.79
CA GLY E 106 -18.05 58.97 -10.86
C GLY E 106 -17.51 57.57 -11.11
N GLY E 107 -18.43 56.63 -11.23
CA GLY E 107 -18.06 55.24 -11.48
C GLY E 107 -17.33 54.65 -10.29
N ALA E 108 -16.83 53.43 -10.48
CA ALA E 108 -16.11 52.78 -9.40
C ALA E 108 -15.18 51.72 -9.94
N GLU E 109 -13.95 51.70 -9.43
CA GLU E 109 -13.00 50.61 -9.62
C GLU E 109 -12.40 50.29 -8.25
N PHE E 110 -12.52 49.04 -7.80
CA PHE E 110 -12.15 48.68 -6.43
C PHE E 110 -10.74 48.06 -6.42
N GLU E 111 -9.73 48.87 -6.09
CA GLU E 111 -8.35 48.43 -6.18
C GLU E 111 -7.92 47.60 -4.99
N TYR E 112 -8.23 48.06 -3.78
CA TYR E 112 -7.89 47.34 -2.56
C TYR E 112 -9.12 47.33 -1.67
N TRP E 113 -9.35 46.21 -1.00
CA TRP E 113 -10.48 46.05 -0.11
C TRP E 113 -9.97 45.72 1.28
N GLY E 114 -10.62 46.28 2.30
CA GLY E 114 -10.42 45.78 3.65
C GLY E 114 -11.02 44.40 3.81
N GLN E 115 -10.66 43.73 4.91
CA GLN E 115 -11.13 42.37 5.11
C GLN E 115 -12.61 42.30 5.46
N GLY E 116 -13.22 43.42 5.85
CA GLY E 116 -14.65 43.53 6.05
C GLY E 116 -15.02 43.41 7.52
N THR E 117 -16.14 44.04 7.87
CA THR E 117 -16.77 43.87 9.18
C THR E 117 -18.17 43.29 8.97
N LEU E 118 -18.53 42.30 9.79
CA LEU E 118 -19.78 41.55 9.62
C LEU E 118 -20.90 42.20 10.41
N VAL E 119 -21.95 42.63 9.72
CA VAL E 119 -23.16 43.16 10.33
C VAL E 119 -24.22 42.07 10.29
N THR E 120 -24.73 41.69 11.46
CA THR E 120 -25.83 40.74 11.55
C THR E 120 -27.06 41.52 12.04
N VAL E 121 -28.07 41.62 11.19
CA VAL E 121 -29.35 42.17 11.58
C VAL E 121 -30.22 41.02 12.04
N SER E 122 -30.67 41.07 13.28
CA SER E 122 -31.35 39.92 13.88
C SER E 122 -32.09 40.37 15.11
N SER E 123 -33.17 39.66 15.44
CA SER E 123 -33.82 39.90 16.71
C SER E 123 -33.13 39.16 17.86
N ALA E 124 -32.21 38.25 17.55
CA ALA E 124 -31.48 37.54 18.59
C ALA E 124 -30.49 38.48 19.27
N SER E 125 -30.19 38.19 20.52
CA SER E 125 -29.30 39.02 21.29
C SER E 125 -27.92 38.39 21.36
N THR E 126 -26.93 39.25 21.63
CA THR E 126 -25.54 38.80 21.66
C THR E 126 -25.32 37.82 22.81
N LYS E 127 -24.53 36.78 22.54
CA LYS E 127 -24.18 35.79 23.54
C LYS E 127 -22.77 35.31 23.27
N GLY E 128 -21.90 35.41 24.27
CA GLY E 128 -20.53 34.95 24.11
C GLY E 128 -20.42 33.44 24.15
N PRO E 129 -19.33 32.92 23.61
CA PRO E 129 -19.16 31.47 23.51
C PRO E 129 -18.62 30.84 24.78
N SER E 130 -18.90 29.55 24.94
CA SER E 130 -18.11 28.68 25.81
C SER E 130 -17.06 27.98 24.96
N VAL E 131 -15.85 27.82 25.51
CA VAL E 131 -14.76 27.13 24.83
C VAL E 131 -14.48 25.83 25.56
N PHE E 132 -14.57 24.72 24.84
CA PHE E 132 -14.28 23.43 25.43
C PHE E 132 -13.13 22.78 24.67
N PRO E 133 -12.29 22.01 25.36
CA PRO E 133 -11.17 21.38 24.66
C PRO E 133 -11.60 20.14 23.89
N LEU E 134 -10.97 19.95 22.74
CA LEU E 134 -11.03 18.68 22.01
C LEU E 134 -9.69 17.99 22.28
N ALA E 135 -9.65 17.25 23.38
CA ALA E 135 -8.38 16.70 23.88
C ALA E 135 -7.88 15.58 22.98
N PRO E 136 -6.57 15.49 22.73
CA PRO E 136 -5.92 14.53 21.82
C PRO E 136 -6.28 13.07 22.12
N GLY E 144 1.86 8.63 15.17
CA GLY E 144 2.72 9.59 14.51
C GLY E 144 2.16 11.00 14.55
N THR E 145 0.88 11.13 14.20
CA THR E 145 0.19 12.40 14.13
C THR E 145 -1.04 12.37 15.05
N ALA E 146 -1.16 13.39 15.89
CA ALA E 146 -2.29 13.55 16.80
C ALA E 146 -3.13 14.77 16.41
N ALA E 147 -4.42 14.70 16.72
CA ALA E 147 -5.34 15.81 16.45
C ALA E 147 -5.91 16.33 17.77
N LEU E 148 -5.95 17.66 17.89
CA LEU E 148 -6.59 18.30 19.03
C LEU E 148 -7.22 19.61 18.56
N GLY E 149 -8.06 20.17 19.41
CA GLY E 149 -8.71 21.41 19.05
C GLY E 149 -9.55 21.97 20.17
N CYS E 150 -10.37 22.97 19.82
CA CYS E 150 -11.33 23.49 20.76
CA CYS E 150 -11.31 23.60 20.74
C CYS E 150 -12.67 23.69 20.06
N LEU E 151 -13.72 23.49 20.84
CA LEU E 151 -15.09 23.61 20.38
C LEU E 151 -15.63 24.93 20.93
N VAL E 152 -15.96 25.84 20.03
CA VAL E 152 -16.44 27.17 20.39
C VAL E 152 -17.96 27.14 20.24
N LYS E 153 -18.65 27.00 21.36
CA LYS E 153 -20.05 26.59 21.34
C LYS E 153 -20.98 27.72 21.78
N ASP E 154 -22.13 27.83 21.09
CA ASP E 154 -23.29 28.60 21.55
C ASP E 154 -23.02 30.10 21.62
N TYR E 155 -22.69 30.70 20.49
CA TYR E 155 -22.48 32.14 20.45
C TYR E 155 -23.38 32.78 19.41
N PHE E 156 -23.59 34.08 19.58
CA PHE E 156 -24.29 34.88 18.60
C PHE E 156 -23.83 36.32 18.76
N PRO E 157 -23.56 37.05 17.67
CA PRO E 157 -23.58 36.53 16.30
C PRO E 157 -22.22 35.99 15.87
N GLU E 158 -22.09 35.66 14.59
CA GLU E 158 -20.77 35.53 13.97
C GLU E 158 -20.09 36.90 13.96
N PRO E 159 -18.75 36.94 13.86
CA PRO E 159 -17.77 35.86 13.77
C PRO E 159 -17.00 35.63 15.07
N VAL E 160 -16.33 34.49 15.16
CA VAL E 160 -15.27 34.29 16.13
C VAL E 160 -14.00 34.04 15.36
N THR E 161 -12.87 34.48 15.93
CA THR E 161 -11.55 34.10 15.44
C THR E 161 -10.92 33.11 16.41
N VAL E 162 -10.18 32.16 15.87
CA VAL E 162 -9.41 31.22 16.67
C VAL E 162 -7.99 31.23 16.14
N SER E 163 -7.03 31.46 17.04
CA SER E 163 -5.63 31.27 16.76
C SER E 163 -5.09 30.23 17.74
N TRP E 164 -3.88 29.75 17.47
CA TRP E 164 -3.24 28.74 18.29
C TRP E 164 -1.88 29.27 18.74
N ASN E 165 -1.61 29.13 20.04
CA ASN E 165 -0.38 29.62 20.65
C ASN E 165 -0.07 31.05 20.19
N SER E 166 -1.09 31.91 20.27
CA SER E 166 -0.99 33.34 19.97
C SER E 166 -0.41 33.60 18.57
N GLY E 167 -0.80 32.75 17.62
CA GLY E 167 -0.33 32.88 16.25
C GLY E 167 0.93 32.10 15.92
N ALA E 168 1.62 31.54 16.91
CA ALA E 168 2.85 30.82 16.61
C ALA E 168 2.60 29.48 15.92
N LEU E 169 1.41 28.90 16.07
CA LEU E 169 1.06 27.62 15.47
C LEU E 169 0.02 27.84 14.37
N THR E 170 0.44 27.70 13.12
CA THR E 170 -0.45 27.80 11.97
C THR E 170 -0.45 26.59 11.06
N SER E 171 0.58 25.75 11.13
CA SER E 171 0.68 24.61 10.22
C SER E 171 -0.39 23.57 10.57
N GLY E 172 -1.16 23.15 9.57
CA GLY E 172 -2.15 22.11 9.77
C GLY E 172 -3.33 22.50 10.63
N VAL E 173 -3.62 23.80 10.74
CA VAL E 173 -4.80 24.28 11.44
C VAL E 173 -5.97 24.29 10.49
N HIS E 174 -7.13 23.90 10.99
CA HIS E 174 -8.40 24.00 10.26
C HIS E 174 -9.44 24.60 11.19
N THR E 175 -9.94 25.77 10.86
CA THR E 175 -11.05 26.36 11.58
C THR E 175 -12.28 26.32 10.69
N PHE E 176 -13.28 25.56 11.11
CA PHE E 176 -14.42 25.23 10.27
C PHE E 176 -15.44 26.36 10.25
N PRO E 177 -16.15 26.51 9.13
CA PRO E 177 -17.28 27.45 9.11
C PRO E 177 -18.24 27.13 10.26
N ALA E 178 -18.79 28.17 10.85
CA ALA E 178 -19.77 27.97 11.88
C ALA E 178 -21.04 27.36 11.29
N VAL E 179 -21.82 26.70 12.13
CA VAL E 179 -23.12 26.20 11.73
C VAL E 179 -24.16 26.76 12.69
N LEU E 180 -25.29 27.15 12.14
CA LEU E 180 -26.41 27.65 12.92
C LEU E 180 -27.15 26.47 13.51
N GLN E 181 -27.19 26.40 14.84
CA GLN E 181 -27.93 25.33 15.48
C GLN E 181 -29.40 25.71 15.50
N SER E 182 -30.24 24.69 15.75
CA SER E 182 -31.69 24.88 15.84
C SER E 182 -32.07 25.82 16.97
N SER E 183 -31.17 26.00 17.94
CA SER E 183 -31.39 26.92 19.04
C SER E 183 -31.22 28.37 18.63
N GLY E 184 -30.75 28.63 17.40
CA GLY E 184 -30.43 29.97 16.98
C GLY E 184 -29.00 30.41 17.30
N LEU E 185 -28.23 29.59 18.02
CA LEU E 185 -26.86 29.93 18.36
C LEU E 185 -25.89 29.24 17.40
N TYR E 186 -24.73 29.86 17.19
CA TYR E 186 -23.71 29.29 16.33
C TYR E 186 -22.77 28.39 17.12
N SER E 187 -21.93 27.66 16.39
CA SER E 187 -20.98 26.74 16.99
C SER E 187 -19.94 26.37 15.93
N LEU E 188 -18.67 26.36 16.33
CA LEU E 188 -17.64 25.93 15.40
C LEU E 188 -16.54 25.22 16.18
N SER E 189 -15.65 24.59 15.43
CA SER E 189 -14.50 23.92 16.01
C SER E 189 -13.26 24.31 15.22
N SER E 190 -12.14 24.37 15.93
CA SER E 190 -10.85 24.60 15.32
C SER E 190 -9.99 23.42 15.72
N VAL E 191 -9.34 22.81 14.74
CA VAL E 191 -8.52 21.63 14.98
C VAL E 191 -7.13 21.86 14.42
N VAL E 192 -6.16 21.17 14.98
CA VAL E 192 -4.79 21.19 14.50
C VAL E 192 -4.20 19.80 14.67
N THR E 193 -3.44 19.34 13.68
CA THR E 193 -2.73 18.07 13.78
C THR E 193 -1.25 18.35 14.06
N VAL E 194 -0.70 17.64 15.04
CA VAL E 194 0.65 17.85 15.53
C VAL E 194 1.31 16.50 15.76
N PRO E 195 2.63 16.43 15.96
CA PRO E 195 3.25 15.12 16.22
C PRO E 195 2.96 14.65 17.63
N SER E 196 2.62 13.36 17.75
CA SER E 196 2.35 12.78 19.07
C SER E 196 3.56 12.85 19.98
N SER E 197 4.77 12.97 19.41
CA SER E 197 5.95 13.23 20.21
C SER E 197 5.76 14.44 21.11
N SER E 198 5.13 15.50 20.58
CA SER E 198 5.12 16.80 21.22
C SER E 198 4.06 16.98 22.30
N LEU E 199 3.21 15.97 22.57
CA LEU E 199 2.09 16.21 23.47
C LEU E 199 2.53 16.35 24.93
N GLY E 200 3.51 15.56 25.37
CA GLY E 200 4.02 15.73 26.72
C GLY E 200 4.93 16.92 26.89
N THR E 201 5.42 17.49 25.80
CA THR E 201 6.42 18.54 25.84
C THR E 201 5.88 19.92 25.51
N GLN E 202 4.97 20.02 24.55
CA GLN E 202 4.58 21.29 23.95
C GLN E 202 3.23 21.73 24.49
N THR E 203 3.11 23.03 24.74
CA THR E 203 1.87 23.61 25.24
C THR E 203 1.01 24.04 24.07
N TYR E 204 -0.27 23.71 24.14
CA TYR E 204 -1.21 24.03 23.07
C TYR E 204 -2.37 24.83 23.65
N ILE E 205 -2.44 26.10 23.27
CA ILE E 205 -3.50 27.01 23.71
C ILE E 205 -4.20 27.55 22.47
N CYS E 206 -5.53 27.51 22.46
CA CYS E 206 -6.30 28.15 21.41
C CYS E 206 -6.83 29.47 21.93
N ASN E 207 -6.66 30.53 21.13
CA ASN E 207 -7.07 31.88 21.50
C ASN E 207 -8.36 32.18 20.74
N VAL E 208 -9.47 32.22 21.47
CA VAL E 208 -10.79 32.44 20.91
C VAL E 208 -11.17 33.89 21.20
N ASN E 209 -11.48 34.63 20.15
CA ASN E 209 -11.95 36.00 20.27
C ASN E 209 -13.35 36.08 19.69
N HIS E 210 -14.31 36.58 20.47
CA HIS E 210 -15.66 36.89 20.02
C HIS E 210 -15.88 38.38 20.26
N LYS E 211 -15.53 39.20 19.27
CA LYS E 211 -15.59 40.65 19.46
C LYS E 211 -16.98 41.17 19.83
N PRO E 212 -18.08 40.73 19.22
CA PRO E 212 -19.39 41.35 19.57
C PRO E 212 -19.74 41.26 21.04
N SER E 213 -19.32 40.20 21.73
CA SER E 213 -19.54 40.07 23.16
C SER E 213 -18.32 40.44 23.98
N ASN E 214 -17.26 40.93 23.33
CA ASN E 214 -15.98 41.23 23.98
C ASN E 214 -15.46 40.05 24.79
N THR E 215 -15.57 38.84 24.23
CA THR E 215 -15.11 37.63 24.88
C THR E 215 -13.77 37.23 24.30
N LYS E 216 -12.75 37.13 25.16
CA LYS E 216 -11.42 36.64 24.78
C LYS E 216 -11.06 35.54 25.75
N VAL E 217 -10.82 34.34 25.23
CA VAL E 217 -10.58 33.17 26.06
C VAL E 217 -9.41 32.39 25.48
N ASP E 218 -8.39 32.17 26.29
CA ASP E 218 -7.27 31.30 25.95
C ASP E 218 -7.49 29.95 26.64
N LYS E 219 -7.70 28.91 25.85
CA LYS E 219 -8.00 27.59 26.39
C LYS E 219 -6.81 26.67 26.18
N ARG E 220 -6.22 26.20 27.27
CA ARG E 220 -5.18 25.19 27.26
C ARG E 220 -5.79 23.83 26.98
N VAL E 221 -5.26 23.13 25.98
CA VAL E 221 -5.80 21.84 25.57
C VAL E 221 -4.77 20.77 25.89
N GLU E 222 -4.97 20.06 27.00
CA GLU E 222 -4.06 19.04 27.50
C GLU E 222 -4.59 17.66 27.17
N PRO E 223 -3.72 16.65 27.12
CA PRO E 223 -4.21 15.27 27.14
C PRO E 223 -4.81 14.93 28.49
N LYS E 224 -5.87 14.10 28.48
CA LYS E 224 -6.58 13.74 29.69
C LYS E 224 -6.16 12.35 30.18
N SER E 225 -6.25 12.15 31.50
CA SER E 225 -5.87 10.89 32.14
C SER E 225 -6.56 9.67 31.50
N GLN F 1 3.42 -8.63 39.63
CA GLN F 1 3.31 -9.22 38.30
C GLN F 1 2.35 -10.42 38.33
N VAL F 2 1.29 -10.32 37.53
CA VAL F 2 0.27 -11.36 37.48
C VAL F 2 0.88 -12.64 36.97
N GLN F 3 0.60 -13.75 37.66
CA GLN F 3 1.10 -15.06 37.26
C GLN F 3 -0.01 -16.10 37.40
N LEU F 4 -0.13 -16.96 36.39
CA LEU F 4 -1.12 -18.03 36.37
C LEU F 4 -0.45 -19.31 35.87
N VAL F 5 -0.40 -20.34 36.72
CA VAL F 5 0.29 -21.58 36.38
C VAL F 5 -0.71 -22.72 36.48
N GLU F 6 -1.08 -23.30 35.33
CA GLU F 6 -1.98 -24.44 35.28
C GLU F 6 -1.21 -25.74 35.48
N SER F 7 -1.92 -26.74 35.98
CA SER F 7 -1.31 -28.06 36.11
C SER F 7 -2.41 -29.11 36.11
N GLY F 8 -2.00 -30.36 35.90
CA GLY F 8 -2.92 -31.47 35.83
C GLY F 8 -2.99 -32.14 34.48
N GLY F 9 -2.34 -31.58 33.46
CA GLY F 9 -2.39 -32.16 32.12
C GLY F 9 -1.68 -33.49 32.02
N GLY F 10 -1.82 -34.09 30.86
CA GLY F 10 -1.18 -35.35 30.57
C GLY F 10 -2.12 -36.24 29.79
N SER F 11 -1.82 -37.53 29.82
CA SER F 11 -2.64 -38.51 29.14
C SER F 11 -3.81 -38.92 30.02
N VAL F 12 -4.97 -39.15 29.40
CA VAL F 12 -6.13 -39.70 30.07
C VAL F 12 -6.98 -40.45 29.04
N GLN F 13 -7.64 -41.50 29.48
CA GLN F 13 -8.37 -42.35 28.55
C GLN F 13 -9.81 -41.87 28.35
N PRO F 14 -10.34 -42.05 27.13
CA PRO F 14 -11.72 -41.66 26.85
C PRO F 14 -12.68 -42.25 27.88
N GLY F 15 -13.60 -41.39 28.37
CA GLY F 15 -14.55 -41.78 29.39
C GLY F 15 -14.11 -41.55 30.82
N ARG F 16 -12.82 -41.36 31.07
CA ARG F 16 -12.33 -41.16 32.43
C ARG F 16 -12.45 -39.70 32.84
N SER F 17 -11.98 -39.40 34.05
CA SER F 17 -12.04 -38.07 34.63
C SER F 17 -10.63 -37.47 34.71
N LEU F 18 -10.56 -36.14 34.78
CA LEU F 18 -9.29 -35.48 35.01
C LEU F 18 -9.56 -34.11 35.62
N ARG F 19 -8.81 -33.76 36.65
CA ARG F 19 -8.99 -32.52 37.39
C ARG F 19 -7.83 -31.59 37.08
N LEU F 20 -8.14 -30.41 36.57
CA LEU F 20 -7.15 -29.40 36.27
C LEU F 20 -7.11 -28.35 37.37
N SER F 21 -5.95 -27.73 37.54
CA SER F 21 -5.73 -26.75 38.60
C SER F 21 -4.96 -25.58 38.03
N CYS F 22 -5.14 -24.42 38.65
CA CYS F 22 -4.42 -23.20 38.27
C CYS F 22 -4.14 -22.39 39.52
N GLU F 23 -2.86 -22.08 39.77
CA GLU F 23 -2.46 -21.25 40.91
C GLU F 23 -2.19 -19.83 40.45
N ALA F 24 -2.73 -18.86 41.18
CA ALA F 24 -2.66 -17.45 40.79
C ALA F 24 -1.90 -16.65 41.82
N SER F 25 -1.12 -15.69 41.34
CA SER F 25 -0.43 -14.78 42.22
C SER F 25 -0.23 -13.46 41.49
N GLY F 26 0.10 -12.42 42.26
CA GLY F 26 0.31 -11.12 41.67
C GLY F 26 -0.92 -10.24 41.60
N PHE F 27 -2.04 -10.65 42.17
CA PHE F 27 -3.24 -9.83 42.15
C PHE F 27 -4.19 -10.34 43.22
N THR F 28 -5.14 -9.49 43.61
CA THR F 28 -6.16 -9.91 44.58
C THR F 28 -7.10 -10.91 43.94
N PHE F 29 -6.75 -12.21 44.05
CA PHE F 29 -7.50 -13.27 43.40
C PHE F 29 -8.99 -13.20 43.70
N GLU F 30 -9.36 -12.89 44.95
CA GLU F 30 -10.75 -12.96 45.39
C GLU F 30 -11.62 -11.83 44.83
N ALA F 31 -11.07 -10.91 44.03
CA ALA F 31 -11.86 -9.83 43.47
C ALA F 31 -12.21 -10.03 41.98
N TYR F 32 -11.77 -11.12 41.36
CA TYR F 32 -11.86 -11.26 39.91
C TYR F 32 -12.59 -12.53 39.50
N ALA F 33 -13.44 -12.41 38.49
CA ALA F 33 -13.94 -13.60 37.81
C ALA F 33 -12.79 -14.31 37.13
N MET F 34 -12.84 -15.63 37.13
CA MET F 34 -11.82 -16.46 36.49
C MET F 34 -12.49 -17.36 35.45
N HIS F 35 -11.70 -17.80 34.47
CA HIS F 35 -12.24 -18.49 33.32
C HIS F 35 -11.29 -19.59 32.89
N TRP F 36 -11.86 -20.59 32.20
CA TRP F 36 -11.10 -21.60 31.48
C TRP F 36 -11.40 -21.47 29.98
N VAL F 37 -10.34 -21.41 29.18
CA VAL F 37 -10.42 -21.45 27.72
C VAL F 37 -9.54 -22.61 27.25
N ARG F 38 -9.93 -23.26 26.15
CA ARG F 38 -9.16 -24.39 25.65
C ARG F 38 -8.91 -24.23 24.15
N GLN F 39 -7.90 -24.96 23.69
CA GLN F 39 -7.43 -24.86 22.30
C GLN F 39 -6.87 -26.21 21.90
N PRO F 40 -7.60 -27.00 21.13
CA PRO F 40 -7.02 -28.21 20.55
C PRO F 40 -5.77 -27.87 19.76
N PRO F 41 -4.72 -28.67 19.86
CA PRO F 41 -3.43 -28.26 19.26
C PRO F 41 -3.57 -28.02 17.77
N GLY F 42 -3.10 -26.86 17.31
CA GLY F 42 -3.21 -26.48 15.91
C GLY F 42 -4.53 -25.88 15.49
N LYS F 43 -5.52 -25.80 16.40
CA LYS F 43 -6.84 -25.27 16.06
C LYS F 43 -7.05 -23.95 16.80
N GLY F 44 -8.31 -23.50 16.84
CA GLY F 44 -8.65 -22.21 17.41
C GLY F 44 -9.03 -22.30 18.87
N LEU F 45 -9.60 -21.22 19.37
CA LEU F 45 -9.91 -21.09 20.78
C LEU F 45 -11.39 -21.34 21.04
N GLU F 46 -11.70 -21.86 22.22
CA GLU F 46 -13.08 -22.14 22.61
C GLU F 46 -13.26 -21.87 24.09
N TRP F 47 -14.16 -20.96 24.43
CA TRP F 47 -14.48 -20.70 25.84
C TRP F 47 -15.07 -21.95 26.49
N VAL F 48 -14.62 -22.25 27.70
CA VAL F 48 -15.03 -23.45 28.43
C VAL F 48 -15.98 -23.14 29.59
N SER F 49 -15.56 -22.28 30.52
CA SER F 49 -16.27 -22.08 31.77
C SER F 49 -15.86 -20.77 32.42
N SER F 50 -16.76 -20.24 33.24
CA SER F 50 -16.54 -19.00 33.96
C SER F 50 -17.10 -19.12 35.37
N ILE F 51 -16.46 -18.41 36.32
CA ILE F 51 -16.93 -18.36 37.70
C ILE F 51 -16.56 -16.99 38.27
N ASN F 52 -17.52 -16.33 38.90
CA ASN F 52 -17.28 -14.99 39.41
C ASN F 52 -16.61 -15.06 40.78
N TRP F 53 -16.31 -13.89 41.35
CA TRP F 53 -15.42 -13.80 42.50
C TRP F 53 -15.89 -14.63 43.69
N ASN F 54 -17.20 -14.69 43.93
CA ASN F 54 -17.73 -15.39 45.09
C ASN F 54 -18.43 -16.70 44.73
N SER F 55 -18.08 -17.29 43.58
CA SER F 55 -18.67 -18.54 43.11
C SER F 55 -20.18 -18.47 42.95
N GLY F 56 -20.77 -17.27 42.96
CA GLY F 56 -22.22 -17.16 42.86
C GLY F 56 -22.77 -17.23 41.46
N ARG F 57 -21.95 -17.02 40.44
CA ARG F 57 -22.38 -17.11 39.05
C ARG F 57 -21.41 -17.97 38.27
N ILE F 58 -21.90 -19.11 37.79
CA ILE F 58 -21.12 -20.08 37.04
C ILE F 58 -21.77 -20.27 35.69
N ALA F 59 -20.95 -20.36 34.64
CA ALA F 59 -21.43 -20.57 33.29
C ALA F 59 -20.55 -21.59 32.58
N TYR F 60 -21.14 -22.28 31.60
CA TYR F 60 -20.49 -23.36 30.86
C TYR F 60 -20.85 -23.30 29.39
N ALA F 61 -19.90 -23.65 28.53
CA ALA F 61 -20.24 -23.86 27.13
C ALA F 61 -21.06 -25.13 26.99
N ASP F 62 -21.99 -25.11 26.03
CA ASP F 62 -22.87 -26.26 25.81
C ASP F 62 -22.08 -27.55 25.60
N SER F 63 -20.91 -27.45 24.95
CA SER F 63 -20.11 -28.63 24.68
C SER F 63 -19.61 -29.33 25.93
N VAL F 64 -19.64 -28.69 27.11
CA VAL F 64 -19.10 -29.30 28.32
C VAL F 64 -20.12 -29.26 29.45
N LYS F 65 -21.25 -28.59 29.23
CA LYS F 65 -22.27 -28.52 30.28
C LYS F 65 -22.77 -29.92 30.60
N GLY F 66 -22.84 -30.24 31.89
CA GLY F 66 -23.19 -31.58 32.35
C GLY F 66 -22.00 -32.48 32.65
N ARG F 67 -20.83 -32.21 32.09
CA ARG F 67 -19.65 -33.04 32.29
C ARG F 67 -18.53 -32.35 33.07
N PHE F 68 -18.37 -31.03 32.92
CA PHE F 68 -17.32 -30.29 33.59
C PHE F 68 -17.89 -29.53 34.79
N THR F 69 -17.02 -29.27 35.77
CA THR F 69 -17.39 -28.48 36.95
C THR F 69 -16.25 -27.54 37.28
N ILE F 70 -16.54 -26.24 37.29
CA ILE F 70 -15.58 -25.22 37.69
C ILE F 70 -15.80 -24.90 39.17
N SER F 71 -14.70 -24.56 39.85
CA SER F 71 -14.73 -24.14 41.23
C SER F 71 -13.47 -23.33 41.51
N ARG F 72 -13.49 -22.63 42.64
CA ARG F 72 -12.34 -21.82 43.03
C ARG F 72 -12.21 -21.88 44.53
N ASP F 73 -11.00 -21.59 45.01
CA ASP F 73 -10.71 -21.52 46.44
C ASP F 73 -9.99 -20.20 46.65
N ASN F 74 -10.73 -19.18 47.08
CA ASN F 74 -10.13 -17.86 47.26
C ASN F 74 -9.04 -17.86 48.32
N ALA F 75 -9.13 -18.73 49.32
CA ALA F 75 -8.11 -18.79 50.36
C ALA F 75 -6.80 -19.39 49.86
N ARG F 76 -6.83 -20.16 48.77
CA ARG F 76 -5.62 -20.71 48.17
C ARG F 76 -5.32 -20.13 46.80
N ASN F 77 -5.98 -19.03 46.41
CA ASN F 77 -5.81 -18.40 45.11
C ASN F 77 -5.73 -19.44 44.00
N SER F 78 -6.63 -20.41 44.02
CA SER F 78 -6.62 -21.46 43.01
C SER F 78 -7.96 -21.55 42.31
N LEU F 79 -7.91 -22.01 41.07
CA LEU F 79 -9.05 -22.25 40.22
C LEU F 79 -8.98 -23.70 39.78
N TYR F 80 -10.14 -24.37 39.70
CA TYR F 80 -10.17 -25.78 39.35
C TYR F 80 -11.18 -26.05 38.22
N LEU F 81 -10.92 -27.12 37.47
CA LEU F 81 -11.86 -27.63 36.47
C LEU F 81 -11.89 -29.14 36.58
N GLN F 82 -12.99 -29.68 37.10
CA GLN F 82 -13.20 -31.12 37.17
C GLN F 82 -13.86 -31.57 35.86
N MET F 83 -13.17 -32.42 35.11
CA MET F 83 -13.63 -32.85 33.79
C MET F 83 -13.99 -34.33 33.85
N ASN F 84 -15.26 -34.65 33.55
CA ASN F 84 -15.75 -36.03 33.53
C ASN F 84 -16.10 -36.44 32.11
N SER F 85 -16.17 -37.76 31.91
CA SER F 85 -16.60 -38.35 30.65
C SER F 85 -15.82 -37.76 29.47
N LEU F 86 -14.50 -37.77 29.57
CA LEU F 86 -13.69 -37.09 28.56
C LEU F 86 -13.75 -37.84 27.24
N ARG F 87 -13.65 -37.06 26.15
CA ARG F 87 -13.69 -37.58 24.79
C ARG F 87 -12.47 -37.05 24.04
N LEU F 88 -12.16 -37.68 22.90
CA LEU F 88 -10.97 -37.25 22.15
C LEU F 88 -11.05 -35.79 21.73
N GLU F 89 -12.26 -35.28 21.52
CA GLU F 89 -12.39 -33.89 21.10
C GLU F 89 -12.15 -32.92 22.26
N ASP F 90 -12.00 -33.42 23.50
CA ASP F 90 -11.59 -32.59 24.63
C ASP F 90 -10.08 -32.42 24.71
N THR F 91 -9.33 -33.06 23.81
CA THR F 91 -7.89 -32.86 23.74
C THR F 91 -7.59 -31.43 23.38
N ALA F 92 -6.85 -30.74 24.25
CA ALA F 92 -6.64 -29.31 24.11
C ALA F 92 -5.65 -28.84 25.16
N PHE F 93 -5.01 -27.72 24.84
CA PHE F 93 -4.42 -26.88 25.88
C PHE F 93 -5.54 -26.20 26.66
N TYR F 94 -5.50 -26.30 27.98
CA TYR F 94 -6.48 -25.62 28.82
C TYR F 94 -5.80 -24.43 29.47
N TYR F 95 -6.37 -23.25 29.27
CA TYR F 95 -5.80 -21.99 29.74
C TYR F 95 -6.61 -21.44 30.90
N CYS F 96 -5.89 -20.96 31.90
CA CYS F 96 -6.46 -20.23 33.01
C CYS F 96 -6.41 -18.75 32.66
N ALA F 97 -7.52 -18.04 32.84
CA ALA F 97 -7.61 -16.63 32.49
C ALA F 97 -8.26 -15.82 33.60
N LYS F 98 -7.65 -14.68 33.91
CA LYS F 98 -8.17 -13.72 34.87
C LYS F 98 -8.96 -12.64 34.14
N ASP F 99 -10.08 -12.23 34.71
CA ASP F 99 -10.88 -11.17 34.09
C ASP F 99 -10.19 -9.80 34.21
N ILE F 100 -10.54 -8.91 33.28
CA ILE F 100 -10.21 -7.48 33.45
C ILE F 100 -10.96 -6.92 34.64
N ARG F 101 -12.26 -7.21 34.72
CA ARG F 101 -13.18 -6.52 35.62
C ARG F 101 -13.06 -7.06 37.05
N ARG F 102 -13.42 -6.21 38.01
CA ARG F 102 -13.54 -6.61 39.40
C ARG F 102 -15.01 -6.78 39.79
N PHE F 103 -15.27 -7.80 40.61
CA PHE F 103 -16.61 -8.07 41.15
C PHE F 103 -17.69 -8.10 40.06
N SER F 104 -17.35 -8.61 38.88
CA SER F 104 -18.35 -8.76 37.84
C SER F 104 -19.17 -10.03 38.04
N THR F 105 -20.24 -10.15 37.26
CA THR F 105 -21.18 -11.25 37.42
C THR F 105 -21.20 -12.17 36.21
N GLY F 106 -21.43 -11.65 35.01
CA GLY F 106 -21.47 -12.46 33.81
C GLY F 106 -20.55 -11.92 32.74
N GLY F 107 -20.57 -12.51 31.55
CA GLY F 107 -19.64 -12.10 30.53
C GLY F 107 -18.24 -12.63 30.82
N ALA F 108 -17.30 -12.24 29.97
CA ALA F 108 -15.93 -12.68 30.12
C ALA F 108 -15.00 -11.73 29.37
N GLU F 109 -13.96 -11.27 30.05
CA GLU F 109 -12.87 -10.48 29.44
C GLU F 109 -11.54 -11.05 29.90
N PHE F 110 -10.85 -11.77 29.01
CA PHE F 110 -9.63 -12.52 29.34
C PHE F 110 -8.41 -11.62 29.33
N GLU F 111 -8.09 -11.06 30.51
CA GLU F 111 -7.01 -10.07 30.60
C GLU F 111 -5.63 -10.73 30.58
N TYR F 112 -5.45 -11.76 31.39
CA TYR F 112 -4.17 -12.43 31.43
C TYR F 112 -4.43 -13.93 31.43
N TRP F 113 -3.60 -14.66 30.69
CA TRP F 113 -3.73 -16.10 30.51
C TRP F 113 -2.49 -16.80 31.05
N GLY F 114 -2.69 -17.93 31.70
CA GLY F 114 -1.58 -18.81 31.98
C GLY F 114 -1.11 -19.50 30.72
N GLN F 115 0.08 -20.10 30.79
CA GLN F 115 0.62 -20.73 29.59
C GLN F 115 -0.07 -22.04 29.23
N GLY F 116 -0.86 -22.61 30.12
CA GLY F 116 -1.72 -23.70 29.69
C GLY F 116 -1.12 -25.07 29.98
N THR F 117 -2.00 -26.04 30.16
CA THR F 117 -1.61 -27.44 30.38
C THR F 117 -2.31 -28.28 29.32
N LEU F 118 -1.56 -29.20 28.69
CA LEU F 118 -2.08 -29.98 27.58
C LEU F 118 -2.72 -31.26 28.13
N VAL F 119 -4.03 -31.38 27.94
CA VAL F 119 -4.76 -32.61 28.23
C VAL F 119 -4.88 -33.42 26.94
N THR F 120 -4.33 -34.63 26.92
CA THR F 120 -4.42 -35.52 25.76
C THR F 120 -5.35 -36.68 26.12
N VAL F 121 -6.57 -36.63 25.61
CA VAL F 121 -7.50 -37.76 25.74
C VAL F 121 -7.15 -38.78 24.67
N SER F 122 -6.76 -39.97 25.09
CA SER F 122 -6.29 -40.96 24.13
C SER F 122 -6.36 -42.35 24.77
N SER F 123 -6.44 -43.36 23.91
CA SER F 123 -6.35 -44.74 24.39
C SER F 123 -4.92 -45.22 24.52
N ALA F 124 -3.94 -44.49 23.99
CA ALA F 124 -2.55 -44.91 24.06
C ALA F 124 -1.97 -44.70 25.45
N SER F 125 -0.89 -45.41 25.71
CA SER F 125 -0.23 -45.40 27.01
C SER F 125 0.87 -44.35 27.05
N THR F 126 1.12 -43.82 28.24
CA THR F 126 2.20 -42.87 28.45
C THR F 126 3.54 -43.59 28.34
N LYS F 127 4.50 -42.95 27.65
CA LYS F 127 5.83 -43.51 27.47
C LYS F 127 6.82 -42.36 27.41
N GLY F 128 7.94 -42.51 28.14
CA GLY F 128 8.99 -41.52 28.14
C GLY F 128 9.89 -41.61 26.92
N PRO F 129 10.53 -40.50 26.57
CA PRO F 129 11.32 -40.45 25.34
C PRO F 129 12.71 -41.04 25.51
N SER F 130 13.31 -41.41 24.39
CA SER F 130 14.72 -41.74 24.32
C SER F 130 15.46 -40.56 23.69
N VAL F 131 16.47 -40.05 24.39
CA VAL F 131 17.23 -38.90 23.91
C VAL F 131 18.52 -39.40 23.31
N PHE F 132 18.71 -39.14 22.02
CA PHE F 132 19.89 -39.47 21.25
C PHE F 132 20.57 -38.19 20.79
N PRO F 133 21.90 -38.18 20.71
CA PRO F 133 22.62 -36.98 20.26
C PRO F 133 22.73 -36.93 18.75
N LEU F 134 22.64 -35.72 18.22
CA LEU F 134 22.94 -35.42 16.83
C LEU F 134 24.29 -34.69 16.84
N ALA F 135 25.37 -35.46 16.69
CA ALA F 135 26.71 -34.93 16.91
C ALA F 135 27.15 -33.99 15.77
N PRO F 136 28.03 -33.03 16.07
CA PRO F 136 28.50 -32.10 15.02
C PRO F 136 29.26 -32.80 13.90
N SER F 137 29.00 -32.36 12.66
CA SER F 137 29.53 -32.93 11.42
C SER F 137 31.02 -32.70 11.18
N SER F 138 31.33 -32.29 9.94
CA SER F 138 32.56 -31.64 9.54
C SER F 138 32.09 -30.62 8.50
N LYS F 139 31.47 -29.55 8.99
CA LYS F 139 30.86 -28.52 8.14
C LYS F 139 31.53 -27.16 8.31
N GLY F 144 31.84 -22.05 8.26
CA GLY F 144 32.56 -21.87 9.51
C GLY F 144 31.70 -22.02 10.76
N THR F 145 30.45 -22.45 10.56
CA THR F 145 29.50 -22.65 11.65
C THR F 145 28.97 -24.08 11.61
N ALA F 146 28.80 -24.68 12.80
CA ALA F 146 28.42 -26.07 12.95
C ALA F 146 27.02 -26.20 13.55
N ALA F 147 26.37 -27.33 13.27
CA ALA F 147 25.03 -27.61 13.75
C ALA F 147 25.02 -28.89 14.57
N LEU F 148 24.44 -28.84 15.76
CA LEU F 148 24.31 -29.99 16.64
C LEU F 148 22.94 -29.96 17.30
N GLY F 149 22.58 -31.07 17.94
CA GLY F 149 21.30 -31.14 18.64
C GLY F 149 21.05 -32.49 19.26
N CYS F 150 19.80 -32.69 19.72
CA CYS F 150 19.40 -34.00 20.22
CA CYS F 150 19.33 -33.95 20.31
C CYS F 150 18.06 -34.41 19.61
N LEU F 151 17.90 -35.72 19.48
CA LEU F 151 16.71 -36.33 18.88
C LEU F 151 15.89 -36.93 20.02
N VAL F 152 14.69 -36.39 20.24
CA VAL F 152 13.81 -36.81 21.33
C VAL F 152 12.74 -37.70 20.70
N LYS F 153 12.89 -39.01 20.82
CA LYS F 153 12.16 -39.96 20.00
C LYS F 153 11.26 -40.86 20.85
N ASP F 154 10.10 -41.20 20.28
CA ASP F 154 9.24 -42.29 20.76
C ASP F 154 8.68 -42.01 22.15
N TYR F 155 7.92 -40.92 22.26
CA TYR F 155 7.27 -40.59 23.52
C TYR F 155 5.79 -40.30 23.31
N PHE F 156 5.03 -40.40 24.41
CA PHE F 156 3.62 -40.09 24.41
C PHE F 156 3.20 -39.76 25.85
N PRO F 157 2.37 -38.74 26.07
CA PRO F 157 1.85 -37.79 25.08
C PRO F 157 2.75 -36.58 24.96
N GLU F 158 2.32 -35.59 24.19
CA GLU F 158 2.93 -34.27 24.24
C GLU F 158 2.63 -33.63 25.59
N PRO F 159 3.45 -32.66 26.03
CA PRO F 159 4.63 -32.09 25.35
C PRO F 159 5.95 -32.50 25.99
N VAL F 160 7.04 -32.28 25.25
CA VAL F 160 8.38 -32.25 25.84
C VAL F 160 8.88 -30.81 25.75
N THR F 161 9.71 -30.42 26.71
CA THR F 161 10.44 -29.17 26.64
C THR F 161 11.93 -29.48 26.54
N VAL F 162 12.64 -28.67 25.75
CA VAL F 162 14.08 -28.84 25.56
C VAL F 162 14.76 -27.50 25.78
N SER F 163 15.71 -27.46 26.70
CA SER F 163 16.61 -26.33 26.83
C SER F 163 18.03 -26.79 26.57
N TRP F 164 18.95 -25.83 26.50
CA TRP F 164 20.36 -26.09 26.21
C TRP F 164 21.21 -25.43 27.27
N ASN F 165 22.09 -26.22 27.89
CA ASN F 165 22.94 -25.77 29.01
C ASN F 165 22.10 -25.13 30.13
N SER F 166 21.02 -25.81 30.50
CA SER F 166 20.08 -25.35 31.53
C SER F 166 19.51 -23.97 31.23
N GLY F 167 19.31 -23.64 29.96
CA GLY F 167 18.76 -22.36 29.58
C GLY F 167 19.77 -21.28 29.30
N ALA F 168 21.08 -21.60 29.38
CA ALA F 168 22.11 -20.62 29.05
C ALA F 168 22.18 -20.36 27.55
N LEU F 169 22.32 -21.43 26.75
CA LEU F 169 22.38 -21.30 25.30
C LEU F 169 20.96 -21.19 24.75
N THR F 170 20.62 -20.01 24.23
CA THR F 170 19.30 -19.74 23.66
C THR F 170 19.35 -19.27 22.21
N SER F 171 20.47 -18.72 21.74
CA SER F 171 20.55 -18.19 20.39
C SER F 171 20.71 -19.31 19.37
N GLY F 172 20.00 -19.18 18.24
CA GLY F 172 20.12 -20.16 17.19
C GLY F 172 19.54 -21.52 17.52
N VAL F 173 18.73 -21.60 18.57
CA VAL F 173 18.12 -22.86 18.99
C VAL F 173 16.80 -23.03 18.25
N HIS F 174 16.65 -24.17 17.57
CA HIS F 174 15.40 -24.54 16.93
C HIS F 174 14.92 -25.85 17.52
N THR F 175 13.75 -25.82 18.17
CA THR F 175 13.08 -27.03 18.64
C THR F 175 11.86 -27.23 17.76
N PHE F 176 11.89 -28.27 16.94
CA PHE F 176 10.87 -28.47 15.95
C PHE F 176 9.58 -28.98 16.59
N PRO F 177 8.42 -28.61 16.06
CA PRO F 177 7.16 -29.19 16.55
C PRO F 177 7.19 -30.70 16.43
N ALA F 178 6.64 -31.38 17.43
CA ALA F 178 6.63 -32.84 17.41
C ALA F 178 5.75 -33.34 16.30
N VAL F 179 6.08 -34.50 15.75
CA VAL F 179 5.24 -35.14 14.75
C VAL F 179 4.89 -36.53 15.24
N LEU F 180 3.61 -36.89 15.09
CA LEU F 180 3.15 -38.21 15.43
C LEU F 180 3.65 -39.19 14.37
N GLN F 181 4.40 -40.19 14.80
CA GLN F 181 4.82 -41.21 13.87
C GLN F 181 3.68 -42.20 13.68
N SER F 182 3.78 -43.02 12.63
CA SER F 182 2.73 -44.00 12.41
C SER F 182 2.67 -45.05 13.51
N SER F 183 3.68 -45.08 14.39
CA SER F 183 3.70 -45.97 15.53
C SER F 183 2.73 -45.52 16.62
N GLY F 184 2.23 -44.29 16.56
CA GLY F 184 1.45 -43.72 17.62
C GLY F 184 2.24 -42.95 18.65
N LEU F 185 3.56 -42.82 18.47
CA LEU F 185 4.42 -42.11 19.39
C LEU F 185 4.98 -40.86 18.70
N TYR F 186 5.22 -39.81 19.48
CA TYR F 186 5.73 -38.56 18.94
C TYR F 186 7.24 -38.60 18.82
N SER F 187 7.78 -37.64 18.07
CA SER F 187 9.22 -37.52 17.91
C SER F 187 9.57 -36.11 17.45
N LEU F 188 10.67 -35.57 17.97
CA LEU F 188 11.17 -34.27 17.49
C LEU F 188 12.67 -34.17 17.66
N SER F 189 13.26 -33.23 16.94
CA SER F 189 14.64 -32.85 17.10
C SER F 189 14.73 -31.40 17.58
N SER F 190 15.75 -31.14 18.39
CA SER F 190 16.08 -29.79 18.81
C SER F 190 17.53 -29.56 18.40
N VAL F 191 17.77 -28.51 17.60
CA VAL F 191 19.07 -28.25 17.02
C VAL F 191 19.52 -26.86 17.41
N VAL F 192 20.83 -26.62 17.34
CA VAL F 192 21.39 -25.31 17.63
C VAL F 192 22.69 -25.13 16.85
N THR F 193 22.87 -23.94 16.29
CA THR F 193 24.07 -23.58 15.55
C THR F 193 25.02 -22.82 16.46
N VAL F 194 26.28 -23.24 16.46
CA VAL F 194 27.32 -22.59 17.26
C VAL F 194 28.58 -22.44 16.41
N PRO F 195 29.48 -21.56 16.83
CA PRO F 195 30.77 -21.45 16.13
C PRO F 195 31.59 -22.73 16.29
N SER F 196 32.10 -23.24 15.16
CA SER F 196 32.95 -24.44 15.20
C SER F 196 34.19 -24.23 16.06
N SER F 197 34.56 -22.96 16.30
CA SER F 197 35.67 -22.67 17.19
C SER F 197 35.47 -23.30 18.56
N SER F 198 34.23 -23.31 19.06
CA SER F 198 33.95 -23.66 20.45
C SER F 198 33.71 -25.15 20.67
N LEU F 199 33.83 -25.99 19.64
CA LEU F 199 33.40 -27.39 19.78
C LEU F 199 34.27 -28.15 20.77
N GLY F 200 35.59 -27.96 20.72
CA GLY F 200 36.45 -28.65 21.66
C GLY F 200 36.55 -28.00 23.02
N THR F 201 35.99 -26.80 23.19
CA THR F 201 36.16 -26.04 24.41
C THR F 201 34.86 -25.72 25.13
N GLN F 202 33.71 -26.04 24.54
CA GLN F 202 32.41 -25.72 25.13
C GLN F 202 31.57 -26.98 25.28
N THR F 203 30.95 -27.12 26.45
CA THR F 203 30.09 -28.25 26.76
C THR F 203 28.65 -27.91 26.37
N TYR F 204 28.05 -28.74 25.53
CA TYR F 204 26.66 -28.59 25.11
C TYR F 204 25.86 -29.78 25.62
N ILE F 205 24.98 -29.53 26.60
CA ILE F 205 24.03 -30.53 27.07
C ILE F 205 22.63 -30.01 26.79
N CYS F 206 21.77 -30.89 26.30
CA CYS F 206 20.37 -30.55 26.09
C CYS F 206 19.56 -31.16 27.22
N ASN F 207 18.68 -30.34 27.81
CA ASN F 207 17.88 -30.75 28.95
C ASN F 207 16.47 -31.04 28.45
N VAL F 208 16.08 -32.31 28.51
CA VAL F 208 14.79 -32.76 28.03
C VAL F 208 13.90 -33.04 29.23
N ASN F 209 12.73 -32.43 29.23
CA ASN F 209 11.73 -32.70 30.25
C ASN F 209 10.51 -33.30 29.58
N HIS F 210 10.02 -34.40 30.14
CA HIS F 210 8.74 -34.99 29.74
C HIS F 210 7.99 -35.22 31.04
N LYS F 211 7.24 -34.22 31.48
CA LYS F 211 6.48 -34.32 32.72
C LYS F 211 5.43 -35.43 32.75
N PRO F 212 4.72 -35.78 31.67
CA PRO F 212 3.71 -36.85 31.79
C PRO F 212 4.27 -38.16 32.28
N SER F 213 5.51 -38.49 31.93
CA SER F 213 6.19 -39.67 32.44
C SER F 213 7.24 -39.33 33.48
N ASN F 214 7.28 -38.07 33.93
CA ASN F 214 8.22 -37.61 34.95
C ASN F 214 9.67 -37.94 34.56
N THR F 215 10.00 -37.73 33.28
CA THR F 215 11.33 -38.01 32.77
C THR F 215 12.09 -36.71 32.56
N LYS F 216 13.31 -36.64 33.12
CA LYS F 216 14.22 -35.51 32.97
C LYS F 216 15.58 -36.06 32.55
N VAL F 217 16.09 -35.58 31.43
CA VAL F 217 17.31 -36.12 30.83
C VAL F 217 18.23 -34.97 30.44
N ASP F 218 19.45 -34.96 31.00
CA ASP F 218 20.52 -34.08 30.57
C ASP F 218 21.44 -34.88 29.67
N LYS F 219 21.45 -34.57 28.38
CA LYS F 219 22.17 -35.36 27.39
C LYS F 219 23.35 -34.56 26.86
N ARG F 220 24.56 -34.99 27.22
CA ARG F 220 25.77 -34.37 26.70
C ARG F 220 25.93 -34.73 25.23
N VAL F 221 26.27 -33.74 24.41
CA VAL F 221 26.43 -33.92 22.97
C VAL F 221 27.86 -33.52 22.61
N GLU F 222 28.61 -34.50 22.09
CA GLU F 222 30.03 -34.35 21.81
C GLU F 222 30.33 -34.65 20.34
N PRO F 223 31.34 -34.00 19.77
CA PRO F 223 31.64 -34.21 18.34
C PRO F 223 32.12 -35.63 18.06
N LYS F 224 32.13 -35.96 16.77
CA LYS F 224 32.54 -37.27 16.30
C LYS F 224 34.06 -37.42 16.37
N SER F 225 34.53 -38.66 16.47
CA SER F 225 35.96 -38.95 16.45
C SER F 225 36.35 -39.76 15.21
#